data_6ZZS
#
_entry.id   6ZZS
#
_cell.length_a   64.090
_cell.length_b   109.230
_cell.length_c   387.460
_cell.angle_alpha   90.000
_cell.angle_beta   90.000
_cell.angle_gamma   90.000
#
_symmetry.space_group_name_H-M   'I 21 21 21'
#
loop_
_entity.id
_entity.type
_entity.pdbx_description
1 polymer '3-hydroxybutyrate dehydrogenase'
2 non-polymer NICOTINAMIDE-ADENINE-DINUCLEOTIDE
3 non-polymer '3-oxidanylidenepentanoic acid'
4 water water
#
_entity_poly.entity_id   1
_entity_poly.type   'polypeptide(L)'
_entity_poly.pdbx_seq_one_letter_code
;MTKLLDGKVAFITGSASGIGLEIAKKFAQEGAKVVISDMNAEKCQETANSLKEQGFDALSAPCDVTDEDAYKQAIELTQK
TFGTVDILINNAGFQHVAPIEEFPTAVFQKLVQVMLTGAFIGIKHVLPIMKAQKYGRIINMASINGLIGFAGKAGYNSAK
HGVIGLTKVAALECARDGITVNALCPGYVDTPLVRGQIADLAKTRNVSLDSALEDVILAMVPQKRLLSVEEIADYAIFLA
SSKAGGVTGQAVVMDGGYTAQ
;
_entity_poly.pdbx_strand_id   A,B,C,D,E,F
#
loop_
_chem_comp.id
_chem_comp.type
_chem_comp.name
_chem_comp.formula
NAD non-polymer NICOTINAMIDE-ADENINE-DINUCLEOTIDE 'C21 H27 N7 O14 P2'
QT8 non-polymer '3-oxidanylidenepentanoic acid' 'C5 H8 O3'
#
# COMPACT_ATOMS: atom_id res chain seq x y z
N THR A 2 -22.63 -11.00 32.56
CA THR A 2 -22.80 -11.47 31.14
C THR A 2 -22.26 -12.91 31.04
N LYS A 3 -23.10 -13.82 30.55
CA LYS A 3 -22.76 -15.23 30.27
C LYS A 3 -22.73 -15.40 28.74
N LEU A 4 -21.53 -15.29 28.15
CA LEU A 4 -21.30 -15.21 26.68
C LEU A 4 -21.64 -16.54 26.00
N LEU A 5 -21.53 -17.66 26.73
CA LEU A 5 -21.79 -19.02 26.21
C LEU A 5 -22.91 -19.70 26.99
N ASP A 6 -23.90 -18.91 27.42
CA ASP A 6 -25.01 -19.33 28.32
C ASP A 6 -25.63 -20.65 27.83
N GLY A 7 -25.42 -21.72 28.60
CA GLY A 7 -26.02 -23.05 28.36
C GLY A 7 -25.53 -23.71 27.09
N LYS A 8 -24.48 -23.20 26.45
CA LYS A 8 -23.91 -23.81 25.22
C LYS A 8 -23.09 -25.04 25.65
N VAL A 9 -23.17 -26.13 24.90
CA VAL A 9 -22.48 -27.41 25.27
C VAL A 9 -21.13 -27.50 24.54
N ALA A 10 -20.04 -27.43 25.29
CA ALA A 10 -18.68 -27.43 24.75
C ALA A 10 -17.99 -28.75 25.10
N PHE A 11 -17.45 -29.41 24.09
CA PHE A 11 -16.62 -30.62 24.21
C PHE A 11 -15.17 -30.21 23.95
N ILE A 12 -14.28 -30.37 24.93
CA ILE A 12 -12.89 -29.87 24.87
C ILE A 12 -11.97 -31.09 25.03
N THR A 13 -11.25 -31.44 23.97
CA THR A 13 -10.24 -32.52 24.04
C THR A 13 -9.00 -31.97 24.74
N GLY A 14 -8.25 -32.84 25.38
CA GLY A 14 -7.07 -32.49 26.19
C GLY A 14 -7.35 -31.48 27.29
N SER A 15 -8.51 -31.53 27.93
CA SER A 15 -8.97 -30.49 28.88
C SER A 15 -8.55 -30.80 30.32
N ALA A 16 -7.76 -31.86 30.55
CA ALA A 16 -7.30 -32.24 31.90
C ALA A 16 -6.11 -31.39 32.33
N SER A 17 -5.42 -30.71 31.40
CA SER A 17 -4.28 -29.81 31.71
C SER A 17 -4.24 -28.58 30.78
N GLY A 18 -3.43 -27.61 31.19
CA GLY A 18 -2.99 -26.42 30.43
C GLY A 18 -4.13 -25.69 29.74
N ILE A 19 -3.96 -25.46 28.45
CA ILE A 19 -4.84 -24.54 27.67
C ILE A 19 -6.28 -25.08 27.74
N GLY A 20 -6.44 -26.40 27.60
CA GLY A 20 -7.76 -27.07 27.52
C GLY A 20 -8.51 -26.95 28.83
N LEU A 21 -7.80 -27.16 29.93
CA LEU A 21 -8.34 -27.02 31.30
C LEU A 21 -8.78 -25.57 31.53
N GLU A 22 -7.96 -24.60 31.15
CA GLU A 22 -8.32 -23.15 31.31
C GLU A 22 -9.55 -22.84 30.44
N ILE A 23 -9.58 -23.32 29.19
CA ILE A 23 -10.76 -23.11 28.30
C ILE A 23 -11.99 -23.62 29.02
N ALA A 24 -11.92 -24.85 29.56
CA ALA A 24 -13.08 -25.50 30.21
C ALA A 24 -13.54 -24.67 31.41
N LYS A 25 -12.61 -24.21 32.26
CA LYS A 25 -12.94 -23.37 33.45
C LYS A 25 -13.60 -22.06 33.01
N LYS A 26 -12.98 -21.38 32.04
CA LYS A 26 -13.41 -20.06 31.52
C LYS A 26 -14.77 -20.19 30.80
N PHE A 27 -14.95 -21.23 29.98
CA PHE A 27 -16.23 -21.55 29.29
C PHE A 27 -17.34 -21.81 30.32
N ALA A 28 -17.07 -22.57 31.38
CA ALA A 28 -18.08 -22.86 32.43
C ALA A 28 -18.51 -21.53 33.06
N GLN A 29 -17.55 -20.64 33.37
CA GLN A 29 -17.79 -19.31 34.00
C GLN A 29 -18.61 -18.45 33.04
N GLU A 30 -18.49 -18.69 31.74
CA GLU A 30 -19.31 -18.03 30.69
C GLU A 30 -20.66 -18.72 30.55
N GLY A 31 -20.92 -19.77 31.32
CA GLY A 31 -22.24 -20.44 31.35
C GLY A 31 -22.32 -21.65 30.42
N ALA A 32 -21.21 -22.10 29.83
CA ALA A 32 -21.17 -23.32 28.99
C ALA A 32 -21.34 -24.56 29.88
N LYS A 33 -22.03 -25.58 29.37
CA LYS A 33 -21.96 -26.97 29.90
C LYS A 33 -20.73 -27.66 29.28
N VAL A 34 -19.70 -27.96 30.08
CA VAL A 34 -18.38 -28.38 29.52
C VAL A 34 -18.20 -29.88 29.70
N VAL A 35 -17.49 -30.49 28.75
CA VAL A 35 -17.08 -31.92 28.80
C VAL A 35 -15.56 -31.92 28.89
N ILE A 36 -15.05 -32.44 29.99
CA ILE A 36 -13.61 -32.66 30.24
C ILE A 36 -13.27 -34.02 29.63
N SER A 37 -12.38 -33.99 28.66
CA SER A 37 -11.99 -35.15 27.85
C SER A 37 -10.47 -35.17 27.75
N ASP A 38 -9.84 -36.28 28.13
CA ASP A 38 -8.37 -36.42 28.11
C ASP A 38 -8.05 -37.93 28.12
N MET A 39 -6.80 -38.28 27.84
CA MET A 39 -6.23 -39.66 28.05
C MET A 39 -6.46 -40.06 29.50
N ASN A 40 -5.98 -39.22 30.42
CA ASN A 40 -6.05 -39.38 31.90
C ASN A 40 -7.51 -39.27 32.38
N ALA A 41 -8.18 -40.40 32.63
CA ALA A 41 -9.61 -40.48 33.04
C ALA A 41 -9.76 -40.11 34.52
N GLU A 42 -8.69 -40.25 35.30
CA GLU A 42 -8.64 -39.86 36.74
C GLU A 42 -8.74 -38.34 36.82
N LYS A 43 -7.89 -37.62 36.10
CA LYS A 43 -7.84 -36.14 36.14
C LYS A 43 -9.13 -35.57 35.51
N CYS A 44 -9.72 -36.25 34.53
CA CYS A 44 -11.04 -35.87 33.93
C CYS A 44 -12.13 -35.85 35.01
N GLN A 45 -12.29 -36.96 35.72
CA GLN A 45 -13.35 -37.13 36.73
C GLN A 45 -13.16 -36.08 37.84
N GLU A 46 -11.91 -35.81 38.26
CA GLU A 46 -11.59 -34.81 39.34
C GLU A 46 -12.00 -33.40 38.86
N THR A 47 -11.54 -33.01 37.67
CA THR A 47 -11.81 -31.70 37.01
C THR A 47 -13.31 -31.47 36.95
N ALA A 48 -14.07 -32.42 36.41
CA ALA A 48 -15.54 -32.31 36.23
C ALA A 48 -16.22 -32.23 37.60
N ASN A 49 -15.74 -33.01 38.58
CA ASN A 49 -16.26 -33.00 39.98
C ASN A 49 -16.04 -31.62 40.62
N SER A 50 -14.85 -31.02 40.49
CA SER A 50 -14.54 -29.64 40.95
C SER A 50 -15.57 -28.66 40.37
N LEU A 51 -15.75 -28.67 39.04
CA LEU A 51 -16.67 -27.77 38.33
C LEU A 51 -18.08 -27.98 38.87
N LYS A 52 -18.50 -29.23 39.06
CA LYS A 52 -19.86 -29.55 39.54
C LYS A 52 -20.04 -28.96 40.95
N GLU A 53 -19.02 -29.09 41.80
CA GLU A 53 -19.01 -28.61 43.22
C GLU A 53 -19.18 -27.09 43.24
N GLN A 54 -18.60 -26.41 42.26
CA GLN A 54 -18.69 -24.93 42.08
C GLN A 54 -20.03 -24.52 41.45
N GLY A 55 -20.96 -25.45 41.23
CA GLY A 55 -22.30 -25.15 40.71
C GLY A 55 -22.37 -25.14 39.18
N PHE A 56 -21.31 -25.57 38.49
CA PHE A 56 -21.24 -25.62 37.00
C PHE A 56 -21.81 -26.95 36.50
N ASP A 57 -22.33 -26.96 35.27
CA ASP A 57 -22.62 -28.20 34.50
C ASP A 57 -21.35 -28.70 33.82
N ALA A 58 -20.87 -29.87 34.22
CA ALA A 58 -19.64 -30.52 33.70
C ALA A 58 -19.83 -32.02 33.68
N LEU A 59 -19.20 -32.66 32.70
CA LEU A 59 -19.23 -34.10 32.40
C LEU A 59 -17.79 -34.56 32.19
N SER A 60 -17.42 -35.68 32.78
CA SER A 60 -16.21 -36.46 32.44
C SER A 60 -16.57 -37.38 31.27
N ALA A 61 -15.89 -37.23 30.13
CA ALA A 61 -16.05 -38.12 28.98
C ALA A 61 -14.67 -38.38 28.40
N PRO A 62 -13.78 -39.06 29.15
CA PRO A 62 -12.41 -39.30 28.71
C PRO A 62 -12.40 -40.04 27.36
N CYS A 63 -11.42 -39.74 26.50
CA CYS A 63 -11.11 -40.60 25.33
C CYS A 63 -9.74 -40.22 24.79
N ASP A 64 -9.13 -41.17 24.09
CA ASP A 64 -7.99 -40.95 23.18
C ASP A 64 -8.64 -40.54 21.86
N VAL A 65 -8.35 -39.32 21.42
CA VAL A 65 -8.91 -38.73 20.15
C VAL A 65 -8.42 -39.51 18.92
N THR A 66 -7.38 -40.34 19.04
CA THR A 66 -6.91 -41.21 17.93
C THR A 66 -7.79 -42.47 17.89
N ASP A 67 -8.56 -42.72 18.96
CA ASP A 67 -9.47 -43.88 19.10
C ASP A 67 -10.87 -43.47 18.60
N GLU A 68 -11.15 -43.67 17.32
CA GLU A 68 -12.40 -43.15 16.73
C GLU A 68 -13.62 -43.65 17.50
N ASP A 69 -13.65 -44.95 17.83
CA ASP A 69 -14.79 -45.59 18.54
C ASP A 69 -14.97 -44.92 19.91
N ALA A 70 -13.89 -44.61 20.61
CA ALA A 70 -13.94 -44.01 21.95
C ALA A 70 -14.38 -42.54 21.83
N TYR A 71 -13.82 -41.77 20.88
CA TYR A 71 -14.21 -40.34 20.63
C TYR A 71 -15.71 -40.30 20.30
N LYS A 72 -16.18 -41.18 19.40
CA LYS A 72 -17.60 -41.31 19.01
C LYS A 72 -18.46 -41.45 20.28
N GLN A 73 -18.13 -42.38 21.17
CA GLN A 73 -19.01 -42.71 22.32
C GLN A 73 -18.96 -41.55 23.33
N ALA A 74 -17.83 -40.84 23.38
CA ALA A 74 -17.66 -39.66 24.25
C ALA A 74 -18.61 -38.57 23.76
N ILE A 75 -18.77 -38.42 22.44
CA ILE A 75 -19.75 -37.43 21.89
C ILE A 75 -21.18 -37.90 22.22
N GLU A 76 -21.45 -39.20 22.04
CA GLU A 76 -22.80 -39.76 22.28
C GLU A 76 -23.12 -39.61 23.77
N LEU A 77 -22.16 -39.87 24.66
CA LEU A 77 -22.33 -39.62 26.12
C LEU A 77 -22.68 -38.15 26.36
N THR A 78 -21.99 -37.21 25.68
CA THR A 78 -22.28 -35.74 25.74
C THR A 78 -23.74 -35.49 25.29
N GLN A 79 -24.15 -36.02 24.15
CA GLN A 79 -25.55 -35.88 23.67
C GLN A 79 -26.55 -36.40 24.72
N LYS A 80 -26.29 -37.57 25.29
CA LYS A 80 -27.22 -38.18 26.27
C LYS A 80 -27.29 -37.30 27.52
N THR A 81 -26.17 -36.68 27.94
CA THR A 81 -26.06 -35.92 29.22
C THR A 81 -26.64 -34.52 29.06
N PHE A 82 -26.29 -33.82 27.99
CA PHE A 82 -26.53 -32.36 27.80
C PHE A 82 -27.42 -32.10 26.59
N GLY A 83 -27.80 -33.14 25.85
CA GLY A 83 -28.78 -33.04 24.74
C GLY A 83 -28.14 -32.73 23.41
N THR A 84 -26.94 -32.11 23.35
CA THR A 84 -26.36 -31.68 22.05
C THR A 84 -24.87 -31.36 22.20
N VAL A 85 -24.24 -30.99 21.10
CA VAL A 85 -22.89 -30.35 21.11
C VAL A 85 -22.96 -29.07 20.28
N ASP A 86 -22.64 -27.93 20.90
CA ASP A 86 -22.66 -26.60 20.25
C ASP A 86 -21.23 -26.26 19.80
N ILE A 87 -20.25 -26.60 20.63
CA ILE A 87 -18.84 -26.16 20.52
C ILE A 87 -17.97 -27.42 20.65
N LEU A 88 -17.07 -27.64 19.68
CA LEU A 88 -15.95 -28.59 19.76
C LEU A 88 -14.64 -27.79 19.79
N ILE A 89 -13.80 -28.04 20.79
CA ILE A 89 -12.41 -27.51 20.86
C ILE A 89 -11.50 -28.73 20.73
N ASN A 90 -10.86 -28.85 19.56
CA ASN A 90 -9.80 -29.85 19.27
C ASN A 90 -8.47 -29.33 19.82
N ASN A 91 -8.13 -29.73 21.04
CA ASN A 91 -7.03 -29.13 21.82
C ASN A 91 -5.98 -30.18 22.14
N ALA A 92 -6.33 -31.48 22.10
CA ALA A 92 -5.42 -32.60 22.47
C ALA A 92 -4.16 -32.53 21.62
N GLY A 93 -2.98 -32.57 22.24
CA GLY A 93 -1.71 -32.66 21.50
C GLY A 93 -0.55 -32.99 22.39
N PHE A 94 0.65 -33.00 21.81
CA PHE A 94 1.93 -33.24 22.50
C PHE A 94 3.03 -32.70 21.57
N GLN A 95 4.29 -32.84 21.98
CA GLN A 95 5.44 -32.21 21.28
C GLN A 95 6.57 -33.24 21.28
N HIS A 96 7.30 -33.31 20.18
CA HIS A 96 8.60 -34.00 20.11
C HIS A 96 9.54 -33.20 19.22
N VAL A 97 10.58 -32.63 19.82
CA VAL A 97 11.58 -31.76 19.13
C VAL A 97 12.80 -32.62 18.81
N ALA A 98 13.20 -32.65 17.54
CA ALA A 98 14.36 -33.42 17.05
C ALA A 98 14.66 -33.02 15.62
N PRO A 99 15.96 -32.96 15.23
CA PRO A 99 16.32 -32.82 13.82
C PRO A 99 15.57 -33.88 13.02
N ILE A 100 15.27 -33.59 11.76
CA ILE A 100 14.56 -34.55 10.88
C ILE A 100 15.30 -35.90 10.87
N GLU A 101 16.63 -35.90 10.76
CA GLU A 101 17.42 -37.14 10.62
C GLU A 101 17.23 -38.06 11.84
N GLU A 102 17.01 -37.49 13.03
CA GLU A 102 16.85 -38.21 14.31
C GLU A 102 15.37 -38.31 14.70
N PHE A 103 14.44 -37.98 13.78
CA PHE A 103 13.00 -37.80 14.10
C PHE A 103 12.32 -39.11 13.72
N PRO A 104 11.99 -39.98 14.70
CA PRO A 104 11.39 -41.27 14.39
C PRO A 104 10.11 -41.05 13.58
N THR A 105 10.00 -41.77 12.46
CA THR A 105 8.81 -41.73 11.56
C THR A 105 7.56 -42.01 12.40
N ALA A 106 7.60 -43.00 13.29
CA ALA A 106 6.43 -43.35 14.13
C ALA A 106 6.01 -42.15 14.98
N VAL A 107 6.98 -41.36 15.48
CA VAL A 107 6.69 -40.20 16.36
C VAL A 107 6.08 -39.11 15.47
N PHE A 108 6.61 -38.96 14.26
CA PHE A 108 6.06 -38.03 13.24
C PHE A 108 4.59 -38.42 13.02
N GLN A 109 4.35 -39.71 12.85
CA GLN A 109 3.00 -40.21 12.47
C GLN A 109 2.07 -40.00 13.66
N LYS A 110 2.58 -40.13 14.88
CA LYS A 110 1.75 -40.01 16.10
C LYS A 110 1.35 -38.55 16.31
N LEU A 111 2.27 -37.60 16.12
CA LEU A 111 1.99 -36.14 16.24
C LEU A 111 0.86 -35.78 15.27
N VAL A 112 0.95 -36.26 14.04
CA VAL A 112 -0.08 -36.05 12.96
C VAL A 112 -1.39 -36.74 13.36
N GLN A 113 -1.33 -37.96 13.87
CA GLN A 113 -2.53 -38.74 14.20
C GLN A 113 -3.28 -38.01 15.32
N VAL A 114 -2.59 -37.51 16.35
CA VAL A 114 -3.29 -36.88 17.51
C VAL A 114 -3.89 -35.55 17.08
N MET A 115 -3.10 -34.71 16.39
CA MET A 115 -3.35 -33.26 16.24
C MET A 115 -4.03 -32.95 14.90
N LEU A 116 -3.93 -33.85 13.92
CA LEU A 116 -4.66 -33.72 12.62
C LEU A 116 -5.80 -34.74 12.56
N THR A 117 -5.50 -36.05 12.65
CA THR A 117 -6.54 -37.09 12.41
C THR A 117 -7.55 -37.02 13.56
N GLY A 118 -7.09 -36.78 14.77
CA GLY A 118 -7.95 -36.56 15.95
C GLY A 118 -8.94 -35.42 15.75
N ALA A 119 -8.49 -34.26 15.25
CA ALA A 119 -9.35 -33.11 14.88
C ALA A 119 -10.37 -33.54 13.81
N PHE A 120 -9.91 -34.19 12.75
CA PHE A 120 -10.79 -34.71 11.66
C PHE A 120 -11.85 -35.68 12.26
N ILE A 121 -11.44 -36.56 13.17
CA ILE A 121 -12.40 -37.51 13.79
C ILE A 121 -13.47 -36.72 14.58
N GLY A 122 -13.05 -35.76 15.41
CA GLY A 122 -14.00 -34.95 16.17
C GLY A 122 -15.00 -34.26 15.25
N ILE A 123 -14.52 -33.56 14.23
CA ILE A 123 -15.35 -32.79 13.26
C ILE A 123 -16.34 -33.77 12.62
N LYS A 124 -15.87 -34.95 12.23
CA LYS A 124 -16.70 -35.95 11.51
C LYS A 124 -17.92 -36.33 12.35
N HIS A 125 -17.75 -36.49 13.67
CA HIS A 125 -18.82 -36.97 14.59
C HIS A 125 -19.63 -35.82 15.23
N VAL A 126 -19.16 -34.56 15.24
CA VAL A 126 -19.98 -33.42 15.77
C VAL A 126 -20.75 -32.79 14.62
N LEU A 127 -20.28 -32.93 13.37
CA LEU A 127 -20.91 -32.21 12.23
C LEU A 127 -22.40 -32.54 12.12
N PRO A 128 -22.84 -33.81 12.21
CA PRO A 128 -24.28 -34.11 12.08
C PRO A 128 -25.16 -33.47 13.17
N ILE A 129 -24.61 -33.31 14.37
CA ILE A 129 -25.32 -32.70 15.52
C ILE A 129 -25.48 -31.21 15.24
N MET A 130 -24.38 -30.59 14.84
CA MET A 130 -24.33 -29.12 14.60
C MET A 130 -25.16 -28.80 13.35
N LYS A 131 -25.08 -29.59 12.28
CA LYS A 131 -25.90 -29.35 11.04
C LYS A 131 -27.39 -29.62 11.31
N ALA A 132 -27.73 -30.62 12.12
CA ALA A 132 -29.16 -30.86 12.46
C ALA A 132 -29.74 -29.58 13.07
N GLN A 133 -29.02 -28.92 14.01
CA GLN A 133 -29.53 -27.77 14.80
C GLN A 133 -29.17 -26.45 14.10
N LYS A 134 -28.42 -26.49 12.98
CA LYS A 134 -27.99 -25.31 12.20
C LYS A 134 -27.26 -24.34 13.11
N TYR A 135 -26.39 -24.86 13.97
CA TYR A 135 -25.52 -24.02 14.82
C TYR A 135 -24.31 -24.86 15.24
N GLY A 136 -23.13 -24.27 15.16
CA GLY A 136 -21.95 -24.89 15.77
C GLY A 136 -20.74 -23.97 15.77
N ARG A 137 -19.78 -24.29 16.63
CA ARG A 137 -18.50 -23.57 16.71
C ARG A 137 -17.47 -24.67 16.84
N ILE A 138 -16.57 -24.76 15.86
CA ILE A 138 -15.41 -25.69 15.89
C ILE A 138 -14.14 -24.86 15.93
N ILE A 139 -13.37 -25.01 17.01
CA ILE A 139 -12.03 -24.39 17.12
C ILE A 139 -10.99 -25.52 17.19
N ASN A 140 -10.14 -25.58 16.19
CA ASN A 140 -8.92 -26.41 16.16
C ASN A 140 -7.80 -25.61 16.83
N MET A 141 -7.31 -26.06 17.98
CA MET A 141 -6.15 -25.43 18.63
C MET A 141 -4.95 -25.78 17.75
N ALA A 142 -4.43 -24.78 17.06
CA ALA A 142 -3.25 -24.98 16.18
C ALA A 142 -2.09 -24.29 16.87
N SER A 143 -1.45 -23.34 16.21
CA SER A 143 -0.22 -22.70 16.69
C SER A 143 0.28 -21.81 15.56
N ILE A 144 1.14 -20.84 15.89
CA ILE A 144 1.87 -20.08 14.83
C ILE A 144 2.68 -21.07 13.99
N ASN A 145 2.98 -22.24 14.54
CA ASN A 145 3.74 -23.32 13.89
C ASN A 145 2.87 -24.00 12.83
N GLY A 146 1.59 -23.62 12.76
CA GLY A 146 0.66 -23.91 11.65
C GLY A 146 0.81 -22.93 10.51
N LEU A 147 1.53 -21.81 10.72
CA LEU A 147 1.68 -20.75 9.68
C LEU A 147 3.14 -20.58 9.27
N ILE A 148 4.11 -20.87 10.15
CA ILE A 148 5.55 -20.69 9.86
C ILE A 148 6.29 -21.98 10.22
N GLY A 149 7.57 -22.05 9.86
CA GLY A 149 8.45 -23.16 10.19
C GLY A 149 9.21 -22.91 11.50
N PHE A 150 9.57 -23.99 12.17
CA PHE A 150 10.52 -24.00 13.32
C PHE A 150 11.34 -25.27 13.19
N ALA A 151 12.67 -25.14 13.19
CA ALA A 151 13.64 -26.25 13.10
C ALA A 151 13.44 -27.20 14.28
N GLY A 152 13.44 -28.51 14.03
CA GLY A 152 13.25 -29.55 15.07
C GLY A 152 11.77 -29.89 15.32
N LYS A 153 10.83 -29.21 14.66
CA LYS A 153 9.37 -29.41 14.88
C LYS A 153 8.69 -29.96 13.61
N ALA A 154 9.36 -30.82 12.85
CA ALA A 154 8.83 -31.39 11.58
C ALA A 154 7.42 -31.99 11.79
N GLY A 155 7.23 -32.75 12.87
CA GLY A 155 5.94 -33.43 13.09
C GLY A 155 4.89 -32.47 13.57
N TYR A 156 5.23 -31.61 14.51
CA TYR A 156 4.30 -30.65 15.13
C TYR A 156 3.85 -29.67 14.07
N ASN A 157 4.79 -29.14 13.27
CA ASN A 157 4.49 -28.06 12.30
C ASN A 157 3.72 -28.69 11.14
N SER A 158 4.00 -29.95 10.80
CA SER A 158 3.24 -30.67 9.74
C SER A 158 1.80 -30.86 10.21
N ALA A 159 1.61 -31.29 11.46
CA ALA A 159 0.27 -31.57 12.01
C ALA A 159 -0.53 -30.24 12.06
N LYS A 160 0.08 -29.17 12.57
CA LYS A 160 -0.61 -27.88 12.79
C LYS A 160 -0.88 -27.20 11.42
N HIS A 161 0.04 -27.29 10.48
CA HIS A 161 -0.24 -26.87 9.09
C HIS A 161 -1.48 -27.62 8.61
N GLY A 162 -1.45 -28.93 8.75
CA GLY A 162 -2.54 -29.79 8.27
C GLY A 162 -3.88 -29.42 8.85
N VAL A 163 -3.97 -29.07 10.13
CA VAL A 163 -5.27 -28.80 10.83
C VAL A 163 -5.80 -27.43 10.38
N ILE A 164 -4.93 -26.53 9.90
CA ILE A 164 -5.36 -25.26 9.23
C ILE A 164 -6.02 -25.60 7.88
N GLY A 165 -5.45 -26.47 7.04
CA GLY A 165 -6.12 -26.97 5.83
C GLY A 165 -7.47 -27.66 6.14
N LEU A 166 -7.50 -28.52 7.14
CA LEU A 166 -8.74 -29.22 7.59
C LEU A 166 -9.78 -28.17 7.99
N THR A 167 -9.35 -27.15 8.74
CA THR A 167 -10.21 -26.03 9.22
C THR A 167 -10.90 -25.40 8.00
N LYS A 168 -10.14 -25.12 6.95
CA LYS A 168 -10.64 -24.40 5.76
C LYS A 168 -11.62 -25.31 5.01
N VAL A 169 -11.32 -26.60 4.85
CA VAL A 169 -12.24 -27.56 4.14
C VAL A 169 -13.53 -27.66 4.95
N ALA A 170 -13.42 -27.88 6.26
CA ALA A 170 -14.59 -28.04 7.16
C ALA A 170 -15.45 -26.76 7.12
N ALA A 171 -14.84 -25.58 7.17
CA ALA A 171 -15.54 -24.28 7.12
C ALA A 171 -16.40 -24.19 5.85
N LEU A 172 -15.79 -24.47 4.70
CA LEU A 172 -16.47 -24.38 3.39
C LEU A 172 -17.64 -25.34 3.33
N GLU A 173 -17.53 -26.52 3.97
CA GLU A 173 -18.55 -27.58 3.86
C GLU A 173 -19.75 -27.22 4.75
N CYS A 174 -19.60 -26.36 5.75
CA CYS A 174 -20.74 -26.08 6.67
C CYS A 174 -21.07 -24.58 6.75
N ALA A 175 -20.54 -23.76 5.84
CA ALA A 175 -20.70 -22.29 5.82
C ALA A 175 -22.19 -21.89 5.72
N ARG A 176 -23.03 -22.73 5.11
CA ARG A 176 -24.50 -22.48 4.95
C ARG A 176 -25.29 -23.00 6.15
N ASP A 177 -24.66 -23.72 7.08
CA ASP A 177 -25.37 -24.50 8.14
C ASP A 177 -25.24 -23.82 9.50
N GLY A 178 -24.82 -22.54 9.53
CA GLY A 178 -24.70 -21.77 10.78
C GLY A 178 -23.59 -22.30 11.68
N ILE A 179 -22.58 -22.94 11.09
CA ILE A 179 -21.43 -23.53 11.84
C ILE A 179 -20.16 -22.84 11.35
N THR A 180 -19.31 -22.46 12.30
CA THR A 180 -17.97 -21.88 12.01
C THR A 180 -16.91 -22.91 12.40
N VAL A 181 -15.82 -22.93 11.62
CA VAL A 181 -14.64 -23.77 11.90
C VAL A 181 -13.42 -22.87 11.78
N ASN A 182 -12.68 -22.68 12.87
CA ASN A 182 -11.56 -21.71 12.94
C ASN A 182 -10.41 -22.45 13.64
N ALA A 183 -9.17 -22.09 13.28
CA ALA A 183 -7.92 -22.52 13.94
C ALA A 183 -7.38 -21.37 14.80
N LEU A 184 -7.45 -21.50 16.13
CA LEU A 184 -6.84 -20.52 17.05
C LEU A 184 -5.36 -20.87 17.15
N CYS A 185 -4.50 -19.96 16.74
CA CYS A 185 -3.02 -20.15 16.62
C CYS A 185 -2.29 -19.29 17.66
N PRO A 186 -2.02 -19.84 18.86
CA PRO A 186 -1.21 -19.12 19.84
C PRO A 186 0.27 -19.14 19.48
N GLY A 187 1.03 -18.17 20.00
CA GLY A 187 2.49 -18.30 20.15
C GLY A 187 2.83 -19.00 21.45
N TYR A 188 3.96 -18.67 22.09
CA TYR A 188 4.38 -19.27 23.38
C TYR A 188 3.38 -18.87 24.46
N VAL A 189 2.76 -19.88 25.10
CA VAL A 189 1.80 -19.73 26.22
C VAL A 189 2.49 -20.23 27.50
N ASP A 190 2.22 -19.57 28.63
CA ASP A 190 2.73 -19.97 29.97
C ASP A 190 1.88 -21.15 30.44
N THR A 191 2.39 -22.33 30.16
CA THR A 191 1.78 -23.66 30.44
C THR A 191 2.84 -24.54 31.10
N PRO A 192 2.41 -25.65 31.75
CA PRO A 192 3.30 -26.73 32.18
C PRO A 192 4.28 -27.18 31.08
N LEU A 193 3.77 -27.45 29.87
CA LEU A 193 4.57 -27.86 28.69
C LEU A 193 5.74 -26.87 28.54
N VAL A 194 5.43 -25.58 28.33
CA VAL A 194 6.47 -24.53 28.05
C VAL A 194 7.38 -24.36 29.27
N ARG A 195 6.83 -24.36 30.49
CA ARG A 195 7.64 -24.29 31.74
C ARG A 195 8.60 -25.47 31.77
N GLY A 196 8.14 -26.65 31.29
CA GLY A 196 9.01 -27.83 31.06
C GLY A 196 10.16 -27.48 30.12
N GLN A 197 9.84 -26.94 28.94
CA GLN A 197 10.85 -26.59 27.89
C GLN A 197 11.83 -25.54 28.44
N ILE A 198 11.36 -24.56 29.20
CA ILE A 198 12.23 -23.52 29.85
C ILE A 198 13.18 -24.26 30.80
N ALA A 199 12.65 -25.12 31.66
CA ALA A 199 13.39 -26.06 32.53
C ALA A 199 14.45 -26.79 31.69
N ASP A 200 14.03 -27.42 30.59
CA ASP A 200 14.94 -28.17 29.67
CA ASP A 200 14.90 -28.15 29.62
C ASP A 200 16.05 -27.22 29.19
N LEU A 201 15.70 -26.09 28.54
CA LEU A 201 16.63 -25.10 27.93
C LEU A 201 17.71 -24.67 28.93
N ALA A 202 17.29 -24.34 30.16
CA ALA A 202 18.14 -23.75 31.22
C ALA A 202 19.21 -24.73 31.70
N LYS A 203 18.93 -26.04 31.67
CA LYS A 203 19.92 -27.11 31.99
C LYS A 203 20.79 -27.35 30.75
N THR A 204 20.17 -27.58 29.58
CA THR A 204 20.86 -27.96 28.31
C THR A 204 21.72 -26.80 27.77
N ARG A 205 21.42 -25.54 28.12
CA ARG A 205 22.24 -24.35 27.76
C ARG A 205 23.01 -23.83 28.98
N ASN A 206 22.74 -24.36 30.18
CA ASN A 206 23.39 -23.94 31.45
C ASN A 206 23.29 -22.43 31.61
N VAL A 207 22.10 -21.87 31.41
CA VAL A 207 21.70 -20.47 31.77
C VAL A 207 20.59 -20.57 32.83
N SER A 208 20.27 -19.48 33.52
CA SER A 208 19.13 -19.42 34.48
C SER A 208 17.80 -19.73 33.76
N LEU A 209 16.74 -19.98 34.54
CA LEU A 209 15.36 -20.20 34.04
C LEU A 209 14.88 -18.91 33.36
N ASP A 210 15.21 -17.75 33.94
CA ASP A 210 14.80 -16.40 33.44
C ASP A 210 15.59 -16.07 32.16
N SER A 211 16.85 -16.50 32.04
CA SER A 211 17.66 -16.34 30.80
C SER A 211 17.17 -17.28 29.70
N ALA A 212 16.83 -18.53 30.04
CA ALA A 212 16.24 -19.51 29.10
C ALA A 212 14.97 -18.92 28.49
N LEU A 213 14.15 -18.26 29.32
CA LEU A 213 12.89 -17.61 28.90
C LEU A 213 13.17 -16.37 28.05
N GLU A 214 13.92 -15.39 28.56
CA GLU A 214 13.92 -14.01 28.01
C GLU A 214 14.88 -13.89 26.82
N ASP A 215 15.99 -14.62 26.83
CA ASP A 215 17.07 -14.51 25.82
C ASP A 215 16.90 -15.53 24.68
N VAL A 216 16.26 -16.68 24.90
CA VAL A 216 16.09 -17.70 23.81
C VAL A 216 14.61 -17.92 23.50
N ILE A 217 13.76 -18.32 24.46
CA ILE A 217 12.33 -18.64 24.15
C ILE A 217 11.68 -17.41 23.50
N LEU A 218 11.86 -16.21 24.08
CA LEU A 218 11.11 -14.99 23.67
C LEU A 218 11.95 -14.09 22.75
N ALA A 219 13.07 -14.55 22.21
CA ALA A 219 13.96 -13.75 21.33
C ALA A 219 13.20 -13.30 20.08
N MET A 220 12.29 -14.12 19.55
CA MET A 220 11.57 -13.79 18.29
CA MET A 220 11.55 -13.85 18.29
C MET A 220 10.12 -13.43 18.61
N VAL A 221 9.82 -13.14 19.88
CA VAL A 221 8.48 -12.63 20.31
C VAL A 221 8.60 -11.12 20.57
N PRO A 222 8.06 -10.25 19.69
CA PRO A 222 8.14 -8.79 19.87
C PRO A 222 7.62 -8.23 21.21
N GLN A 223 6.54 -8.77 21.78
CA GLN A 223 6.08 -8.32 23.13
C GLN A 223 6.96 -8.88 24.25
N LYS A 224 7.99 -9.68 23.94
CA LYS A 224 8.89 -10.40 24.90
C LYS A 224 8.11 -10.81 26.15
N ARG A 225 7.03 -11.57 25.99
CA ARG A 225 6.25 -12.15 27.12
C ARG A 225 5.54 -13.42 26.63
N LEU A 226 5.38 -14.36 27.58
CA LEU A 226 4.53 -15.57 27.43
C LEU A 226 3.10 -15.09 27.43
N LEU A 227 2.28 -15.64 26.55
CA LEU A 227 0.80 -15.47 26.63
C LEU A 227 0.27 -16.23 27.85
N SER A 228 -0.75 -15.70 28.51
CA SER A 228 -1.42 -16.39 29.63
C SER A 228 -2.42 -17.37 29.03
N VAL A 229 -2.74 -18.45 29.74
CA VAL A 229 -3.83 -19.37 29.33
C VAL A 229 -5.15 -18.59 29.33
N GLU A 230 -5.27 -17.56 30.18
CA GLU A 230 -6.49 -16.71 30.32
C GLU A 230 -6.74 -15.98 28.98
N GLU A 231 -5.69 -15.47 28.34
CA GLU A 231 -5.78 -14.72 27.04
C GLU A 231 -6.28 -15.65 25.93
N ILE A 232 -5.75 -16.86 25.87
CA ILE A 232 -6.09 -17.86 24.82
C ILE A 232 -7.57 -18.20 24.99
N ALA A 233 -7.97 -18.46 26.22
CA ALA A 233 -9.36 -18.81 26.60
C ALA A 233 -10.31 -17.66 26.25
N ASP A 234 -9.89 -16.40 26.43
CA ASP A 234 -10.72 -15.20 26.07
C ASP A 234 -10.95 -15.15 24.56
N TYR A 235 -9.93 -15.38 23.73
CA TYR A 235 -10.12 -15.42 22.26
C TYR A 235 -11.05 -16.58 21.93
N ALA A 236 -10.81 -17.76 22.50
CA ALA A 236 -11.63 -18.96 22.29
C ALA A 236 -13.10 -18.62 22.60
N ILE A 237 -13.34 -17.95 23.73
CA ILE A 237 -14.72 -17.55 24.15
C ILE A 237 -15.35 -16.67 23.06
N PHE A 238 -14.64 -15.68 22.51
CA PHE A 238 -15.19 -14.80 21.43
C PHE A 238 -15.60 -15.65 20.21
N LEU A 239 -14.68 -16.47 19.72
CA LEU A 239 -14.88 -17.30 18.49
C LEU A 239 -15.99 -18.33 18.72
N ALA A 240 -16.15 -18.82 19.95
CA ALA A 240 -17.12 -19.87 20.28
C ALA A 240 -18.47 -19.21 20.55
N SER A 241 -18.52 -17.89 20.58
CA SER A 241 -19.77 -17.15 20.94
C SER A 241 -20.65 -16.94 19.70
N SER A 242 -21.91 -16.56 19.95
CA SER A 242 -22.91 -16.24 18.90
C SER A 242 -22.50 -14.96 18.20
N LYS A 243 -21.60 -14.16 18.79
CA LYS A 243 -21.16 -12.85 18.24
C LYS A 243 -20.13 -13.03 17.11
N ALA A 244 -19.52 -14.20 16.94
CA ALA A 244 -18.45 -14.46 15.95
C ALA A 244 -18.95 -15.36 14.81
N GLY A 245 -20.24 -15.31 14.51
CA GLY A 245 -20.89 -16.13 13.47
C GLY A 245 -20.37 -15.87 12.07
N GLY A 246 -19.78 -14.70 11.81
CA GLY A 246 -19.24 -14.35 10.49
C GLY A 246 -17.76 -14.69 10.39
N VAL A 247 -17.13 -15.23 11.44
CA VAL A 247 -15.70 -15.64 11.38
C VAL A 247 -15.67 -17.14 11.07
N THR A 248 -15.13 -17.56 9.91
CA THR A 248 -15.01 -19.00 9.55
C THR A 248 -13.86 -19.15 8.56
N GLY A 249 -13.11 -20.23 8.68
CA GLY A 249 -12.05 -20.64 7.74
C GLY A 249 -10.75 -19.95 8.03
N GLN A 250 -10.56 -19.44 9.26
CA GLN A 250 -9.44 -18.51 9.57
CA GLN A 250 -9.45 -18.51 9.59
C GLN A 250 -8.40 -19.19 10.49
N ALA A 251 -7.13 -18.93 10.20
CA ALA A 251 -6.01 -19.07 11.15
C ALA A 251 -5.99 -17.78 11.98
N VAL A 252 -6.67 -17.77 13.13
CA VAL A 252 -6.84 -16.61 14.04
C VAL A 252 -5.65 -16.58 14.99
N VAL A 253 -4.83 -15.52 14.90
CA VAL A 253 -3.46 -15.54 15.49
C VAL A 253 -3.43 -14.65 16.74
N MET A 254 -2.93 -15.25 17.82
CA MET A 254 -2.68 -14.59 19.13
CA MET A 254 -2.67 -14.58 19.13
C MET A 254 -1.24 -14.91 19.52
N ASP A 255 -0.28 -14.04 19.15
CA ASP A 255 1.15 -14.45 19.16
C ASP A 255 2.10 -13.33 19.58
N GLY A 256 1.63 -12.22 20.16
CA GLY A 256 2.49 -11.09 20.59
C GLY A 256 3.43 -10.60 19.50
N GLY A 257 3.05 -10.82 18.24
CA GLY A 257 3.64 -10.18 17.06
C GLY A 257 4.60 -11.08 16.34
N TYR A 258 4.74 -12.33 16.77
CA TYR A 258 5.71 -13.31 16.23
C TYR A 258 5.66 -13.33 14.69
N THR A 259 4.47 -13.45 14.12
CA THR A 259 4.28 -13.67 12.66
C THR A 259 4.20 -12.31 11.93
N ALA A 260 4.20 -11.18 12.65
CA ALA A 260 4.17 -9.83 12.05
C ALA A 260 5.58 -9.46 11.58
N GLN A 261 6.63 -10.20 11.97
CA GLN A 261 8.01 -9.92 11.49
C GLN A 261 8.58 -11.10 10.72
N THR B 2 21.80 -25.39 -23.81
CA THR B 2 22.05 -25.24 -22.34
C THR B 2 21.33 -26.35 -21.55
N LYS B 3 22.03 -26.94 -20.57
CA LYS B 3 21.56 -28.05 -19.70
C LYS B 3 21.58 -27.56 -18.24
N LEU B 4 20.44 -27.10 -17.72
CA LEU B 4 20.39 -26.39 -16.41
C LEU B 4 20.68 -27.32 -15.21
N LEU B 5 20.54 -28.64 -15.37
CA LEU B 5 20.73 -29.62 -14.25
C LEU B 5 21.89 -30.58 -14.57
N ASP B 6 22.85 -30.14 -15.38
CA ASP B 6 24.01 -30.95 -15.84
C ASP B 6 24.73 -31.56 -14.62
N GLY B 7 24.87 -32.88 -14.60
CA GLY B 7 25.66 -33.62 -13.60
C GLY B 7 24.96 -33.75 -12.26
N LYS B 8 23.64 -33.47 -12.24
CA LYS B 8 22.79 -33.58 -11.03
C LYS B 8 22.04 -34.90 -11.11
N VAL B 9 21.82 -35.52 -9.96
CA VAL B 9 21.00 -36.76 -9.87
C VAL B 9 19.65 -36.37 -9.29
N ALA B 10 18.55 -36.62 -10.01
CA ALA B 10 17.18 -36.31 -9.55
C ALA B 10 16.40 -37.59 -9.28
N PHE B 11 15.86 -37.70 -8.06
CA PHE B 11 14.98 -38.80 -7.62
C PHE B 11 13.57 -38.23 -7.56
N ILE B 12 12.67 -38.77 -8.38
CA ILE B 12 11.27 -38.27 -8.51
C ILE B 12 10.29 -39.37 -8.11
N THR B 13 9.56 -39.23 -7.00
CA THR B 13 8.56 -40.22 -6.57
C THR B 13 7.36 -40.05 -7.51
N GLY B 14 6.54 -41.08 -7.71
CA GLY B 14 5.35 -41.05 -8.58
C GLY B 14 5.63 -40.61 -10.02
N SER B 15 6.78 -40.98 -10.62
CA SER B 15 7.24 -40.43 -11.92
C SER B 15 6.84 -41.32 -13.10
N ALA B 16 5.99 -42.33 -12.89
CA ALA B 16 5.50 -43.24 -13.94
C ALA B 16 4.42 -42.56 -14.78
N SER B 17 3.80 -41.47 -14.28
CA SER B 17 2.70 -40.77 -14.97
C SER B 17 2.63 -39.28 -14.58
N GLY B 18 1.83 -38.52 -15.33
CA GLY B 18 1.42 -37.13 -15.03
C GLY B 18 2.60 -36.17 -14.86
N ILE B 19 2.47 -35.26 -13.89
CA ILE B 19 3.46 -34.18 -13.66
C ILE B 19 4.84 -34.84 -13.44
N GLY B 20 4.90 -35.89 -12.63
CA GLY B 20 6.17 -36.57 -12.27
C GLY B 20 6.90 -37.11 -13.50
N LEU B 21 6.14 -37.66 -14.43
CA LEU B 21 6.70 -38.26 -15.67
C LEU B 21 7.30 -37.13 -16.48
N GLU B 22 6.57 -36.01 -16.62
CA GLU B 22 7.05 -34.84 -17.38
C GLU B 22 8.33 -34.29 -16.76
N ILE B 23 8.36 -34.16 -15.44
CA ILE B 23 9.53 -33.62 -14.68
C ILE B 23 10.72 -34.51 -14.99
N ALA B 24 10.55 -35.84 -14.94
CA ALA B 24 11.63 -36.83 -15.24
C ALA B 24 12.13 -36.61 -16.68
N LYS B 25 11.23 -36.52 -17.67
CA LYS B 25 11.63 -36.34 -19.10
C LYS B 25 12.27 -34.97 -19.31
N LYS B 26 11.77 -33.94 -18.63
CA LYS B 26 12.29 -32.56 -18.80
C LYS B 26 13.64 -32.43 -18.06
N PHE B 27 13.75 -33.02 -16.88
CA PHE B 27 15.00 -32.99 -16.08
C PHE B 27 16.10 -33.70 -16.89
N ALA B 28 15.75 -34.79 -17.56
CA ALA B 28 16.68 -35.59 -18.41
C ALA B 28 17.22 -34.70 -19.53
N GLN B 29 16.34 -33.99 -20.23
CA GLN B 29 16.72 -33.06 -21.34
C GLN B 29 17.65 -31.94 -20.83
N GLU B 30 17.56 -31.56 -19.56
CA GLU B 30 18.40 -30.52 -18.91
C GLU B 30 19.67 -31.15 -18.29
N GLY B 31 19.90 -32.46 -18.49
CA GLY B 31 21.19 -33.13 -18.23
C GLY B 31 21.25 -33.85 -16.89
N ALA B 32 20.12 -33.92 -16.17
CA ALA B 32 19.97 -34.68 -14.92
C ALA B 32 20.02 -36.17 -15.24
N LYS B 33 20.69 -36.93 -14.38
CA LYS B 33 20.44 -38.37 -14.23
C LYS B 33 19.16 -38.49 -13.42
N VAL B 34 18.14 -39.18 -13.94
CA VAL B 34 16.80 -39.24 -13.30
C VAL B 34 16.48 -40.65 -12.82
N VAL B 35 15.80 -40.74 -11.67
CA VAL B 35 15.37 -42.04 -11.10
C VAL B 35 13.85 -42.06 -11.21
N ILE B 36 13.31 -43.04 -11.95
CA ILE B 36 11.85 -43.28 -12.07
C ILE B 36 11.42 -44.18 -10.92
N SER B 37 10.58 -43.67 -10.04
CA SER B 37 10.12 -44.37 -8.82
C SER B 37 8.61 -44.22 -8.75
N ASP B 38 7.92 -45.35 -8.72
CA ASP B 38 6.44 -45.39 -8.66
C ASP B 38 6.07 -46.73 -8.01
N MET B 39 4.77 -46.91 -7.72
CA MET B 39 4.12 -48.17 -7.32
C MET B 39 4.22 -49.17 -8.48
N ASN B 40 3.81 -48.72 -9.66
CA ASN B 40 3.88 -49.52 -10.92
C ASN B 40 5.35 -49.72 -11.32
N ALA B 41 5.88 -50.93 -11.14
CA ALA B 41 7.29 -51.32 -11.32
C ALA B 41 7.63 -51.60 -12.80
N GLU B 42 6.65 -52.05 -13.58
CA GLU B 42 6.81 -52.36 -15.02
C GLU B 42 6.86 -51.04 -15.77
N LYS B 43 6.03 -50.08 -15.35
CA LYS B 43 5.94 -48.73 -15.95
C LYS B 43 7.26 -47.99 -15.68
N CYS B 44 7.91 -48.21 -14.53
CA CYS B 44 9.18 -47.53 -14.19
C CYS B 44 10.29 -48.05 -15.11
N GLN B 45 10.42 -49.37 -15.25
CA GLN B 45 11.38 -50.04 -16.15
C GLN B 45 11.10 -49.57 -17.59
N GLU B 46 9.82 -49.52 -17.98
CA GLU B 46 9.39 -49.07 -19.34
C GLU B 46 9.86 -47.62 -19.53
N THR B 47 9.50 -46.73 -18.59
CA THR B 47 9.82 -45.28 -18.64
C THR B 47 11.32 -45.07 -18.74
N ALA B 48 12.08 -45.67 -17.81
CA ALA B 48 13.55 -45.54 -17.71
C ALA B 48 14.19 -46.07 -18.99
N ASN B 49 13.62 -47.10 -19.58
CA ASN B 49 14.18 -47.77 -20.79
C ASN B 49 14.06 -46.81 -21.97
N SER B 50 12.93 -46.10 -22.07
CA SER B 50 12.64 -45.09 -23.12
C SER B 50 13.68 -43.98 -23.05
N LEU B 51 13.93 -43.47 -21.85
CA LEU B 51 14.90 -42.37 -21.62
C LEU B 51 16.29 -42.86 -22.01
N LYS B 52 16.66 -44.08 -21.63
CA LYS B 52 17.98 -44.71 -21.97
C LYS B 52 18.12 -44.82 -23.50
N GLU B 53 17.08 -45.25 -24.21
CA GLU B 53 17.09 -45.37 -25.70
C GLU B 53 17.34 -43.99 -26.32
N GLN B 54 16.97 -42.90 -25.63
CA GLN B 54 17.14 -41.51 -26.14
C GLN B 54 18.47 -40.88 -25.66
N GLY B 55 19.39 -41.70 -25.16
CA GLY B 55 20.74 -41.24 -24.74
C GLY B 55 20.75 -40.68 -23.34
N PHE B 56 19.66 -40.80 -22.57
CA PHE B 56 19.54 -40.25 -21.20
C PHE B 56 19.96 -41.31 -20.16
N ASP B 57 20.59 -40.84 -19.09
CA ASP B 57 20.79 -41.60 -17.83
C ASP B 57 19.47 -41.64 -17.05
N ALA B 58 18.90 -42.84 -16.93
CA ALA B 58 17.70 -43.11 -16.11
C ALA B 58 17.86 -44.47 -15.43
N LEU B 59 17.29 -44.59 -14.23
CA LEU B 59 17.29 -45.82 -13.40
C LEU B 59 15.85 -46.03 -12.97
N SER B 60 15.36 -47.26 -13.06
CA SER B 60 14.06 -47.66 -12.45
C SER B 60 14.36 -47.99 -10.99
N ALA B 61 13.63 -47.38 -10.05
CA ALA B 61 13.74 -47.68 -8.61
C ALA B 61 12.37 -47.54 -7.98
N PRO B 62 11.42 -48.45 -8.33
CA PRO B 62 10.07 -48.42 -7.79
C PRO B 62 10.09 -48.44 -6.26
N CYS B 63 9.11 -47.78 -5.66
CA CYS B 63 8.81 -48.00 -4.23
C CYS B 63 7.47 -47.35 -3.88
N ASP B 64 6.84 -47.90 -2.87
CA ASP B 64 5.74 -47.21 -2.17
C ASP B 64 6.39 -46.24 -1.19
N VAL B 65 6.13 -44.95 -1.33
CA VAL B 65 6.75 -43.89 -0.48
C VAL B 65 6.28 -44.06 0.98
N THR B 66 5.25 -44.87 1.24
CA THR B 66 4.76 -45.16 2.62
C THR B 66 5.62 -46.27 3.25
N ASP B 67 6.39 -47.00 2.42
CA ASP B 67 7.29 -48.10 2.85
C ASP B 67 8.71 -47.53 3.03
N GLU B 68 9.02 -47.06 4.24
CA GLU B 68 10.27 -46.32 4.52
C GLU B 68 11.47 -47.20 4.15
N ASP B 69 11.38 -48.50 4.46
CA ASP B 69 12.45 -49.50 4.18
C ASP B 69 12.67 -49.62 2.65
N ALA B 70 11.60 -49.68 1.86
CA ALA B 70 11.67 -49.68 0.39
C ALA B 70 12.19 -48.32 -0.13
N TYR B 71 11.75 -47.21 0.47
CA TYR B 71 12.16 -45.85 0.00
C TYR B 71 13.66 -45.70 0.32
N LYS B 72 14.10 -46.10 1.51
CA LYS B 72 15.54 -46.07 1.90
C LYS B 72 16.37 -46.89 0.92
N GLN B 73 15.84 -48.03 0.44
CA GLN B 73 16.62 -48.95 -0.43
C GLN B 73 16.63 -48.36 -1.84
N ALA B 74 15.57 -47.67 -2.24
CA ALA B 74 15.53 -47.00 -3.56
C ALA B 74 16.55 -45.84 -3.57
N ILE B 75 16.65 -45.07 -2.48
CA ILE B 75 17.67 -43.98 -2.35
C ILE B 75 19.07 -44.60 -2.34
N GLU B 76 19.28 -45.72 -1.65
CA GLU B 76 20.57 -46.48 -1.64
C GLU B 76 20.95 -46.95 -3.06
N LEU B 77 19.99 -47.51 -3.81
CA LEU B 77 20.20 -48.00 -5.19
C LEU B 77 20.69 -46.83 -6.04
N THR B 78 20.07 -45.66 -5.89
CA THR B 78 20.45 -44.41 -6.59
C THR B 78 21.90 -44.08 -6.24
N GLN B 79 22.27 -44.10 -4.95
CA GLN B 79 23.67 -43.78 -4.52
C GLN B 79 24.65 -44.73 -5.22
N LYS B 80 24.29 -46.01 -5.31
CA LYS B 80 25.13 -47.11 -5.88
C LYS B 80 25.27 -46.84 -7.38
N THR B 81 24.20 -46.42 -8.06
CA THR B 81 24.15 -46.27 -9.54
C THR B 81 24.71 -44.91 -10.00
N PHE B 82 24.35 -43.80 -9.38
CA PHE B 82 24.68 -42.43 -9.89
C PHE B 82 25.54 -41.64 -8.90
N GLY B 83 25.97 -42.23 -7.80
CA GLY B 83 26.97 -41.64 -6.89
C GLY B 83 26.36 -40.84 -5.75
N THR B 84 25.22 -40.15 -5.98
CA THR B 84 24.61 -39.23 -4.97
C THR B 84 23.16 -38.94 -5.34
N VAL B 85 22.45 -38.22 -4.48
CA VAL B 85 21.14 -37.58 -4.78
C VAL B 85 21.29 -36.07 -4.56
N ASP B 86 21.10 -35.28 -5.62
CA ASP B 86 21.22 -33.79 -5.60
C ASP B 86 19.83 -33.16 -5.49
N ILE B 87 18.82 -33.80 -6.08
CA ILE B 87 17.45 -33.25 -6.26
C ILE B 87 16.46 -34.33 -5.82
N LEU B 88 15.60 -34.06 -4.85
CA LEU B 88 14.49 -34.99 -4.52
C LEU B 88 13.18 -34.31 -4.91
N ILE B 89 12.36 -34.98 -5.71
CA ILE B 89 11.00 -34.50 -6.07
C ILE B 89 9.99 -35.43 -5.41
N ASN B 90 9.43 -35.01 -4.28
CA ASN B 90 8.33 -35.74 -3.60
C ASN B 90 7.07 -35.44 -4.38
N ASN B 91 6.64 -36.37 -5.25
CA ASN B 91 5.55 -36.10 -6.22
C ASN B 91 4.36 -37.07 -6.04
N ALA B 92 4.60 -38.27 -5.53
CA ALA B 92 3.60 -39.34 -5.38
C ALA B 92 2.41 -38.75 -4.65
N GLY B 93 1.21 -38.96 -5.19
CA GLY B 93 -0.04 -38.56 -4.53
C GLY B 93 -1.23 -39.29 -5.10
N PHE B 94 -2.40 -39.10 -4.47
CA PHE B 94 -3.70 -39.59 -4.98
C PHE B 94 -4.76 -38.62 -4.44
N GLN B 95 -6.01 -38.79 -4.89
CA GLN B 95 -7.13 -37.89 -4.52
C GLN B 95 -8.32 -38.76 -4.09
N HIS B 96 -9.10 -38.28 -3.14
CA HIS B 96 -10.42 -38.85 -2.77
C HIS B 96 -11.31 -37.71 -2.27
N VAL B 97 -12.35 -37.38 -3.04
CA VAL B 97 -13.28 -36.23 -2.80
C VAL B 97 -14.56 -36.74 -2.16
N ALA B 98 -14.96 -36.17 -1.02
CA ALA B 98 -16.23 -36.53 -0.36
C ALA B 98 -16.45 -35.61 0.83
N PRO B 99 -17.72 -35.32 1.17
CA PRO B 99 -18.02 -34.59 2.40
C PRO B 99 -17.39 -35.32 3.60
N ILE B 100 -16.88 -34.54 4.55
CA ILE B 100 -16.25 -35.04 5.80
C ILE B 100 -17.06 -36.19 6.41
N GLU B 101 -18.39 -36.08 6.45
CA GLU B 101 -19.26 -37.07 7.15
C GLU B 101 -19.14 -38.45 6.48
N GLU B 102 -18.97 -38.52 5.17
CA GLU B 102 -18.87 -39.82 4.42
C GLU B 102 -17.45 -40.01 3.86
N PHE B 103 -16.45 -39.50 4.57
CA PHE B 103 -15.02 -39.51 4.18
C PHE B 103 -14.32 -40.49 5.12
N PRO B 104 -13.98 -41.71 4.63
CA PRO B 104 -13.50 -42.78 5.50
C PRO B 104 -12.24 -42.33 6.25
N THR B 105 -12.18 -42.54 7.56
CA THR B 105 -11.02 -42.11 8.36
C THR B 105 -9.76 -42.74 7.78
N ALA B 106 -9.82 -44.01 7.35
CA ALA B 106 -8.63 -44.76 6.87
C ALA B 106 -8.17 -44.15 5.53
N VAL B 107 -9.08 -43.62 4.71
CA VAL B 107 -8.68 -42.93 3.45
C VAL B 107 -8.00 -41.60 3.81
N PHE B 108 -8.59 -40.80 4.72
CA PHE B 108 -7.98 -39.53 5.21
C PHE B 108 -6.53 -39.84 5.65
N GLN B 109 -6.33 -40.91 6.42
CA GLN B 109 -4.99 -41.29 6.97
C GLN B 109 -4.07 -41.62 5.79
N LYS B 110 -4.64 -42.15 4.71
CA LYS B 110 -3.84 -42.72 3.60
C LYS B 110 -3.29 -41.58 2.78
N LEU B 111 -4.15 -40.58 2.51
CA LEU B 111 -3.75 -39.36 1.79
C LEU B 111 -2.59 -38.69 2.54
N VAL B 112 -2.74 -38.50 3.85
CA VAL B 112 -1.67 -37.87 4.69
C VAL B 112 -0.42 -38.75 4.68
N GLN B 113 -0.56 -40.08 4.82
CA GLN B 113 0.59 -41.02 4.91
C GLN B 113 1.39 -40.97 3.59
N VAL B 114 0.70 -40.97 2.45
CA VAL B 114 1.39 -40.88 1.12
C VAL B 114 1.98 -39.47 0.92
N MET B 115 1.21 -38.41 1.12
CA MET B 115 1.61 -37.08 0.58
C MET B 115 2.35 -36.21 1.61
N LEU B 116 2.29 -36.51 2.90
CA LEU B 116 3.02 -35.80 3.99
C LEU B 116 4.09 -36.76 4.55
N THR B 117 3.70 -37.93 5.04
CA THR B 117 4.68 -38.85 5.66
C THR B 117 5.66 -39.33 4.59
N GLY B 118 5.18 -39.66 3.38
CA GLY B 118 6.06 -40.07 2.28
C GLY B 118 7.15 -39.04 2.04
N ALA B 119 6.80 -37.73 2.07
CA ALA B 119 7.75 -36.64 1.85
C ALA B 119 8.73 -36.60 3.04
N PHE B 120 8.22 -36.83 4.25
CA PHE B 120 9.04 -36.83 5.48
C PHE B 120 10.09 -37.93 5.36
N ILE B 121 9.68 -39.12 4.91
CA ILE B 121 10.59 -40.29 4.76
C ILE B 121 11.67 -39.96 3.71
N GLY B 122 11.26 -39.43 2.54
CA GLY B 122 12.20 -39.02 1.49
C GLY B 122 13.23 -38.02 1.98
N ILE B 123 12.75 -36.95 2.61
CA ILE B 123 13.60 -35.85 3.14
C ILE B 123 14.55 -36.45 4.19
N LYS B 124 14.05 -37.33 5.07
CA LYS B 124 14.85 -37.87 6.19
C LYS B 124 16.04 -38.64 5.61
N HIS B 125 15.88 -39.33 4.46
CA HIS B 125 16.95 -40.20 3.92
C HIS B 125 17.82 -39.51 2.86
N VAL B 126 17.46 -38.34 2.31
CA VAL B 126 18.38 -37.62 1.37
C VAL B 126 19.18 -36.55 2.13
N LEU B 127 18.67 -36.04 3.26
CA LEU B 127 19.30 -34.91 4.00
C LEU B 127 20.75 -35.23 4.36
N PRO B 128 21.11 -36.42 4.91
CA PRO B 128 22.51 -36.73 5.22
C PRO B 128 23.42 -36.73 3.96
N ILE B 129 22.91 -37.19 2.83
CA ILE B 129 23.64 -37.21 1.52
C ILE B 129 23.85 -35.76 1.04
N MET B 130 22.79 -34.96 1.09
CA MET B 130 22.85 -33.57 0.59
C MET B 130 23.67 -32.73 1.56
N LYS B 131 23.55 -32.98 2.87
CA LYS B 131 24.33 -32.20 3.88
C LYS B 131 25.82 -32.52 3.71
N ALA B 132 26.21 -33.78 3.54
CA ALA B 132 27.62 -34.19 3.38
C ALA B 132 28.29 -33.39 2.26
N GLN B 133 27.62 -33.24 1.10
CA GLN B 133 28.13 -32.56 -0.14
C GLN B 133 27.76 -31.06 -0.17
N LYS B 134 27.05 -30.56 0.85
CA LYS B 134 26.66 -29.14 1.00
C LYS B 134 25.99 -28.67 -0.29
N TYR B 135 25.16 -29.52 -0.88
CA TYR B 135 24.28 -29.16 -2.02
C TYR B 135 23.01 -29.99 -1.97
N GLY B 136 21.85 -29.36 -2.17
CA GLY B 136 20.60 -30.11 -2.38
C GLY B 136 19.47 -29.23 -2.89
N ARG B 137 18.51 -29.88 -3.54
CA ARG B 137 17.23 -29.26 -3.98
C ARG B 137 16.12 -30.25 -3.63
N ILE B 138 15.22 -29.88 -2.72
CA ILE B 138 14.04 -30.73 -2.37
C ILE B 138 12.83 -29.92 -2.82
N ILE B 139 12.03 -30.51 -3.70
CA ILE B 139 10.74 -29.91 -4.11
C ILE B 139 9.64 -30.90 -3.73
N ASN B 140 8.75 -30.47 -2.85
CA ASN B 140 7.53 -31.21 -2.47
C ASN B 140 6.44 -30.71 -3.42
N MET B 141 5.91 -31.58 -4.26
CA MET B 141 4.75 -31.22 -5.11
CA MET B 141 4.76 -31.20 -5.11
C MET B 141 3.55 -31.09 -4.18
N ALA B 142 3.09 -29.86 -3.98
CA ALA B 142 1.89 -29.58 -3.16
C ALA B 142 0.80 -29.21 -4.14
N SER B 143 0.15 -28.08 -3.92
CA SER B 143 -1.09 -27.68 -4.62
C SER B 143 -1.53 -26.38 -3.99
N ILE B 144 -2.34 -25.60 -4.68
CA ILE B 144 -2.97 -24.39 -4.07
C ILE B 144 -3.83 -24.87 -2.91
N ASN B 145 -4.22 -26.17 -2.92
CA ASN B 145 -4.96 -26.85 -1.82
C ASN B 145 -4.07 -27.05 -0.60
N GLY B 146 -2.77 -26.73 -0.72
CA GLY B 146 -1.89 -26.48 0.44
C GLY B 146 -2.02 -25.09 1.06
N LEU B 147 -2.75 -24.18 0.41
CA LEU B 147 -2.86 -22.73 0.81
C LEU B 147 -4.30 -22.30 1.07
N ILE B 148 -5.28 -22.88 0.39
CA ILE B 148 -6.70 -22.54 0.58
C ILE B 148 -7.49 -23.83 0.80
N GLY B 149 -8.75 -23.70 1.22
CA GLY B 149 -9.69 -24.80 1.40
C GLY B 149 -10.47 -25.10 0.10
N PHE B 150 -10.90 -26.35 -0.05
CA PHE B 150 -11.82 -26.81 -1.11
C PHE B 150 -12.72 -27.88 -0.45
N ALA B 151 -14.04 -27.67 -0.50
CA ALA B 151 -15.07 -28.59 0.03
C ALA B 151 -14.90 -30.00 -0.60
N GLY B 152 -14.95 -31.05 0.22
CA GLY B 152 -14.85 -32.44 -0.22
C GLY B 152 -13.41 -32.98 -0.23
N LYS B 153 -12.36 -32.16 -0.03
CA LYS B 153 -10.97 -32.68 -0.06
C LYS B 153 -10.30 -32.59 1.32
N ALA B 154 -10.99 -33.00 2.39
CA ALA B 154 -10.41 -32.91 3.76
C ALA B 154 -9.01 -33.53 3.76
N GLY B 155 -8.89 -34.74 3.23
CA GLY B 155 -7.63 -35.52 3.31
C GLY B 155 -6.54 -34.90 2.47
N TYR B 156 -6.84 -34.60 1.22
CA TYR B 156 -5.89 -33.98 0.27
C TYR B 156 -5.41 -32.61 0.81
N ASN B 157 -6.30 -31.73 1.27
CA ASN B 157 -5.95 -30.34 1.64
C ASN B 157 -5.17 -30.38 2.96
N SER B 158 -5.56 -31.28 3.86
CA SER B 158 -4.83 -31.49 5.14
C SER B 158 -3.40 -31.91 4.79
N ALA B 159 -3.23 -32.77 3.81
CA ALA B 159 -1.93 -33.41 3.51
C ALA B 159 -1.01 -32.39 2.86
N LYS B 160 -1.57 -31.61 1.92
CA LYS B 160 -0.87 -30.53 1.18
C LYS B 160 -0.52 -29.36 2.11
N HIS B 161 -1.42 -28.94 3.00
CA HIS B 161 -1.15 -27.96 4.09
C HIS B 161 0.02 -28.47 4.94
N GLY B 162 -0.04 -29.72 5.37
CA GLY B 162 1.02 -30.39 6.16
C GLY B 162 2.36 -30.34 5.43
N VAL B 163 2.38 -30.64 4.14
CA VAL B 163 3.68 -30.79 3.39
C VAL B 163 4.34 -29.41 3.24
N ILE B 164 3.53 -28.34 3.26
CA ILE B 164 4.09 -26.96 3.23
CA ILE B 164 4.04 -26.95 3.26
C ILE B 164 4.73 -26.71 4.61
N GLY B 165 4.08 -27.13 5.71
CA GLY B 165 4.68 -27.05 7.06
C GLY B 165 6.02 -27.77 7.10
N LEU B 166 6.05 -29.01 6.63
CA LEU B 166 7.28 -29.86 6.58
C LEU B 166 8.35 -29.14 5.76
N THR B 167 7.94 -28.52 4.65
CA THR B 167 8.85 -27.74 3.74
C THR B 167 9.56 -26.63 4.52
N LYS B 168 8.81 -25.84 5.31
CA LYS B 168 9.37 -24.68 6.03
C LYS B 168 10.34 -25.18 7.12
N VAL B 169 9.96 -26.22 7.89
CA VAL B 169 10.82 -26.87 8.92
C VAL B 169 12.12 -27.35 8.25
N ALA B 170 11.99 -28.07 7.16
CA ALA B 170 13.13 -28.72 6.50
C ALA B 170 14.06 -27.62 6.02
N ALA B 171 13.48 -26.55 5.43
CA ALA B 171 14.27 -25.45 4.85
C ALA B 171 15.14 -24.85 5.95
N LEU B 172 14.56 -24.63 7.13
CA LEU B 172 15.26 -24.04 8.30
C LEU B 172 16.37 -24.97 8.79
N GLU B 173 16.15 -26.29 8.79
CA GLU B 173 17.15 -27.26 9.28
C GLU B 173 18.36 -27.37 8.34
N CYS B 174 18.29 -26.95 7.08
CA CYS B 174 19.42 -27.16 6.13
C CYS B 174 19.80 -25.86 5.39
N ALA B 175 19.28 -24.71 5.83
CA ALA B 175 19.48 -23.39 5.18
C ALA B 175 20.97 -23.06 5.09
N ARG B 176 21.79 -23.60 6.01
CA ARG B 176 23.25 -23.30 6.06
C ARG B 176 24.00 -24.34 5.26
N ASP B 177 23.33 -25.34 4.67
CA ASP B 177 24.01 -26.54 4.13
C ASP B 177 23.93 -26.56 2.61
N GLY B 178 23.60 -25.44 1.97
CA GLY B 178 23.54 -25.36 0.49
C GLY B 178 22.36 -26.15 -0.07
N ILE B 179 21.31 -26.31 0.74
CA ILE B 179 20.09 -27.09 0.39
C ILE B 179 18.87 -26.18 0.46
N THR B 180 18.05 -26.23 -0.58
CA THR B 180 16.75 -25.52 -0.60
C THR B 180 15.67 -26.58 -0.47
N VAL B 181 14.60 -26.23 0.22
CA VAL B 181 13.38 -27.06 0.33
C VAL B 181 12.20 -26.15 0.02
N ASN B 182 11.46 -26.45 -1.03
CA ASN B 182 10.35 -25.60 -1.50
C ASN B 182 9.20 -26.53 -1.81
N ALA B 183 7.99 -26.02 -1.75
CA ALA B 183 6.76 -26.74 -2.15
C ALA B 183 6.25 -26.06 -3.41
N LEU B 184 6.23 -26.79 -4.52
CA LEU B 184 5.66 -26.25 -5.78
CA LEU B 184 5.66 -26.27 -5.79
C LEU B 184 4.16 -26.49 -5.73
N CYS B 185 3.37 -25.45 -5.96
CA CYS B 185 1.91 -25.48 -5.73
C CYS B 185 1.16 -25.14 -7.01
N PRO B 186 0.82 -26.14 -7.85
CA PRO B 186 0.00 -25.89 -9.02
C PRO B 186 -1.49 -25.75 -8.63
N GLY B 187 -2.21 -24.98 -9.44
CA GLY B 187 -3.66 -25.14 -9.61
C GLY B 187 -3.92 -26.25 -10.59
N TYR B 188 -5.04 -26.18 -11.31
CA TYR B 188 -5.51 -27.24 -12.22
C TYR B 188 -4.51 -27.44 -13.36
N VAL B 189 -3.91 -28.64 -13.45
CA VAL B 189 -2.97 -29.04 -14.54
C VAL B 189 -3.64 -30.06 -15.46
N ASP B 190 -3.35 -29.98 -16.76
CA ASP B 190 -3.93 -30.89 -17.77
C ASP B 190 -3.21 -32.23 -17.66
N THR B 191 -3.78 -33.14 -16.86
CA THR B 191 -3.23 -34.48 -16.54
C THR B 191 -4.33 -35.51 -16.71
N PRO B 192 -3.98 -36.82 -16.76
CA PRO B 192 -4.97 -37.88 -16.76
C PRO B 192 -5.91 -37.72 -15.56
N LEU B 193 -5.33 -37.42 -14.38
CA LEU B 193 -6.06 -37.14 -13.11
C LEU B 193 -7.24 -36.21 -13.43
N VAL B 194 -6.95 -35.01 -13.95
CA VAL B 194 -7.97 -33.92 -14.13
C VAL B 194 -8.96 -34.25 -15.25
N ARG B 195 -8.47 -34.72 -16.41
CA ARG B 195 -9.31 -35.16 -17.56
C ARG B 195 -10.30 -36.22 -17.06
N GLY B 196 -9.83 -37.13 -16.21
CA GLY B 196 -10.70 -38.05 -15.48
C GLY B 196 -11.82 -37.29 -14.79
N GLN B 197 -11.45 -36.26 -14.02
CA GLN B 197 -12.39 -35.46 -13.18
C GLN B 197 -13.37 -34.72 -14.08
N ILE B 198 -12.92 -34.21 -15.24
CA ILE B 198 -13.81 -33.53 -16.23
C ILE B 198 -14.83 -34.56 -16.73
N ALA B 199 -14.36 -35.78 -17.05
CA ALA B 199 -15.20 -36.90 -17.53
C ALA B 199 -16.34 -37.17 -16.53
N ASP B 200 -16.01 -37.25 -15.23
CA ASP B 200 -16.96 -37.45 -14.09
C ASP B 200 -17.96 -36.30 -14.00
N LEU B 201 -17.50 -35.04 -13.95
CA LEU B 201 -18.36 -33.82 -13.86
C LEU B 201 -19.33 -33.77 -15.06
N ALA B 202 -18.86 -34.11 -16.25
CA ALA B 202 -19.67 -34.08 -17.50
C ALA B 202 -20.81 -35.11 -17.42
N LYS B 203 -20.54 -36.26 -16.79
CA LYS B 203 -21.45 -37.44 -16.70
C LYS B 203 -22.43 -37.24 -15.53
N THR B 204 -21.92 -36.88 -14.35
CA THR B 204 -22.73 -36.70 -13.11
C THR B 204 -23.48 -35.35 -13.14
N ARG B 205 -23.26 -34.53 -14.17
CA ARG B 205 -23.99 -33.24 -14.39
C ARG B 205 -24.57 -33.19 -15.83
N ASN B 206 -24.50 -34.28 -16.59
CA ASN B 206 -25.15 -34.43 -17.93
C ASN B 206 -24.84 -33.22 -18.83
N VAL B 207 -23.59 -32.77 -18.86
CA VAL B 207 -23.13 -31.62 -19.69
C VAL B 207 -21.94 -32.07 -20.55
N SER B 208 -21.57 -31.28 -21.57
CA SER B 208 -20.41 -31.54 -22.46
C SER B 208 -19.13 -31.51 -21.61
N LEU B 209 -18.07 -32.18 -22.09
CA LEU B 209 -16.72 -32.16 -21.48
C LEU B 209 -16.25 -30.70 -21.41
N ASP B 210 -16.51 -29.90 -22.46
CA ASP B 210 -16.11 -28.48 -22.58
C ASP B 210 -16.94 -27.63 -21.59
N SER B 211 -18.26 -27.88 -21.51
CA SER B 211 -19.15 -27.31 -20.47
C SER B 211 -18.49 -27.54 -19.11
N ALA B 212 -18.14 -28.79 -18.78
CA ALA B 212 -17.68 -29.23 -17.45
C ALA B 212 -16.32 -28.64 -17.08
N LEU B 213 -15.42 -28.44 -18.07
CA LEU B 213 -14.10 -27.80 -17.89
C LEU B 213 -14.27 -26.28 -17.77
N GLU B 214 -14.93 -25.64 -18.74
CA GLU B 214 -14.87 -24.16 -18.95
C GLU B 214 -15.77 -23.43 -17.94
N ASP B 215 -16.89 -24.05 -17.55
CA ASP B 215 -17.96 -23.41 -16.73
C ASP B 215 -17.87 -23.87 -15.26
N VAL B 216 -17.33 -25.05 -14.97
CA VAL B 216 -17.30 -25.61 -13.58
C VAL B 216 -15.85 -25.63 -13.07
N ILE B 217 -14.98 -26.44 -13.67
CA ILE B 217 -13.60 -26.69 -13.16
C ILE B 217 -12.80 -25.37 -13.17
N LEU B 218 -12.90 -24.59 -14.25
CA LEU B 218 -12.17 -23.31 -14.47
C LEU B 218 -12.97 -22.09 -13.97
N ALA B 219 -14.08 -22.26 -13.24
CA ALA B 219 -14.94 -21.14 -12.76
C ALA B 219 -14.12 -20.17 -11.92
N MET B 220 -13.17 -20.69 -11.14
CA MET B 220 -12.39 -19.90 -10.15
CA MET B 220 -12.42 -19.81 -10.21
C MET B 220 -10.96 -19.71 -10.67
N VAL B 221 -10.68 -20.01 -11.95
CA VAL B 221 -9.33 -19.79 -12.56
C VAL B 221 -9.40 -18.55 -13.46
N PRO B 222 -8.80 -17.41 -13.02
CA PRO B 222 -8.77 -16.18 -13.82
C PRO B 222 -8.29 -16.34 -15.28
N GLN B 223 -7.22 -17.10 -15.53
CA GLN B 223 -6.72 -17.32 -16.91
C GLN B 223 -7.65 -18.29 -17.68
N LYS B 224 -8.61 -18.95 -17.03
CA LYS B 224 -9.60 -19.86 -17.66
C LYS B 224 -8.90 -20.85 -18.60
N ARG B 225 -7.91 -21.59 -18.10
CA ARG B 225 -7.18 -22.65 -18.84
C ARG B 225 -6.51 -23.60 -17.85
N LEU B 226 -6.41 -24.87 -18.22
CA LEU B 226 -5.60 -25.90 -17.52
C LEU B 226 -4.13 -25.56 -17.75
N LEU B 227 -3.30 -25.64 -16.71
CA LEU B 227 -1.84 -25.50 -16.90
C LEU B 227 -1.34 -26.77 -17.58
N SER B 228 -0.26 -26.68 -18.34
CA SER B 228 0.38 -27.87 -18.95
C SER B 228 1.38 -28.50 -17.97
N VAL B 229 1.57 -29.82 -18.07
CA VAL B 229 2.63 -30.54 -17.31
C VAL B 229 3.99 -29.92 -17.65
N GLU B 230 4.17 -29.43 -18.89
CA GLU B 230 5.39 -28.73 -19.37
CA GLU B 230 5.42 -28.75 -19.32
C GLU B 230 5.64 -27.46 -18.52
N GLU B 231 4.60 -26.67 -18.28
CA GLU B 231 4.68 -25.41 -17.48
C GLU B 231 5.17 -25.74 -16.06
N ILE B 232 4.60 -26.79 -15.45
CA ILE B 232 4.96 -27.20 -14.06
C ILE B 232 6.43 -27.61 -14.07
N ALA B 233 6.82 -28.35 -15.09
CA ALA B 233 8.19 -28.92 -15.23
C ALA B 233 9.18 -27.77 -15.35
N ASP B 234 8.84 -26.73 -16.10
CA ASP B 234 9.74 -25.55 -16.29
C ASP B 234 10.01 -24.84 -14.96
N TYR B 235 8.99 -24.62 -14.13
CA TYR B 235 9.21 -24.03 -12.78
C TYR B 235 10.01 -25.02 -11.92
N ALA B 236 9.66 -26.31 -11.96
CA ALA B 236 10.39 -27.38 -11.24
C ALA B 236 11.87 -27.29 -11.64
N ILE B 237 12.18 -27.20 -12.93
CA ILE B 237 13.60 -27.14 -13.40
C ILE B 237 14.31 -25.94 -12.77
N PHE B 238 13.68 -24.77 -12.79
CA PHE B 238 14.28 -23.52 -12.28
C PHE B 238 14.57 -23.72 -10.79
N LEU B 239 13.56 -24.20 -10.03
CA LEU B 239 13.67 -24.39 -8.56
C LEU B 239 14.81 -25.37 -8.29
N ALA B 240 14.98 -26.36 -9.15
CA ALA B 240 15.92 -27.49 -8.94
C ALA B 240 17.31 -27.11 -9.44
N SER B 241 17.43 -25.97 -10.14
CA SER B 241 18.70 -25.50 -10.75
C SER B 241 19.60 -24.82 -9.71
N SER B 242 20.88 -24.68 -10.05
CA SER B 242 21.89 -23.98 -9.21
C SER B 242 21.57 -22.48 -9.20
N LYS B 243 20.72 -22.00 -10.12
CA LYS B 243 20.32 -20.58 -10.21
C LYS B 243 19.31 -20.20 -9.11
N ALA B 244 18.69 -21.19 -8.44
CA ALA B 244 17.65 -20.96 -7.41
C ALA B 244 18.12 -21.26 -5.99
N GLY B 245 19.42 -21.11 -5.71
CA GLY B 245 20.01 -21.34 -4.37
C GLY B 245 19.43 -20.45 -3.28
N GLY B 246 18.84 -19.28 -3.63
CA GLY B 246 18.32 -18.27 -2.69
C GLY B 246 16.83 -18.41 -2.40
N VAL B 247 16.15 -19.33 -3.08
CA VAL B 247 14.71 -19.66 -2.87
C VAL B 247 14.63 -20.88 -1.94
N THR B 248 14.08 -20.72 -0.73
CA THR B 248 13.90 -21.86 0.22
C THR B 248 12.76 -21.57 1.19
N GLY B 249 12.11 -22.63 1.64
CA GLY B 249 10.99 -22.56 2.58
C GLY B 249 9.80 -21.88 1.94
N GLN B 250 9.64 -21.96 0.61
CA GLN B 250 8.57 -21.24 -0.10
C GLN B 250 7.49 -22.19 -0.61
N ALA B 251 6.24 -21.79 -0.46
CA ALA B 251 5.08 -22.27 -1.23
C ALA B 251 5.09 -21.52 -2.56
N VAL B 252 5.60 -22.15 -3.62
CA VAL B 252 5.85 -21.47 -4.91
C VAL B 252 4.64 -21.75 -5.82
N VAL B 253 3.91 -20.70 -6.20
CA VAL B 253 2.52 -20.88 -6.73
C VAL B 253 2.48 -20.60 -8.23
N MET B 254 1.91 -21.53 -8.98
CA MET B 254 1.62 -21.40 -10.43
C MET B 254 0.17 -21.87 -10.63
N ASP B 255 -0.78 -20.95 -10.66
CA ASP B 255 -2.21 -21.32 -10.50
C ASP B 255 -3.12 -20.51 -11.41
N GLY B 256 -2.57 -19.96 -12.49
CA GLY B 256 -3.24 -18.97 -13.36
C GLY B 256 -4.11 -17.96 -12.62
N GLY B 257 -3.69 -17.55 -11.42
CA GLY B 257 -4.30 -16.44 -10.66
C GLY B 257 -5.30 -16.90 -9.62
N TYR B 258 -5.46 -18.22 -9.40
CA TYR B 258 -6.50 -18.78 -8.50
C TYR B 258 -6.43 -18.08 -7.14
N THR B 259 -5.22 -18.07 -6.56
CA THR B 259 -5.03 -17.63 -5.16
C THR B 259 -4.91 -16.10 -5.09
N ALA B 260 -4.89 -15.38 -6.22
CA ALA B 260 -4.87 -13.88 -6.27
C ALA B 260 -6.25 -13.31 -5.95
N GLN B 261 -7.31 -14.10 -6.00
CA GLN B 261 -8.67 -13.58 -5.73
C GLN B 261 -9.32 -14.34 -4.58
N THR C 2 18.96 -20.67 -24.96
CA THR C 2 20.11 -19.73 -24.75
C THR C 2 19.62 -18.27 -24.73
N LYS C 3 18.47 -17.95 -25.37
CA LYS C 3 17.89 -16.59 -25.44
C LYS C 3 16.42 -16.63 -25.01
N LEU C 4 16.19 -16.65 -23.70
CA LEU C 4 14.83 -16.86 -23.11
C LEU C 4 13.89 -15.67 -23.39
N LEU C 5 14.41 -14.49 -23.73
CA LEU C 5 13.58 -13.28 -24.02
C LEU C 5 13.81 -12.76 -25.45
N ASP C 6 14.12 -13.65 -26.39
CA ASP C 6 14.48 -13.29 -27.79
C ASP C 6 13.28 -12.56 -28.41
N GLY C 7 13.50 -11.36 -28.95
CA GLY C 7 12.46 -10.57 -29.66
C GLY C 7 11.50 -9.83 -28.72
N LYS C 8 11.82 -9.79 -27.43
CA LYS C 8 10.98 -9.10 -26.42
C LYS C 8 11.60 -7.73 -26.13
N VAL C 9 10.74 -6.75 -25.82
CA VAL C 9 11.12 -5.37 -25.43
C VAL C 9 10.85 -5.21 -23.92
N ALA C 10 11.91 -4.99 -23.16
CA ALA C 10 11.87 -4.83 -21.69
C ALA C 10 12.06 -3.37 -21.31
N PHE C 11 11.06 -2.77 -20.66
CA PHE C 11 11.16 -1.42 -20.08
C PHE C 11 11.47 -1.57 -18.59
N ILE C 12 12.62 -1.07 -18.14
CA ILE C 12 13.07 -1.29 -16.73
C ILE C 12 13.25 0.07 -16.04
N THR C 13 12.35 0.43 -15.13
CA THR C 13 12.44 1.67 -14.32
C THR C 13 13.57 1.46 -13.30
N GLY C 14 14.27 2.54 -12.95
CA GLY C 14 15.39 2.53 -11.99
C GLY C 14 16.52 1.62 -12.43
N SER C 15 16.79 1.49 -13.73
CA SER C 15 17.78 0.51 -14.26
C SER C 15 19.18 1.10 -14.47
N ALA C 16 19.48 2.25 -13.84
CA ALA C 16 20.82 2.89 -13.90
C ALA C 16 21.75 2.28 -12.85
N SER C 17 21.22 1.61 -11.83
CA SER C 17 22.06 1.01 -10.75
C SER C 17 21.41 -0.27 -10.18
N GLY C 18 22.20 -0.99 -9.38
CA GLY C 18 21.76 -2.12 -8.55
C GLY C 18 21.03 -3.21 -9.33
N ILE C 19 19.88 -3.63 -8.80
CA ILE C 19 19.11 -4.81 -9.30
C ILE C 19 18.60 -4.51 -10.71
N GLY C 20 18.05 -3.32 -10.94
CA GLY C 20 17.49 -2.90 -12.24
C GLY C 20 18.56 -2.93 -13.32
N LEU C 21 19.77 -2.48 -12.99
CA LEU C 21 20.91 -2.45 -13.95
C LEU C 21 21.24 -3.89 -14.34
N GLU C 22 21.37 -4.78 -13.34
CA GLU C 22 21.68 -6.21 -13.58
C GLU C 22 20.58 -6.82 -14.43
N ILE C 23 19.32 -6.59 -14.09
CA ILE C 23 18.15 -7.12 -14.84
C ILE C 23 18.25 -6.63 -16.29
N ALA C 24 18.58 -5.35 -16.52
CA ALA C 24 18.80 -4.78 -17.88
C ALA C 24 19.91 -5.56 -18.61
N LYS C 25 21.06 -5.76 -17.98
CA LYS C 25 22.22 -6.46 -18.62
C LYS C 25 21.89 -7.93 -18.89
N LYS C 26 21.31 -8.62 -17.89
CA LYS C 26 21.02 -10.08 -18.02
C LYS C 26 19.90 -10.24 -19.06
N PHE C 27 18.85 -9.40 -19.05
CA PHE C 27 17.75 -9.41 -20.05
C PHE C 27 18.30 -9.22 -21.47
N ALA C 28 19.26 -8.32 -21.67
CA ALA C 28 19.94 -8.09 -22.97
C ALA C 28 20.63 -9.39 -23.43
N GLN C 29 21.36 -10.03 -22.53
CA GLN C 29 22.05 -11.32 -22.80
C GLN C 29 21.04 -12.39 -23.22
N GLU C 30 19.79 -12.33 -22.74
CA GLU C 30 18.72 -13.31 -23.08
C GLU C 30 17.98 -12.88 -24.36
N GLY C 31 18.49 -11.85 -25.05
CA GLY C 31 18.03 -11.42 -26.40
C GLY C 31 16.91 -10.40 -26.33
N ALA C 32 16.65 -9.80 -25.17
CA ALA C 32 15.65 -8.71 -25.04
C ALA C 32 16.29 -7.40 -25.51
N LYS C 33 15.45 -6.52 -26.05
CA LYS C 33 15.77 -5.08 -26.25
C LYS C 33 15.39 -4.39 -24.94
N VAL C 34 16.33 -3.70 -24.31
CA VAL C 34 16.14 -3.15 -22.94
C VAL C 34 16.06 -1.62 -23.05
N VAL C 35 15.11 -1.02 -22.33
CA VAL C 35 15.02 0.44 -22.10
C VAL C 35 15.57 0.72 -20.69
N ILE C 36 16.70 1.44 -20.62
CA ILE C 36 17.29 2.02 -19.37
C ILE C 36 16.52 3.29 -19.06
N SER C 37 15.83 3.32 -17.91
CA SER C 37 14.99 4.44 -17.46
C SER C 37 15.31 4.71 -15.99
N ASP C 38 15.78 5.91 -15.69
CA ASP C 38 16.16 6.30 -14.32
C ASP C 38 15.97 7.81 -14.20
N MET C 39 16.12 8.34 -12.98
CA MET C 39 16.23 9.78 -12.64
C MET C 39 17.44 10.36 -13.36
N ASN C 40 18.62 9.74 -13.19
CA ASN C 40 19.88 10.28 -13.75
C ASN C 40 19.96 9.93 -15.25
N ALA C 41 19.68 10.91 -16.11
CA ALA C 41 19.64 10.76 -17.58
C ALA C 41 21.03 10.48 -18.14
N GLU C 42 22.09 11.00 -17.51
CA GLU C 42 23.48 10.87 -17.99
C GLU C 42 23.90 9.41 -17.80
N LYS C 43 23.52 8.80 -16.67
CA LYS C 43 23.83 7.38 -16.37
C LYS C 43 23.00 6.47 -17.30
N CYS C 44 21.76 6.83 -17.65
CA CYS C 44 20.94 6.03 -18.60
C CYS C 44 21.63 6.01 -19.96
N GLN C 45 22.17 7.16 -20.41
CA GLN C 45 22.82 7.32 -21.73
C GLN C 45 24.04 6.42 -21.77
N GLU C 46 24.93 6.49 -20.77
CA GLU C 46 26.22 5.76 -20.77
C GLU C 46 25.96 4.25 -20.62
N THR C 47 24.97 3.85 -19.82
CA THR C 47 24.56 2.42 -19.65
C THR C 47 24.08 1.88 -21.00
N ALA C 48 23.13 2.56 -21.63
CA ALA C 48 22.53 2.17 -22.93
C ALA C 48 23.65 2.10 -23.98
N ASN C 49 24.64 2.99 -23.88
CA ASN C 49 25.74 3.09 -24.87
C ASN C 49 26.72 1.92 -24.70
N SER C 50 27.13 1.61 -23.46
CA SER C 50 27.97 0.42 -23.16
C SER C 50 27.28 -0.84 -23.67
N LEU C 51 25.97 -0.99 -23.41
CA LEU C 51 25.16 -2.13 -23.91
C LEU C 51 25.26 -2.18 -25.44
N LYS C 52 25.10 -1.03 -26.11
CA LYS C 52 25.13 -0.92 -27.61
C LYS C 52 26.51 -1.34 -28.12
N GLU C 53 27.57 -0.96 -27.41
CA GLU C 53 28.96 -1.32 -27.79
C GLU C 53 29.18 -2.84 -27.65
N GLN C 54 28.30 -3.55 -26.94
CA GLN C 54 28.41 -5.04 -26.80
C GLN C 54 27.39 -5.74 -27.70
N GLY C 55 26.82 -5.04 -28.67
CA GLY C 55 26.01 -5.64 -29.74
C GLY C 55 24.57 -5.83 -29.32
N PHE C 56 24.21 -5.36 -28.12
CA PHE C 56 22.82 -5.38 -27.59
C PHE C 56 22.01 -4.17 -28.08
N ASP C 57 20.69 -4.31 -28.08
CA ASP C 57 19.74 -3.24 -28.46
C ASP C 57 19.28 -2.56 -27.17
N ALA C 58 19.74 -1.33 -26.94
CA ALA C 58 19.44 -0.58 -25.71
C ALA C 58 18.99 0.84 -26.08
N LEU C 59 18.00 1.35 -25.35
CA LEU C 59 17.47 2.72 -25.48
C LEU C 59 17.58 3.42 -24.12
N SER C 60 18.04 4.68 -24.13
CA SER C 60 17.93 5.61 -22.98
C SER C 60 16.55 6.24 -23.03
N ALA C 61 15.72 6.05 -22.00
CA ALA C 61 14.42 6.72 -21.86
C ALA C 61 14.24 7.15 -20.40
N PRO C 62 15.03 8.15 -19.93
CA PRO C 62 14.96 8.59 -18.54
C PRO C 62 13.55 9.09 -18.22
N CYS C 63 13.09 8.84 -17.01
CA CYS C 63 11.92 9.56 -16.45
C CYS C 63 11.89 9.36 -14.95
N ASP C 64 11.24 10.31 -14.28
CA ASP C 64 10.73 10.16 -12.90
C ASP C 64 9.39 9.44 -12.98
N VAL C 65 9.33 8.25 -12.38
CA VAL C 65 8.13 7.37 -12.50
C VAL C 65 6.95 8.06 -11.80
N THR C 66 7.19 9.10 -11.00
CA THR C 66 6.11 9.87 -10.35
C THR C 66 5.53 10.90 -11.34
N ASP C 67 6.24 11.15 -12.44
CA ASP C 67 5.85 12.11 -13.51
C ASP C 67 5.10 11.31 -14.59
N GLU C 68 3.77 11.18 -14.51
CA GLU C 68 2.99 10.28 -15.40
C GLU C 68 3.23 10.72 -16.84
N ASP C 69 3.36 12.04 -17.09
CA ASP C 69 3.53 12.61 -18.45
C ASP C 69 4.87 12.17 -19.03
N ALA C 70 5.94 12.21 -18.25
CA ALA C 70 7.28 11.74 -18.66
C ALA C 70 7.29 10.21 -18.83
N TYR C 71 6.60 9.48 -17.96
CA TYR C 71 6.58 8.00 -17.99
C TYR C 71 5.88 7.61 -19.30
N LYS C 72 4.66 8.11 -19.49
CA LYS C 72 3.84 7.93 -20.72
C LYS C 72 4.68 8.21 -21.98
N GLN C 73 5.56 9.21 -21.96
CA GLN C 73 6.35 9.68 -23.14
C GLN C 73 7.53 8.73 -23.33
N ALA C 74 8.06 8.20 -22.24
CA ALA C 74 9.11 7.17 -22.24
C ALA C 74 8.56 5.85 -22.82
N ILE C 75 7.33 5.45 -22.46
CA ILE C 75 6.66 4.27 -23.06
C ILE C 75 6.47 4.54 -24.56
N GLU C 76 5.91 5.70 -24.95
CA GLU C 76 5.64 6.06 -26.37
C GLU C 76 6.96 6.03 -27.16
N LEU C 77 8.04 6.54 -26.59
CA LEU C 77 9.38 6.53 -27.25
C LEU C 77 9.83 5.07 -27.46
N THR C 78 9.52 4.18 -26.49
CA THR C 78 9.88 2.75 -26.58
C THR C 78 9.09 2.16 -27.77
N GLN C 79 7.78 2.37 -27.82
CA GLN C 79 6.91 1.94 -28.97
C GLN C 79 7.49 2.47 -30.30
N LYS C 80 7.88 3.74 -30.38
CA LYS C 80 8.48 4.39 -31.58
C LYS C 80 9.74 3.62 -32.00
N THR C 81 10.59 3.26 -31.04
CA THR C 81 11.96 2.74 -31.31
C THR C 81 11.97 1.23 -31.48
N PHE C 82 11.18 0.47 -30.71
CA PHE C 82 11.30 -1.02 -30.66
C PHE C 82 9.97 -1.70 -31.05
N GLY C 83 8.91 -0.94 -31.31
CA GLY C 83 7.65 -1.45 -31.88
C GLY C 83 6.63 -1.83 -30.82
N THR C 84 7.04 -2.09 -29.57
CA THR C 84 6.09 -2.52 -28.50
C THR C 84 6.80 -2.55 -27.13
N VAL C 85 6.04 -2.73 -26.05
CA VAL C 85 6.55 -3.15 -24.71
C VAL C 85 5.96 -4.53 -24.39
N ASP C 86 6.84 -5.53 -24.28
CA ASP C 86 6.49 -6.92 -23.90
C ASP C 86 6.61 -7.10 -22.38
N ILE C 87 7.63 -6.48 -21.79
CA ILE C 87 8.02 -6.70 -20.36
C ILE C 87 8.17 -5.33 -19.69
N LEU C 88 7.44 -5.08 -18.60
CA LEU C 88 7.63 -3.88 -17.74
C LEU C 88 8.20 -4.33 -16.37
N ILE C 89 9.35 -3.80 -15.98
CA ILE C 89 9.98 -4.03 -14.65
C ILE C 89 9.86 -2.73 -13.87
N ASN C 90 8.84 -2.61 -13.02
CA ASN C 90 8.65 -1.49 -12.07
C ASN C 90 9.64 -1.70 -10.91
N ASN C 91 10.83 -1.12 -11.02
CA ASN C 91 11.98 -1.40 -10.11
C ASN C 91 12.39 -0.15 -9.32
N ALA C 92 12.08 1.05 -9.83
CA ALA C 92 12.50 2.34 -9.25
C ALA C 92 12.15 2.36 -7.77
N GLY C 93 13.10 2.72 -6.92
CA GLY C 93 12.79 2.86 -5.49
C GLY C 93 13.86 3.58 -4.73
N PHE C 94 13.63 3.72 -3.43
CA PHE C 94 14.57 4.33 -2.46
C PHE C 94 14.07 3.91 -1.08
N GLN C 95 14.86 4.19 -0.05
CA GLN C 95 14.56 3.79 1.34
C GLN C 95 14.72 5.01 2.25
N HIS C 96 13.84 5.14 3.24
CA HIS C 96 14.02 6.02 4.42
C HIS C 96 13.58 5.30 5.69
N VAL C 97 14.52 5.05 6.61
CA VAL C 97 14.30 4.31 7.89
C VAL C 97 14.12 5.32 9.04
N ALA C 98 12.99 5.27 9.75
CA ALA C 98 12.79 6.04 10.99
C ALA C 98 11.64 5.47 11.79
N PRO C 99 11.73 5.50 13.14
CA PRO C 99 10.54 5.43 13.98
C PRO C 99 9.37 6.26 13.42
N ILE C 100 8.16 5.76 13.52
CA ILE C 100 6.97 6.45 12.95
C ILE C 100 6.90 7.89 13.49
N GLU C 101 7.29 8.10 14.74
CA GLU C 101 7.22 9.45 15.35
C GLU C 101 8.14 10.41 14.58
N GLU C 102 9.32 9.96 14.12
CA GLU C 102 10.33 10.80 13.41
C GLU C 102 10.24 10.63 11.88
N PHE C 103 9.18 10.00 11.38
CA PHE C 103 9.02 9.66 9.93
C PHE C 103 8.24 10.80 9.31
N PRO C 104 8.86 11.71 8.52
CA PRO C 104 8.14 12.84 7.94
C PRO C 104 7.01 12.34 7.00
N THR C 105 5.79 12.84 7.18
CA THR C 105 4.63 12.43 6.38
C THR C 105 4.93 12.57 4.89
N ALA C 106 5.69 13.61 4.49
CA ALA C 106 6.03 13.89 3.07
C ALA C 106 6.89 12.74 2.54
N VAL C 107 7.82 12.22 3.34
CA VAL C 107 8.76 11.14 2.94
C VAL C 107 7.95 9.84 2.81
N PHE C 108 7.08 9.57 3.77
CA PHE C 108 6.12 8.44 3.73
C PHE C 108 5.37 8.50 2.39
N GLN C 109 4.81 9.67 2.05
CA GLN C 109 4.00 9.86 0.82
C GLN C 109 4.87 9.63 -0.42
N LYS C 110 6.11 10.08 -0.35
CA LYS C 110 7.06 10.04 -1.49
C LYS C 110 7.36 8.57 -1.79
N LEU C 111 7.75 7.80 -0.76
CA LEU C 111 8.03 6.34 -0.88
C LEU C 111 6.85 5.67 -1.57
N VAL C 112 5.62 5.98 -1.14
CA VAL C 112 4.37 5.38 -1.70
C VAL C 112 4.16 5.85 -3.14
N GLN C 113 4.42 7.12 -3.46
CA GLN C 113 4.24 7.71 -4.83
C GLN C 113 5.21 7.03 -5.79
N VAL C 114 6.45 6.80 -5.36
CA VAL C 114 7.47 6.23 -6.29
C VAL C 114 7.22 4.72 -6.47
N MET C 115 6.98 4.00 -5.38
CA MET C 115 7.05 2.51 -5.40
C MET C 115 5.66 1.90 -5.56
N LEU C 116 4.59 2.61 -5.21
CA LEU C 116 3.21 2.15 -5.49
C LEU C 116 2.65 2.91 -6.70
N THR C 117 2.55 4.26 -6.62
CA THR C 117 1.88 5.06 -7.69
C THR C 117 2.71 4.93 -8.97
N GLY C 118 4.02 4.99 -8.87
CA GLY C 118 4.91 4.82 -10.04
C GLY C 118 4.52 3.56 -10.78
N ALA C 119 4.32 2.45 -10.03
CA ALA C 119 4.01 1.12 -10.58
C ALA C 119 2.63 1.19 -11.26
N PHE C 120 1.65 1.81 -10.60
CA PHE C 120 0.29 1.98 -11.15
C PHE C 120 0.34 2.73 -12.49
N ILE C 121 1.20 3.76 -12.60
CA ILE C 121 1.34 4.61 -13.82
C ILE C 121 1.96 3.76 -14.95
N GLY C 122 3.03 3.04 -14.67
CA GLY C 122 3.65 2.13 -15.66
C GLY C 122 2.64 1.11 -16.18
N ILE C 123 1.91 0.49 -15.26
CA ILE C 123 0.94 -0.59 -15.61
C ILE C 123 -0.16 0.05 -16.47
N LYS C 124 -0.67 1.22 -16.07
CA LYS C 124 -1.83 1.86 -16.76
C LYS C 124 -1.43 2.16 -18.21
N HIS C 125 -0.16 2.49 -18.48
CA HIS C 125 0.28 2.95 -19.81
C HIS C 125 0.80 1.78 -20.66
N VAL C 126 1.16 0.63 -20.08
CA VAL C 126 1.58 -0.55 -20.89
C VAL C 126 0.40 -1.49 -21.09
N LEU C 127 -0.63 -1.46 -20.23
CA LEU C 127 -1.72 -2.46 -20.35
C LEU C 127 -2.37 -2.42 -21.73
N PRO C 128 -2.74 -1.24 -22.32
CA PRO C 128 -3.42 -1.21 -23.62
C PRO C 128 -2.57 -1.84 -24.74
N ILE C 129 -1.26 -1.57 -24.72
CA ILE C 129 -0.27 -2.13 -25.68
C ILE C 129 -0.23 -3.65 -25.52
N MET C 130 -0.08 -4.15 -24.29
CA MET C 130 0.04 -5.61 -24.03
C MET C 130 -1.29 -6.30 -24.33
N LYS C 131 -2.41 -5.63 -24.06
CA LYS C 131 -3.76 -6.24 -24.23
C LYS C 131 -4.05 -6.35 -25.74
N ALA C 132 -3.52 -5.42 -26.53
CA ALA C 132 -3.73 -5.35 -27.99
C ALA C 132 -2.99 -6.52 -28.64
N GLN C 133 -1.80 -6.86 -28.14
CA GLN C 133 -0.98 -7.96 -28.71
C GLN C 133 -1.26 -9.29 -27.98
N LYS C 134 -2.10 -9.28 -26.94
CA LYS C 134 -2.45 -10.50 -26.14
C LYS C 134 -1.18 -11.15 -25.58
N TYR C 135 -0.20 -10.36 -25.13
CA TYR C 135 1.05 -10.85 -24.51
C TYR C 135 1.67 -9.74 -23.65
N GLY C 136 1.97 -10.09 -22.40
CA GLY C 136 2.73 -9.19 -21.51
C GLY C 136 3.26 -9.91 -20.30
N ARG C 137 4.31 -9.30 -19.73
CA ARG C 137 4.97 -9.71 -18.47
C ARG C 137 5.22 -8.44 -17.67
N ILE C 138 4.50 -8.26 -16.56
CA ILE C 138 4.75 -7.12 -15.65
C ILE C 138 5.32 -7.71 -14.36
N ILE C 139 6.49 -7.24 -13.94
CA ILE C 139 7.12 -7.61 -12.65
C ILE C 139 7.30 -6.33 -11.84
N ASN C 140 6.55 -6.19 -10.75
CA ASN C 140 6.75 -5.17 -9.68
C ASN C 140 7.83 -5.68 -8.72
N MET C 141 8.99 -5.04 -8.73
CA MET C 141 10.06 -5.35 -7.75
C MET C 141 9.58 -4.90 -6.38
N ALA C 142 9.22 -5.86 -5.54
CA ALA C 142 8.67 -5.58 -4.20
C ALA C 142 9.79 -5.89 -3.20
N SER C 143 9.53 -6.73 -2.22
CA SER C 143 10.44 -7.05 -1.09
C SER C 143 9.66 -8.01 -0.21
N ILE C 144 10.33 -8.81 0.60
CA ILE C 144 9.67 -9.52 1.73
C ILE C 144 8.98 -8.49 2.64
N ASN C 145 9.39 -7.21 2.58
CA ASN C 145 8.74 -6.08 3.31
C ASN C 145 7.38 -5.76 2.68
N GLY C 146 7.02 -6.38 1.55
CA GLY C 146 5.64 -6.46 1.05
C GLY C 146 4.77 -7.47 1.79
N LEU C 147 5.40 -8.37 2.54
CA LEU C 147 4.74 -9.57 3.14
C LEU C 147 4.87 -9.55 4.67
N ILE C 148 5.96 -9.00 5.21
CA ILE C 148 6.12 -8.90 6.69
C ILE C 148 6.45 -7.46 7.10
N GLY C 149 6.36 -7.18 8.41
CA GLY C 149 6.70 -5.88 9.01
C GLY C 149 8.16 -5.82 9.40
N PHE C 150 8.71 -4.62 9.43
CA PHE C 150 10.06 -4.33 9.94
C PHE C 150 10.04 -2.93 10.57
N ALA C 151 10.58 -2.80 11.79
CA ALA C 151 10.57 -1.55 12.58
C ALA C 151 11.34 -0.46 11.80
N GLY C 152 10.76 0.73 11.70
CA GLY C 152 11.45 1.88 11.08
C GLY C 152 11.16 2.02 9.59
N LYS C 153 10.37 1.12 8.98
CA LYS C 153 10.14 1.13 7.51
C LYS C 153 8.67 1.36 7.20
N ALA C 154 7.98 2.20 7.98
CA ALA C 154 6.53 2.44 7.76
C ALA C 154 6.26 2.71 6.27
N GLY C 155 7.05 3.59 5.66
CA GLY C 155 6.84 4.08 4.29
C GLY C 155 7.11 2.99 3.29
N TYR C 156 8.27 2.36 3.42
CA TYR C 156 8.71 1.32 2.47
C TYR C 156 7.78 0.10 2.58
N ASN C 157 7.47 -0.34 3.79
CA ASN C 157 6.66 -1.58 3.96
C ASN C 157 5.23 -1.29 3.49
N SER C 158 4.74 -0.08 3.68
CA SER C 158 3.37 0.32 3.24
C SER C 158 3.34 0.33 1.71
N ALA C 159 4.37 0.87 1.08
CA ALA C 159 4.46 0.97 -0.39
C ALA C 159 4.50 -0.44 -0.98
N LYS C 160 5.43 -1.27 -0.49
CA LYS C 160 5.64 -2.66 -0.96
C LYS C 160 4.40 -3.54 -0.73
N HIS C 161 3.75 -3.46 0.44
CA HIS C 161 2.46 -4.15 0.69
C HIS C 161 1.48 -3.71 -0.39
N GLY C 162 1.37 -2.41 -0.64
CA GLY C 162 0.42 -1.85 -1.61
C GLY C 162 0.69 -2.33 -3.01
N VAL C 163 1.95 -2.45 -3.43
CA VAL C 163 2.28 -2.87 -4.82
C VAL C 163 1.95 -4.36 -5.01
N ILE C 164 1.92 -5.14 -3.93
CA ILE C 164 1.45 -6.55 -3.99
C ILE C 164 -0.07 -6.54 -4.22
N GLY C 165 -0.79 -5.62 -3.55
CA GLY C 165 -2.23 -5.40 -3.79
C GLY C 165 -2.48 -5.02 -5.24
N LEU C 166 -1.73 -4.04 -5.78
CA LEU C 166 -1.86 -3.56 -7.17
C LEU C 166 -1.57 -4.73 -8.11
N THR C 167 -0.55 -5.51 -7.79
CA THR C 167 -0.12 -6.70 -8.57
C THR C 167 -1.29 -7.68 -8.74
N LYS C 168 -2.01 -8.01 -7.67
CA LYS C 168 -3.10 -9.02 -7.72
C LYS C 168 -4.29 -8.44 -8.49
N VAL C 169 -4.61 -7.14 -8.30
CA VAL C 169 -5.71 -6.46 -9.04
C VAL C 169 -5.38 -6.50 -10.54
N ALA C 170 -4.16 -6.14 -10.89
CA ALA C 170 -3.74 -5.99 -12.30
C ALA C 170 -3.84 -7.35 -12.95
N ALA C 171 -3.42 -8.40 -12.21
CA ALA C 171 -3.36 -9.78 -12.70
C ALA C 171 -4.76 -10.23 -13.10
N LEU C 172 -5.73 -9.96 -12.22
CA LEU C 172 -7.12 -10.38 -12.42
C LEU C 172 -7.71 -9.66 -13.62
N GLU C 173 -7.28 -8.42 -13.89
CA GLU C 173 -7.83 -7.58 -15.00
C GLU C 173 -7.24 -7.98 -16.35
N CYS C 174 -6.08 -8.62 -16.41
CA CYS C 174 -5.50 -9.04 -17.72
C CYS C 174 -5.29 -10.56 -17.80
N ALA C 175 -5.90 -11.34 -16.90
CA ALA C 175 -5.67 -12.80 -16.79
C ALA C 175 -5.98 -13.50 -18.13
N ARG C 176 -7.04 -13.06 -18.82
CA ARG C 176 -7.52 -13.67 -20.10
C ARG C 176 -6.77 -13.09 -21.30
N ASP C 177 -5.87 -12.13 -21.11
CA ASP C 177 -5.27 -11.33 -22.20
C ASP C 177 -3.82 -11.75 -22.47
N GLY C 178 -3.37 -12.89 -21.98
CA GLY C 178 -1.98 -13.36 -22.24
C GLY C 178 -0.93 -12.54 -21.49
N ILE C 179 -1.35 -11.86 -20.41
CA ILE C 179 -0.48 -11.00 -19.55
C ILE C 179 -0.42 -11.58 -18.13
N THR C 180 0.79 -11.66 -17.59
CA THR C 180 1.02 -11.95 -16.16
C THR C 180 1.53 -10.70 -15.43
N VAL C 181 1.17 -10.59 -14.16
CA VAL C 181 1.57 -9.50 -13.24
C VAL C 181 1.96 -10.18 -11.92
N ASN C 182 3.25 -10.11 -11.60
CA ASN C 182 3.82 -10.75 -10.40
C ASN C 182 4.67 -9.71 -9.68
N ALA C 183 4.77 -9.83 -8.37
CA ALA C 183 5.66 -9.04 -7.50
C ALA C 183 6.84 -9.93 -7.11
N LEU C 184 8.01 -9.62 -7.63
CA LEU C 184 9.22 -10.34 -7.20
C LEU C 184 9.64 -9.75 -5.85
N CYS C 185 9.74 -10.59 -4.82
CA CYS C 185 10.02 -10.12 -3.43
C CYS C 185 11.38 -10.60 -2.92
N PRO C 186 12.47 -9.85 -3.12
CA PRO C 186 13.76 -10.24 -2.56
C PRO C 186 13.83 -10.00 -1.04
N GLY C 187 14.70 -10.76 -0.38
CA GLY C 187 15.29 -10.35 0.92
C GLY C 187 16.49 -9.46 0.66
N TYR C 188 17.47 -9.48 1.56
CA TYR C 188 18.70 -8.67 1.48
C TYR C 188 19.51 -9.11 0.26
N VAL C 189 19.77 -8.17 -0.62
CA VAL C 189 20.57 -8.36 -1.88
C VAL C 189 21.83 -7.52 -1.76
N ASP C 190 22.94 -8.05 -2.26
CA ASP C 190 24.27 -7.39 -2.26
C ASP C 190 24.26 -6.32 -3.34
N THR C 191 23.87 -5.12 -2.93
CA THR C 191 23.72 -3.92 -3.79
C THR C 191 24.42 -2.75 -3.12
N PRO C 192 24.81 -1.71 -3.89
CA PRO C 192 25.21 -0.43 -3.31
C PRO C 192 24.31 -0.04 -2.12
N LEU C 193 22.99 -0.11 -2.28
CA LEU C 193 22.03 0.33 -1.22
C LEU C 193 22.40 -0.40 0.09
N VAL C 194 22.48 -1.73 0.07
CA VAL C 194 22.74 -2.56 1.28
C VAL C 194 24.19 -2.38 1.76
N ARG C 195 25.18 -2.40 0.87
CA ARG C 195 26.59 -2.13 1.25
C ARG C 195 26.69 -0.79 1.99
N GLY C 196 25.88 0.18 1.57
CA GLY C 196 25.72 1.48 2.25
C GLY C 196 25.21 1.28 3.67
N GLN C 197 24.09 0.55 3.81
CA GLN C 197 23.43 0.23 5.11
C GLN C 197 24.36 -0.58 6.03
N ILE C 198 25.19 -1.48 5.51
CA ILE C 198 26.19 -2.23 6.34
C ILE C 198 27.22 -1.24 6.91
N ALA C 199 27.74 -0.35 6.05
CA ALA C 199 28.69 0.73 6.43
C ALA C 199 28.08 1.64 7.51
N ASP C 200 26.83 2.06 7.32
CA ASP C 200 26.02 2.85 8.29
C ASP C 200 25.99 2.14 9.65
N LEU C 201 25.39 0.95 9.70
CA LEU C 201 25.23 0.09 10.92
C LEU C 201 26.61 -0.10 11.61
N ALA C 202 27.68 -0.26 10.83
CA ALA C 202 29.06 -0.50 11.31
C ALA C 202 29.60 0.71 12.08
N LYS C 203 29.36 1.93 11.57
CA LYS C 203 29.70 3.21 12.27
C LYS C 203 28.77 3.35 13.50
N THR C 204 27.44 3.35 13.30
CA THR C 204 26.39 3.56 14.35
C THR C 204 26.61 2.64 15.56
N ARG C 205 27.07 1.40 15.35
CA ARG C 205 27.28 0.38 16.42
C ARG C 205 28.76 0.18 16.72
N ASN C 206 29.64 0.89 16.00
CA ASN C 206 31.12 0.83 16.16
C ASN C 206 31.60 -0.63 16.09
N VAL C 207 31.14 -1.37 15.07
CA VAL C 207 31.46 -2.81 14.81
C VAL C 207 32.18 -2.91 13.46
N SER C 208 32.82 -4.04 13.17
CA SER C 208 33.35 -4.37 11.83
C SER C 208 32.20 -4.31 10.80
N LEU C 209 32.55 -4.14 9.52
CA LEU C 209 31.62 -4.30 8.37
C LEU C 209 31.09 -5.74 8.36
N ASP C 210 31.97 -6.70 8.71
CA ASP C 210 31.64 -8.15 8.76
C ASP C 210 30.58 -8.39 9.85
N SER C 211 30.79 -7.87 11.06
CA SER C 211 29.88 -8.08 12.22
C SER C 211 28.53 -7.42 11.93
N ALA C 212 28.54 -6.20 11.39
CA ALA C 212 27.32 -5.47 10.98
C ALA C 212 26.51 -6.36 10.03
N LEU C 213 27.17 -7.04 9.11
CA LEU C 213 26.51 -7.93 8.12
C LEU C 213 26.11 -9.25 8.79
N GLU C 214 27.05 -9.97 9.41
CA GLU C 214 26.84 -11.38 9.85
C GLU C 214 25.86 -11.42 11.03
N ASP C 215 25.90 -10.42 11.91
CA ASP C 215 25.33 -10.51 13.28
C ASP C 215 24.09 -9.61 13.41
N VAL C 216 23.98 -8.52 12.65
CA VAL C 216 22.77 -7.65 12.66
C VAL C 216 21.95 -7.90 11.39
N ILE C 217 22.50 -7.56 10.22
CA ILE C 217 21.76 -7.60 8.91
C ILE C 217 21.22 -9.01 8.67
N LEU C 218 22.07 -10.05 8.82
CA LEU C 218 21.77 -11.44 8.40
C LEU C 218 21.30 -12.32 9.58
N ALA C 219 20.97 -11.75 10.75
CA ALA C 219 20.57 -12.56 11.93
C ALA C 219 19.20 -13.22 11.71
N MET C 220 18.39 -12.69 10.79
CA MET C 220 17.02 -13.18 10.49
C MET C 220 16.97 -13.95 9.15
N VAL C 221 18.12 -14.12 8.46
CA VAL C 221 18.24 -14.84 7.16
C VAL C 221 18.79 -16.23 7.47
N PRO C 222 17.95 -17.29 7.39
CA PRO C 222 18.43 -18.67 7.61
C PRO C 222 19.67 -19.06 6.80
N GLN C 223 19.80 -18.62 5.55
CA GLN C 223 21.00 -18.94 4.73
C GLN C 223 22.21 -18.10 5.14
N LYS C 224 22.03 -17.11 6.01
CA LYS C 224 23.15 -16.26 6.48
CA LYS C 224 23.12 -16.22 6.48
C LYS C 224 23.98 -15.78 5.28
N ARG C 225 23.34 -15.26 4.23
CA ARG C 225 24.09 -14.64 3.11
C ARG C 225 23.23 -13.57 2.44
N LEU C 226 23.91 -12.60 1.83
CA LEU C 226 23.28 -11.66 0.87
C LEU C 226 23.03 -12.42 -0.43
N LEU C 227 21.85 -12.20 -1.00
CA LEU C 227 21.52 -12.61 -2.39
C LEU C 227 22.35 -11.76 -3.36
N SER C 228 22.83 -12.35 -4.44
CA SER C 228 23.50 -11.59 -5.52
C SER C 228 22.41 -10.96 -6.41
N VAL C 229 22.71 -9.84 -7.06
CA VAL C 229 21.82 -9.22 -8.09
C VAL C 229 21.57 -10.22 -9.24
N GLU C 230 22.52 -11.11 -9.54
CA GLU C 230 22.34 -12.13 -10.60
C GLU C 230 21.23 -13.13 -10.22
N GLU C 231 21.14 -13.53 -8.95
CA GLU C 231 20.08 -14.45 -8.49
C GLU C 231 18.71 -13.78 -8.73
N ILE C 232 18.59 -12.49 -8.42
CA ILE C 232 17.31 -11.74 -8.58
C ILE C 232 16.99 -11.72 -10.07
N ALA C 233 18.00 -11.43 -10.88
CA ALA C 233 17.87 -11.33 -12.36
C ALA C 233 17.42 -12.67 -12.94
N ASP C 234 17.93 -13.81 -12.43
CA ASP C 234 17.58 -15.17 -12.92
C ASP C 234 16.10 -15.45 -12.65
N TYR C 235 15.59 -15.08 -11.48
CA TYR C 235 14.16 -15.25 -11.20
C TYR C 235 13.36 -14.29 -12.09
N ALA C 236 13.78 -13.03 -12.24
CA ALA C 236 13.15 -12.03 -13.13
C ALA C 236 13.07 -12.60 -14.57
N ILE C 237 14.16 -13.13 -15.12
CA ILE C 237 14.17 -13.74 -16.46
C ILE C 237 13.12 -14.86 -16.53
N PHE C 238 13.08 -15.75 -15.54
CA PHE C 238 12.11 -16.89 -15.59
C PHE C 238 10.68 -16.31 -15.68
N LEU C 239 10.34 -15.39 -14.78
CA LEU C 239 8.96 -14.83 -14.68
C LEU C 239 8.63 -14.00 -15.93
N ALA C 240 9.64 -13.37 -16.52
CA ALA C 240 9.50 -12.50 -17.72
C ALA C 240 9.48 -13.34 -19.00
N SER C 241 9.75 -14.64 -18.93
CA SER C 241 9.90 -15.51 -20.12
C SER C 241 8.54 -16.09 -20.54
N SER C 242 8.46 -16.62 -21.75
CA SER C 242 7.26 -17.31 -22.30
C SER C 242 6.93 -18.57 -21.46
N LYS C 243 7.89 -19.11 -20.71
CA LYS C 243 7.74 -20.36 -19.93
C LYS C 243 6.92 -20.15 -18.64
N ALA C 244 6.70 -18.90 -18.23
CA ALA C 244 6.03 -18.55 -16.94
C ALA C 244 4.64 -17.93 -17.14
N GLY C 245 3.95 -18.26 -18.25
CA GLY C 245 2.62 -17.72 -18.59
C GLY C 245 1.52 -18.07 -17.60
N GLY C 246 1.70 -19.17 -16.83
CA GLY C 246 0.75 -19.67 -15.83
C GLY C 246 0.99 -19.10 -14.43
N VAL C 247 2.07 -18.32 -14.23
CA VAL C 247 2.35 -17.59 -12.95
C VAL C 247 1.79 -16.17 -13.06
N THR C 248 0.76 -15.84 -12.27
CA THR C 248 0.21 -14.46 -12.21
C THR C 248 -0.47 -14.21 -10.86
N GLY C 249 -0.35 -12.97 -10.39
CA GLY C 249 -1.01 -12.48 -9.17
C GLY C 249 -0.23 -12.91 -7.94
N GLN C 250 1.07 -13.20 -8.11
CA GLN C 250 1.90 -13.84 -7.05
C GLN C 250 2.96 -12.89 -6.50
N ALA C 251 3.13 -12.92 -5.17
CA ALA C 251 4.30 -12.42 -4.44
C ALA C 251 5.30 -13.56 -4.46
N VAL C 252 6.25 -13.48 -5.38
CA VAL C 252 7.24 -14.55 -5.67
C VAL C 252 8.47 -14.27 -4.81
N VAL C 253 8.80 -15.15 -3.89
CA VAL C 253 9.74 -14.83 -2.77
C VAL C 253 11.08 -15.52 -3.00
N MET C 254 12.14 -14.72 -2.98
CA MET C 254 13.56 -15.17 -3.03
CA MET C 254 13.55 -15.19 -3.02
C MET C 254 14.29 -14.51 -1.86
N ASP C 255 14.40 -15.20 -0.71
CA ASP C 255 14.76 -14.50 0.56
C ASP C 255 15.64 -15.32 1.50
N GLY C 256 16.41 -16.29 1.01
CA GLY C 256 17.22 -17.24 1.82
C GLY C 256 16.49 -17.79 3.05
N GLY C 257 15.16 -17.86 3.01
CA GLY C 257 14.33 -18.54 4.03
C GLY C 257 13.72 -17.60 5.03
N TYR C 258 13.80 -16.28 4.81
CA TYR C 258 13.46 -15.25 5.83
C TYR C 258 12.01 -15.49 6.27
N THR C 259 11.11 -15.64 5.31
CA THR C 259 9.65 -15.63 5.54
C THR C 259 9.20 -17.03 5.99
N ALA C 260 10.10 -18.02 5.94
CA ALA C 260 9.87 -19.41 6.40
C ALA C 260 9.82 -19.45 7.93
N GLN C 261 10.49 -18.51 8.62
CA GLN C 261 10.52 -18.37 10.09
C GLN C 261 9.48 -17.36 10.61
N MET D 1 -24.75 -6.97 32.98
CA MET D 1 -23.93 -6.52 31.80
C MET D 1 -22.50 -6.17 32.26
N THR D 2 -21.56 -6.06 31.32
CA THR D 2 -20.19 -5.53 31.59
C THR D 2 -19.82 -4.48 30.54
N LYS D 3 -18.83 -3.65 30.89
CA LYS D 3 -18.36 -2.50 30.11
C LYS D 3 -16.94 -2.85 29.68
N LEU D 4 -16.80 -3.52 28.54
CA LEU D 4 -15.52 -4.12 28.08
C LEU D 4 -14.50 -3.02 27.79
N LEU D 5 -14.92 -1.75 27.63
CA LEU D 5 -14.02 -0.61 27.33
C LEU D 5 -14.13 0.51 28.40
N ASP D 6 -14.57 0.17 29.61
CA ASP D 6 -14.72 1.12 30.75
C ASP D 6 -13.39 1.87 30.95
N GLY D 7 -13.44 3.19 31.07
CA GLY D 7 -12.25 4.02 31.34
C GLY D 7 -11.37 4.28 30.13
N LYS D 8 -11.82 3.90 28.91
CA LYS D 8 -11.01 4.08 27.68
C LYS D 8 -11.63 5.16 26.79
N VAL D 9 -10.77 5.90 26.10
CA VAL D 9 -11.13 6.98 25.13
C VAL D 9 -10.90 6.42 23.73
N ALA D 10 -11.94 6.36 22.90
CA ALA D 10 -11.85 5.82 21.52
C ALA D 10 -12.05 6.95 20.49
N PHE D 11 -11.01 7.22 19.70
CA PHE D 11 -11.05 8.14 18.53
C PHE D 11 -11.35 7.31 17.27
N ILE D 12 -12.46 7.59 16.62
CA ILE D 12 -12.91 6.80 15.44
C ILE D 12 -13.04 7.74 14.25
N THR D 13 -12.16 7.61 13.26
CA THR D 13 -12.28 8.36 11.99
C THR D 13 -13.40 7.76 11.18
N GLY D 14 -14.07 8.58 10.38
CA GLY D 14 -15.16 8.15 9.49
C GLY D 14 -16.36 7.68 10.26
N SER D 15 -16.60 8.18 11.47
CA SER D 15 -17.63 7.63 12.39
C SER D 15 -19.00 8.31 12.27
N ALA D 16 -19.25 9.09 11.23
CA ALA D 16 -20.59 9.73 11.00
C ALA D 16 -21.53 8.80 10.22
N SER D 17 -21.03 7.73 9.61
CA SER D 17 -21.87 6.73 8.90
C SER D 17 -21.35 5.30 9.06
N GLY D 18 -22.14 4.33 8.61
CA GLY D 18 -21.81 2.90 8.39
C GLY D 18 -21.04 2.28 9.54
N ILE D 19 -19.94 1.60 9.22
CA ILE D 19 -19.19 0.75 10.18
C ILE D 19 -18.64 1.62 11.33
N GLY D 20 -18.09 2.80 11.02
CA GLY D 20 -17.52 3.75 12.02
C GLY D 20 -18.57 4.13 13.03
N LEU D 21 -19.79 4.40 12.55
CA LEU D 21 -20.94 4.85 13.37
C LEU D 21 -21.39 3.72 14.29
N GLU D 22 -21.44 2.47 13.81
CA GLU D 22 -21.84 1.31 14.66
C GLU D 22 -20.76 1.10 15.73
N ILE D 23 -19.51 1.16 15.33
CA ILE D 23 -18.35 1.03 16.28
C ILE D 23 -18.46 2.08 17.38
N ALA D 24 -18.78 3.33 17.03
CA ALA D 24 -18.89 4.46 17.97
C ALA D 24 -20.02 4.16 18.94
N LYS D 25 -21.21 3.76 18.44
CA LYS D 25 -22.41 3.47 19.27
C LYS D 25 -22.13 2.29 20.20
N LYS D 26 -21.40 1.28 19.72
CA LYS D 26 -21.19 0.02 20.49
C LYS D 26 -20.07 0.23 21.51
N PHE D 27 -18.98 0.91 21.12
CA PHE D 27 -17.89 1.34 22.02
C PHE D 27 -18.49 2.12 23.20
N ALA D 28 -19.42 3.03 22.93
CA ALA D 28 -20.12 3.84 23.97
C ALA D 28 -20.86 2.90 24.94
N GLN D 29 -21.64 1.96 24.41
CA GLN D 29 -22.37 0.93 25.23
C GLN D 29 -21.39 0.10 26.06
N GLU D 30 -20.15 -0.10 25.61
CA GLU D 30 -19.09 -0.80 26.38
C GLU D 30 -18.33 0.19 27.30
N GLY D 31 -18.82 1.42 27.44
CA GLY D 31 -18.37 2.39 28.46
C GLY D 31 -17.16 3.18 28.02
N ALA D 32 -16.83 3.15 26.73
CA ALA D 32 -15.80 4.04 26.15
C ALA D 32 -16.37 5.45 26.02
N LYS D 33 -15.51 6.43 26.21
CA LYS D 33 -15.72 7.81 25.71
C LYS D 33 -15.28 7.80 24.24
N VAL D 34 -16.18 8.21 23.35
CA VAL D 34 -16.02 8.11 21.88
C VAL D 34 -15.94 9.52 21.27
N VAL D 35 -14.98 9.69 20.35
CA VAL D 35 -14.81 10.89 19.50
C VAL D 35 -15.26 10.50 18.09
N ILE D 36 -16.38 11.08 17.66
CA ILE D 36 -16.94 11.07 16.28
C ILE D 36 -16.16 12.08 15.47
N SER D 37 -15.30 11.60 14.56
CA SER D 37 -14.55 12.43 13.59
C SER D 37 -14.99 12.00 12.20
N ASP D 38 -15.33 12.96 11.33
CA ASP D 38 -15.71 12.72 9.90
C ASP D 38 -15.44 14.01 9.10
N MET D 39 -15.43 13.93 7.76
CA MET D 39 -15.50 15.08 6.81
C MET D 39 -16.68 15.96 7.23
N ASN D 40 -17.88 15.38 7.20
CA ASN D 40 -19.15 16.14 7.35
C ASN D 40 -19.27 16.53 8.83
N ALA D 41 -18.85 17.76 9.15
CA ALA D 41 -18.84 18.33 10.51
C ALA D 41 -20.28 18.43 11.04
N GLU D 42 -21.26 18.52 10.13
CA GLU D 42 -22.71 18.55 10.46
C GLU D 42 -23.13 17.21 11.09
N LYS D 43 -22.87 16.09 10.40
CA LYS D 43 -23.31 14.73 10.81
C LYS D 43 -22.57 14.35 12.12
N CYS D 44 -21.31 14.76 12.28
CA CYS D 44 -20.51 14.55 13.52
C CYS D 44 -21.18 15.18 14.73
N GLN D 45 -21.57 16.45 14.62
CA GLN D 45 -22.20 17.24 15.71
C GLN D 45 -23.51 16.55 16.09
N GLU D 46 -24.29 16.15 15.09
CA GLU D 46 -25.61 15.48 15.27
C GLU D 46 -25.38 14.10 15.89
N THR D 47 -24.40 13.34 15.40
CA THR D 47 -24.05 11.99 15.92
C THR D 47 -23.66 12.11 17.39
N ALA D 48 -22.66 12.93 17.71
CA ALA D 48 -22.14 13.12 19.07
C ALA D 48 -23.29 13.56 19.98
N ASN D 49 -24.12 14.50 19.52
CA ASN D 49 -25.25 15.05 20.33
C ASN D 49 -26.27 13.93 20.60
N SER D 50 -26.62 13.11 19.61
CA SER D 50 -27.58 11.99 19.80
C SER D 50 -27.01 10.99 20.82
N LEU D 51 -25.72 10.65 20.72
CA LEU D 51 -25.05 9.81 21.75
C LEU D 51 -25.20 10.48 23.12
N LYS D 52 -24.97 11.79 23.22
CA LYS D 52 -25.01 12.51 24.52
C LYS D 52 -26.44 12.41 25.10
N GLU D 53 -27.46 12.51 24.25
CA GLU D 53 -28.88 12.39 24.67
C GLU D 53 -29.17 10.99 25.23
N GLN D 54 -28.37 9.98 24.87
CA GLN D 54 -28.54 8.58 25.31
C GLN D 54 -27.59 8.28 26.47
N GLY D 55 -27.04 9.33 27.10
CA GLY D 55 -26.27 9.21 28.36
C GLY D 55 -24.82 8.83 28.14
N PHE D 56 -24.33 8.87 26.90
CA PHE D 56 -22.92 8.54 26.55
C PHE D 56 -22.06 9.81 26.52
N ASP D 57 -20.77 9.63 26.79
CA ASP D 57 -19.68 10.63 26.65
C ASP D 57 -19.16 10.63 25.22
N ALA D 58 -19.58 11.61 24.44
CA ALA D 58 -19.16 11.76 23.03
C ALA D 58 -18.69 13.19 22.80
N LEU D 59 -17.66 13.35 21.97
CA LEU D 59 -17.09 14.61 21.47
C LEU D 59 -17.21 14.59 19.95
N SER D 60 -17.59 15.71 19.36
CA SER D 60 -17.51 15.96 17.90
C SER D 60 -16.14 16.57 17.62
N ALA D 61 -15.27 15.85 16.91
CA ALA D 61 -13.95 16.36 16.50
C ALA D 61 -13.77 16.09 15.00
N PRO D 62 -14.53 16.80 14.13
CA PRO D 62 -14.46 16.64 12.68
C PRO D 62 -13.04 16.88 12.16
N CYS D 63 -12.65 16.12 11.14
CA CYS D 63 -11.41 16.41 10.39
C CYS D 63 -11.38 15.56 9.12
N ASP D 64 -10.65 16.05 8.15
CA ASP D 64 -10.27 15.27 6.95
C ASP D 64 -8.95 14.61 7.34
N VAL D 65 -8.91 13.27 7.36
CA VAL D 65 -7.76 12.47 7.85
C VAL D 65 -6.55 12.76 6.96
N THR D 66 -6.74 13.29 5.75
CA THR D 66 -5.62 13.67 4.83
C THR D 66 -5.04 15.02 5.26
N ASP D 67 -5.75 15.76 6.13
CA ASP D 67 -5.30 17.08 6.66
C ASP D 67 -4.58 16.81 7.99
N GLU D 68 -3.27 16.57 7.95
CA GLU D 68 -2.48 16.17 9.14
C GLU D 68 -2.65 17.22 10.23
N ASP D 69 -2.76 18.50 9.86
CA ASP D 69 -2.88 19.64 10.81
C ASP D 69 -4.23 19.55 11.53
N ALA D 70 -5.30 19.25 10.82
CA ALA D 70 -6.65 19.12 11.40
C ALA D 70 -6.74 17.82 12.22
N TYR D 71 -6.03 16.77 11.80
CA TYR D 71 -6.04 15.47 12.50
C TYR D 71 -5.35 15.67 13.84
N LYS D 72 -4.14 16.22 13.80
CA LYS D 72 -3.33 16.54 15.00
C LYS D 72 -4.19 17.35 15.98
N GLN D 73 -4.99 18.32 15.50
CA GLN D 73 -5.79 19.22 16.39
C GLN D 73 -7.00 18.44 16.92
N ALA D 74 -7.56 17.52 16.14
CA ALA D 74 -8.66 16.64 16.61
C ALA D 74 -8.15 15.73 17.74
N ILE D 75 -6.90 15.25 17.65
CA ILE D 75 -6.27 14.41 18.72
C ILE D 75 -6.07 15.30 19.96
N GLU D 76 -5.55 16.51 19.76
CA GLU D 76 -5.30 17.50 20.85
C GLU D 76 -6.62 17.83 21.56
N LEU D 77 -7.69 18.06 20.80
CA LEU D 77 -9.03 18.38 21.35
C LEU D 77 -9.48 17.20 22.22
N THR D 78 -9.12 15.97 21.84
CA THR D 78 -9.53 14.73 22.56
C THR D 78 -8.79 14.66 23.89
N GLN D 79 -7.47 14.78 23.87
CA GLN D 79 -6.61 14.96 25.08
C GLN D 79 -7.20 16.05 25.99
N LYS D 80 -7.48 17.24 25.47
CA LYS D 80 -8.03 18.35 26.28
C LYS D 80 -9.33 17.87 26.93
N THR D 81 -10.18 17.10 26.22
CA THR D 81 -11.58 16.84 26.65
C THR D 81 -11.62 15.63 27.58
N PHE D 82 -10.92 14.55 27.24
CA PHE D 82 -11.00 13.24 27.95
C PHE D 82 -9.68 12.87 28.64
N GLY D 83 -8.58 13.56 28.37
CA GLY D 83 -7.31 13.35 29.10
C GLY D 83 -6.28 12.57 28.31
N THR D 84 -6.69 11.70 27.37
CA THR D 84 -5.79 10.76 26.64
C THR D 84 -6.53 10.16 25.44
N VAL D 85 -5.81 9.41 24.59
CA VAL D 85 -6.39 8.47 23.58
C VAL D 85 -5.88 7.05 23.90
N ASP D 86 -6.79 6.13 24.23
CA ASP D 86 -6.46 4.70 24.51
C ASP D 86 -6.63 3.84 23.25
N ILE D 87 -7.65 4.14 22.43
CA ILE D 87 -8.07 3.36 21.22
C ILE D 87 -8.19 4.33 20.03
N LEU D 88 -7.41 4.11 18.97
CA LEU D 88 -7.58 4.72 17.63
C LEU D 88 -8.16 3.70 16.65
N ILE D 89 -9.27 4.05 16.01
CA ILE D 89 -9.91 3.28 14.91
C ILE D 89 -9.78 4.12 13.65
N ASN D 90 -8.86 3.71 12.77
CA ASN D 90 -8.65 4.33 11.44
C ASN D 90 -9.64 3.69 10.47
N ASN D 91 -10.78 4.34 10.26
CA ASN D 91 -11.95 3.74 9.57
C ASN D 91 -12.36 4.55 8.33
N ALA D 92 -11.99 5.84 8.26
CA ALA D 92 -12.36 6.73 7.13
C ALA D 92 -11.84 6.11 5.83
N GLY D 93 -12.70 6.09 4.82
CA GLY D 93 -12.33 5.60 3.49
C GLY D 93 -13.42 5.93 2.49
N PHE D 94 -13.17 5.59 1.24
CA PHE D 94 -14.18 5.65 0.17
C PHE D 94 -13.77 4.64 -0.91
N GLN D 95 -14.60 4.52 -1.96
CA GLN D 95 -14.43 3.51 -3.03
C GLN D 95 -14.52 4.19 -4.40
N HIS D 96 -13.65 3.82 -5.34
CA HIS D 96 -13.77 4.15 -6.78
C HIS D 96 -13.36 2.94 -7.63
N VAL D 97 -14.34 2.32 -8.30
CA VAL D 97 -14.19 1.08 -9.12
C VAL D 97 -14.11 1.50 -10.58
N ALA D 98 -13.05 1.09 -11.27
CA ALA D 98 -12.82 1.31 -12.71
C ALA D 98 -11.70 0.38 -13.17
N PRO D 99 -11.71 -0.14 -14.41
CA PRO D 99 -10.57 -0.83 -14.97
C PRO D 99 -9.36 0.08 -14.78
N ILE D 100 -8.18 -0.50 -14.64
CA ILE D 100 -6.92 0.29 -14.46
C ILE D 100 -6.80 1.35 -15.56
N GLU D 101 -7.12 1.03 -16.83
CA GLU D 101 -6.84 1.97 -17.95
C GLU D 101 -7.72 3.23 -17.82
N GLU D 102 -8.92 3.11 -17.25
CA GLU D 102 -9.88 4.23 -17.05
C GLU D 102 -9.85 4.74 -15.60
N PHE D 103 -8.88 4.30 -14.79
CA PHE D 103 -8.72 4.62 -13.34
C PHE D 103 -7.89 5.90 -13.23
N PRO D 104 -8.48 7.08 -12.92
CA PRO D 104 -7.69 8.31 -12.89
C PRO D 104 -6.62 8.16 -11.79
N THR D 105 -5.38 8.50 -12.14
CA THR D 105 -4.21 8.49 -11.26
C THR D 105 -4.49 9.26 -9.97
N ALA D 106 -5.11 10.44 -10.07
CA ALA D 106 -5.40 11.31 -8.90
C ALA D 106 -6.38 10.57 -7.97
N VAL D 107 -7.35 9.84 -8.51
CA VAL D 107 -8.35 9.09 -7.71
C VAL D 107 -7.61 7.93 -7.03
N PHE D 108 -6.67 7.29 -7.74
CA PHE D 108 -5.79 6.24 -7.16
C PHE D 108 -5.02 6.86 -5.98
N GLN D 109 -4.46 8.06 -6.17
CA GLN D 109 -3.61 8.73 -5.16
CA GLN D 109 -3.63 8.76 -5.17
C GLN D 109 -4.50 9.11 -3.96
N LYS D 110 -5.70 9.60 -4.21
CA LYS D 110 -6.64 10.04 -3.15
C LYS D 110 -7.02 8.82 -2.31
N LEU D 111 -7.42 7.70 -2.93
CA LEU D 111 -7.80 6.47 -2.19
C LEU D 111 -6.66 6.09 -1.24
N VAL D 112 -5.43 6.11 -1.75
CA VAL D 112 -4.21 5.81 -0.95
C VAL D 112 -4.00 6.86 0.14
N GLN D 113 -4.24 8.14 -0.14
CA GLN D 113 -4.01 9.22 0.84
C GLN D 113 -5.03 9.05 1.98
N VAL D 114 -6.30 8.78 1.67
CA VAL D 114 -7.35 8.72 2.73
C VAL D 114 -7.14 7.47 3.59
N MET D 115 -6.89 6.31 2.97
CA MET D 115 -7.02 5.01 3.67
C MET D 115 -5.66 4.49 4.15
N LEU D 116 -4.56 4.95 3.57
CA LEU D 116 -3.19 4.57 3.98
C LEU D 116 -2.56 5.73 4.74
N THR D 117 -2.32 6.86 4.06
CA THR D 117 -1.59 8.01 4.65
C THR D 117 -2.43 8.50 5.84
N GLY D 118 -3.73 8.56 5.71
CA GLY D 118 -4.64 8.93 6.81
C GLY D 118 -4.41 8.09 8.06
N ALA D 119 -4.34 6.77 7.94
CA ALA D 119 -4.05 5.84 9.05
C ALA D 119 -2.63 6.10 9.59
N PHE D 120 -1.65 6.33 8.73
CA PHE D 120 -0.28 6.70 9.17
C PHE D 120 -0.26 7.97 10.05
N ILE D 121 -0.96 9.03 9.63
CA ILE D 121 -1.00 10.33 10.34
C ILE D 121 -1.61 10.12 11.72
N GLY D 122 -2.74 9.43 11.80
CA GLY D 122 -3.41 9.04 13.06
C GLY D 122 -2.46 8.31 14.00
N ILE D 123 -1.62 7.42 13.47
CA ILE D 123 -0.79 6.51 14.30
C ILE D 123 0.34 7.36 14.88
N LYS D 124 0.99 8.14 14.03
CA LYS D 124 2.12 9.01 14.39
C LYS D 124 1.71 9.93 15.55
N HIS D 125 0.47 10.42 15.59
CA HIS D 125 0.02 11.42 16.59
C HIS D 125 -0.65 10.78 17.83
N VAL D 126 -0.96 9.47 17.83
CA VAL D 126 -1.47 8.78 19.05
C VAL D 126 -0.33 8.00 19.72
N LEU D 127 0.68 7.61 18.97
CA LEU D 127 1.77 6.75 19.48
C LEU D 127 2.37 7.34 20.75
N PRO D 128 2.79 8.64 20.78
CA PRO D 128 3.44 9.19 21.97
C PRO D 128 2.50 9.19 23.19
N ILE D 129 1.19 9.43 22.99
CA ILE D 129 0.15 9.47 24.07
C ILE D 129 0.07 8.07 24.67
N MET D 130 -0.05 7.07 23.80
CA MET D 130 -0.21 5.64 24.20
C MET D 130 1.10 5.15 24.82
N LYS D 131 2.26 5.53 24.28
CA LYS D 131 3.55 4.98 24.77
C LYS D 131 3.84 5.52 26.18
N ALA D 132 3.53 6.78 26.44
CA ALA D 132 3.77 7.41 27.76
C ALA D 132 2.93 6.71 28.84
N GLN D 133 1.74 6.17 28.49
CA GLN D 133 0.84 5.44 29.44
C GLN D 133 1.03 3.91 29.34
N LYS D 134 1.97 3.44 28.52
CA LYS D 134 2.20 2.01 28.24
C LYS D 134 0.86 1.29 27.99
N TYR D 135 -0.04 1.91 27.25
CA TYR D 135 -1.30 1.22 26.84
C TYR D 135 -1.84 1.84 25.56
N GLY D 136 -2.26 0.96 24.64
CA GLY D 136 -2.89 1.41 23.39
C GLY D 136 -3.51 0.27 22.61
N ARG D 137 -4.57 0.61 21.88
CA ARG D 137 -5.21 -0.27 20.87
C ARG D 137 -5.35 0.52 19.58
N ILE D 138 -4.62 0.14 18.53
CA ILE D 138 -4.81 0.75 17.18
C ILE D 138 -5.42 -0.32 16.28
N ILE D 139 -6.62 -0.06 15.75
CA ILE D 139 -7.29 -0.89 14.72
C ILE D 139 -7.42 -0.10 13.43
N ASN D 140 -6.72 -0.55 12.41
CA ASN D 140 -6.88 -0.09 11.02
C ASN D 140 -8.03 -0.87 10.39
N MET D 141 -9.09 -0.17 10.00
CA MET D 141 -10.19 -0.81 9.21
CA MET D 141 -10.18 -0.82 9.21
C MET D 141 -9.66 -1.02 7.79
N ALA D 142 -9.18 -2.22 7.50
CA ALA D 142 -8.70 -2.66 6.17
C ALA D 142 -9.89 -3.32 5.47
N SER D 143 -9.73 -4.56 5.03
CA SER D 143 -10.66 -5.30 4.15
C SER D 143 -10.03 -6.64 3.77
N ILE D 144 -10.82 -7.64 3.37
CA ILE D 144 -10.24 -8.83 2.68
C ILE D 144 -9.49 -8.34 1.44
N ASN D 145 -9.86 -7.16 0.94
CA ASN D 145 -9.20 -6.52 -0.22
C ASN D 145 -7.78 -6.09 0.19
N GLY D 146 -7.43 -6.22 1.47
CA GLY D 146 -6.05 -6.00 1.94
C GLY D 146 -5.18 -7.23 1.77
N LEU D 147 -5.81 -8.39 1.51
CA LEU D 147 -5.16 -9.74 1.45
C LEU D 147 -5.32 -10.37 0.06
N ILE D 148 -6.37 -10.04 -0.71
CA ILE D 148 -6.60 -10.59 -2.09
C ILE D 148 -6.87 -9.46 -3.08
N GLY D 149 -6.89 -9.79 -4.38
CA GLY D 149 -7.24 -8.83 -5.44
C GLY D 149 -8.70 -8.90 -5.80
N PHE D 150 -9.21 -7.82 -6.38
CA PHE D 150 -10.54 -7.77 -7.04
C PHE D 150 -10.37 -6.83 -8.25
N ALA D 151 -10.78 -7.28 -9.44
CA ALA D 151 -10.65 -6.48 -10.68
C ALA D 151 -11.46 -5.17 -10.55
N GLY D 152 -10.87 -4.05 -10.93
CA GLY D 152 -11.46 -2.69 -10.87
C GLY D 152 -11.15 -1.94 -9.57
N LYS D 153 -10.43 -2.54 -8.62
CA LYS D 153 -10.24 -1.94 -7.27
C LYS D 153 -8.74 -1.68 -7.05
N ALA D 154 -8.04 -1.27 -8.11
CA ALA D 154 -6.57 -1.01 -8.04
C ALA D 154 -6.25 -0.09 -6.85
N GLY D 155 -7.00 0.98 -6.69
CA GLY D 155 -6.67 2.00 -5.68
C GLY D 155 -7.01 1.50 -4.29
N TYR D 156 -8.22 0.94 -4.12
CA TYR D 156 -8.74 0.46 -2.82
C TYR D 156 -7.86 -0.68 -2.31
N ASN D 157 -7.63 -1.66 -3.16
CA ASN D 157 -6.90 -2.90 -2.79
C ASN D 157 -5.44 -2.49 -2.54
N SER D 158 -4.94 -1.47 -3.23
CA SER D 158 -3.55 -0.98 -3.04
C SER D 158 -3.44 -0.27 -1.67
N ALA D 159 -4.44 0.54 -1.30
CA ALA D 159 -4.43 1.30 -0.03
C ALA D 159 -4.56 0.30 1.13
N LYS D 160 -5.51 -0.64 1.03
CA LYS D 160 -5.83 -1.63 2.08
C LYS D 160 -4.65 -2.62 2.24
N HIS D 161 -4.01 -3.07 1.16
CA HIS D 161 -2.75 -3.86 1.26
C HIS D 161 -1.76 -3.02 2.06
N GLY D 162 -1.61 -1.75 1.70
CA GLY D 162 -0.58 -0.90 2.30
C GLY D 162 -0.86 -0.71 3.77
N VAL D 163 -2.11 -0.51 4.17
CA VAL D 163 -2.47 -0.30 5.62
C VAL D 163 -2.14 -1.56 6.44
N ILE D 164 -2.17 -2.76 5.86
CA ILE D 164 -1.74 -4.01 6.56
C ILE D 164 -0.22 -4.00 6.72
N GLY D 165 0.53 -3.57 5.70
CA GLY D 165 1.97 -3.23 5.82
C GLY D 165 2.25 -2.27 6.97
N LEU D 166 1.47 -1.20 7.06
CA LEU D 166 1.65 -0.15 8.09
C LEU D 166 1.32 -0.73 9.46
N THR D 167 0.26 -1.55 9.56
CA THR D 167 -0.13 -2.22 10.82
C THR D 167 1.05 -3.03 11.39
N LYS D 168 1.77 -3.77 10.55
CA LYS D 168 2.87 -4.67 10.99
CA LYS D 168 2.83 -4.68 11.04
C LYS D 168 4.03 -3.84 11.50
N VAL D 169 4.38 -2.77 10.76
CA VAL D 169 5.54 -1.92 11.13
C VAL D 169 5.19 -1.32 12.48
N ALA D 170 3.98 -0.77 12.59
CA ALA D 170 3.53 -0.07 13.81
C ALA D 170 3.54 -1.07 14.97
N ALA D 171 3.04 -2.29 14.77
CA ALA D 171 2.94 -3.34 15.81
C ALA D 171 4.34 -3.68 16.37
N LEU D 172 5.31 -3.86 15.49
CA LEU D 172 6.71 -4.12 15.86
C LEU D 172 7.30 -2.91 16.62
N GLU D 173 6.95 -1.67 16.26
CA GLU D 173 7.61 -0.48 16.86
C GLU D 173 7.10 -0.26 18.29
N CYS D 174 5.91 -0.78 18.65
CA CYS D 174 5.30 -0.51 19.99
C CYS D 174 4.97 -1.82 20.74
N ALA D 175 5.56 -2.95 20.37
CA ALA D 175 5.32 -4.28 20.97
C ALA D 175 5.65 -4.30 22.47
N ARG D 176 6.65 -3.54 22.90
CA ARG D 176 7.13 -3.55 24.31
C ARG D 176 6.37 -2.49 25.12
N ASP D 177 5.45 -1.74 24.51
CA ASP D 177 4.87 -0.50 25.10
C ASP D 177 3.40 -0.71 25.45
N GLY D 178 2.98 -1.98 25.55
CA GLY D 178 1.59 -2.34 25.90
C GLY D 178 0.58 -1.86 24.87
N ILE D 179 1.02 -1.64 23.62
CA ILE D 179 0.16 -1.17 22.51
C ILE D 179 0.03 -2.28 21.48
N THR D 180 -1.19 -2.57 21.03
CA THR D 180 -1.45 -3.47 19.89
C THR D 180 -1.85 -2.64 18.68
N VAL D 181 -1.40 -3.09 17.51
CA VAL D 181 -1.82 -2.55 16.19
C VAL D 181 -2.30 -3.71 15.32
N ASN D 182 -3.58 -3.69 14.95
CA ASN D 182 -4.21 -4.76 14.15
C ASN D 182 -4.93 -4.13 12.97
N ALA D 183 -5.17 -4.93 11.93
CA ALA D 183 -5.98 -4.58 10.74
C ALA D 183 -7.24 -5.47 10.78
N LEU D 184 -8.38 -4.88 11.13
CA LEU D 184 -9.66 -5.61 11.09
C LEU D 184 -10.11 -5.63 9.63
N CYS D 185 -10.32 -6.82 9.07
CA CYS D 185 -10.56 -7.05 7.63
C CYS D 185 -11.95 -7.64 7.42
N PRO D 186 -12.98 -6.80 7.23
CA PRO D 186 -14.29 -7.31 6.84
C PRO D 186 -14.27 -7.82 5.40
N GLY D 187 -15.20 -8.74 5.12
CA GLY D 187 -15.71 -8.98 3.77
C GLY D 187 -16.88 -8.05 3.55
N TYR D 188 -17.91 -8.51 2.85
CA TYR D 188 -19.03 -7.67 2.41
C TYR D 188 -19.92 -7.41 3.63
N VAL D 189 -20.07 -6.14 3.99
CA VAL D 189 -20.93 -5.66 5.12
C VAL D 189 -22.16 -4.97 4.53
N ASP D 190 -23.34 -5.22 5.10
CA ASP D 190 -24.59 -4.58 4.65
C ASP D 190 -24.53 -3.13 5.11
N THR D 191 -24.07 -2.25 4.24
CA THR D 191 -23.86 -0.79 4.45
C THR D 191 -24.38 -0.01 3.25
N PRO D 192 -24.55 1.33 3.37
CA PRO D 192 -24.83 2.18 2.21
C PRO D 192 -23.82 1.98 1.07
N LEU D 193 -22.53 2.01 1.39
CA LEU D 193 -21.45 1.80 0.39
C LEU D 193 -21.83 0.60 -0.48
N VAL D 194 -22.08 -0.56 0.15
CA VAL D 194 -22.30 -1.85 -0.56
C VAL D 194 -23.66 -1.83 -1.26
N ARG D 195 -24.72 -1.34 -0.62
CA ARG D 195 -26.07 -1.30 -1.23
C ARG D 195 -26.03 -0.41 -2.47
N GLY D 196 -25.25 0.68 -2.42
CA GLY D 196 -24.93 1.52 -3.59
C GLY D 196 -24.31 0.70 -4.72
N GLN D 197 -23.31 -0.13 -4.41
CA GLN D 197 -22.57 -0.94 -5.43
C GLN D 197 -23.48 -2.01 -6.04
N ILE D 198 -24.40 -2.57 -5.27
CA ILE D 198 -25.39 -3.59 -5.74
C ILE D 198 -26.30 -2.93 -6.79
N ALA D 199 -26.79 -1.72 -6.51
CA ALA D 199 -27.61 -0.87 -7.43
C ALA D 199 -26.84 -0.60 -8.73
N ASP D 200 -25.59 -0.12 -8.63
CA ASP D 200 -24.64 0.07 -9.76
C ASP D 200 -24.60 -1.21 -10.62
N LEU D 201 -24.10 -2.32 -10.09
CA LEU D 201 -24.02 -3.62 -10.80
C LEU D 201 -25.39 -4.01 -11.40
N ALA D 202 -26.51 -3.72 -10.73
CA ALA D 202 -27.87 -4.11 -11.19
C ALA D 202 -28.32 -3.25 -12.39
N LYS D 203 -28.01 -1.94 -12.38
CA LYS D 203 -28.16 -1.02 -13.53
C LYS D 203 -27.32 -1.57 -14.70
N THR D 204 -25.99 -1.44 -14.62
CA THR D 204 -25.01 -1.78 -15.69
C THR D 204 -25.28 -3.17 -16.28
N ARG D 205 -25.80 -4.12 -15.51
CA ARG D 205 -26.05 -5.51 -15.98
C ARG D 205 -27.54 -5.73 -16.28
N ASN D 206 -28.42 -4.82 -15.85
CA ASN D 206 -29.88 -4.91 -16.07
C ASN D 206 -30.40 -6.24 -15.47
N VAL D 207 -29.85 -6.68 -14.33
CA VAL D 207 -30.42 -7.75 -13.45
C VAL D 207 -31.21 -7.05 -12.33
N SER D 208 -32.04 -7.78 -11.58
CA SER D 208 -32.73 -7.24 -10.38
C SER D 208 -31.71 -7.10 -9.23
N LEU D 209 -32.08 -6.34 -8.19
CA LEU D 209 -31.17 -6.04 -7.04
C LEU D 209 -30.79 -7.35 -6.34
N ASP D 210 -31.76 -8.27 -6.17
CA ASP D 210 -31.54 -9.61 -5.57
C ASP D 210 -30.57 -10.42 -6.46
N SER D 211 -30.66 -10.28 -7.78
CA SER D 211 -29.80 -10.98 -8.77
C SER D 211 -28.36 -10.49 -8.62
N ALA D 212 -28.15 -9.18 -8.64
CA ALA D 212 -26.83 -8.52 -8.44
C ALA D 212 -26.19 -9.00 -7.13
N LEU D 213 -26.93 -8.95 -6.02
CA LEU D 213 -26.45 -9.38 -4.67
C LEU D 213 -26.13 -10.86 -4.67
N GLU D 214 -27.11 -11.72 -5.01
CA GLU D 214 -27.08 -13.19 -4.79
C GLU D 214 -26.20 -13.88 -5.85
N ASP D 215 -26.17 -13.37 -7.08
CA ASP D 215 -25.47 -14.00 -8.24
C ASP D 215 -24.05 -13.43 -8.40
N VAL D 216 -23.79 -12.20 -7.96
CA VAL D 216 -22.48 -11.51 -8.20
C VAL D 216 -21.75 -11.25 -6.87
N ILE D 217 -22.31 -10.43 -5.96
CA ILE D 217 -21.64 -10.08 -4.68
C ILE D 217 -21.44 -11.36 -3.83
N LEU D 218 -22.49 -12.16 -3.65
CA LEU D 218 -22.50 -13.28 -2.69
C LEU D 218 -22.05 -14.60 -3.33
N ALA D 219 -21.75 -14.65 -4.63
CA ALA D 219 -21.18 -15.84 -5.31
C ALA D 219 -19.90 -16.30 -4.58
N MET D 220 -19.12 -15.36 -4.08
CA MET D 220 -17.76 -15.58 -3.55
C MET D 220 -17.82 -15.74 -2.03
N VAL D 221 -19.00 -15.59 -1.40
CA VAL D 221 -19.16 -15.63 0.08
C VAL D 221 -19.75 -16.98 0.51
N PRO D 222 -18.93 -17.88 1.09
CA PRO D 222 -19.43 -19.19 1.50
C PRO D 222 -20.70 -19.07 2.37
N GLN D 223 -20.73 -18.13 3.33
CA GLN D 223 -21.91 -17.98 4.22
C GLN D 223 -23.13 -17.49 3.42
N LYS D 224 -22.98 -17.11 2.14
CA LYS D 224 -24.02 -16.49 1.25
C LYS D 224 -24.85 -15.44 1.99
N ARG D 225 -24.21 -14.48 2.66
CA ARG D 225 -24.90 -13.39 3.39
C ARG D 225 -23.95 -12.20 3.50
N LEU D 226 -24.54 -11.01 3.64
CA LEU D 226 -23.79 -9.80 4.02
C LEU D 226 -23.60 -9.86 5.54
N LEU D 227 -22.42 -9.45 6.01
CA LEU D 227 -22.18 -9.29 7.46
C LEU D 227 -22.93 -8.03 7.93
N SER D 228 -23.30 -8.00 9.20
CA SER D 228 -23.88 -6.78 9.79
C SER D 228 -22.74 -5.93 10.34
N VAL D 229 -22.96 -4.62 10.38
CA VAL D 229 -22.07 -3.64 11.07
C VAL D 229 -21.88 -4.06 12.53
N GLU D 230 -22.91 -4.67 13.13
CA GLU D 230 -22.89 -5.13 14.55
C GLU D 230 -21.80 -6.21 14.72
N GLU D 231 -21.70 -7.13 13.76
CA GLU D 231 -20.70 -8.22 13.77
C GLU D 231 -19.33 -7.58 13.74
N ILE D 232 -19.12 -6.58 12.89
CA ILE D 232 -17.78 -5.93 12.75
C ILE D 232 -17.42 -5.22 14.07
N ALA D 233 -18.38 -4.47 14.64
CA ALA D 233 -18.28 -3.73 15.92
C ALA D 233 -17.93 -4.69 17.08
N ASP D 234 -18.58 -5.86 17.13
CA ASP D 234 -18.30 -6.92 18.14
C ASP D 234 -16.85 -7.40 18.01
N TYR D 235 -16.34 -7.64 16.82
CA TYR D 235 -14.91 -8.00 16.69
C TYR D 235 -14.04 -6.82 17.16
N ALA D 236 -14.41 -5.61 16.74
CA ALA D 236 -13.63 -4.40 17.05
C ALA D 236 -13.58 -4.22 18.58
N ILE D 237 -14.71 -4.44 19.28
CA ILE D 237 -14.75 -4.39 20.77
C ILE D 237 -13.73 -5.36 21.36
N PHE D 238 -13.73 -6.63 20.93
CA PHE D 238 -12.82 -7.64 21.49
C PHE D 238 -11.37 -7.18 21.28
N LEU D 239 -11.02 -6.71 20.08
CA LEU D 239 -9.63 -6.31 19.75
C LEU D 239 -9.25 -5.04 20.52
N ALA D 240 -10.21 -4.13 20.72
CA ALA D 240 -9.99 -2.84 21.41
C ALA D 240 -9.90 -3.03 22.94
N SER D 241 -10.28 -4.22 23.44
CA SER D 241 -10.41 -4.50 24.90
C SER D 241 -9.06 -4.90 25.51
N SER D 242 -9.00 -4.84 26.84
CA SER D 242 -7.87 -5.30 27.69
C SER D 242 -7.65 -6.79 27.46
N LYS D 243 -8.66 -7.52 27.00
CA LYS D 243 -8.62 -9.01 26.87
C LYS D 243 -7.74 -9.42 25.67
N ALA D 244 -7.37 -8.54 24.76
CA ALA D 244 -6.70 -8.91 23.49
C ALA D 244 -5.27 -8.36 23.42
N GLY D 245 -4.65 -8.08 24.57
CA GLY D 245 -3.30 -7.49 24.68
C GLY D 245 -2.21 -8.29 23.97
N GLY D 246 -2.44 -9.57 23.71
CA GLY D 246 -1.50 -10.49 23.04
C GLY D 246 -1.76 -10.59 21.53
N VAL D 247 -2.78 -9.92 21.02
CA VAL D 247 -3.04 -9.84 19.53
C VAL D 247 -2.44 -8.56 18.96
N THR D 248 -1.45 -8.67 18.06
CA THR D 248 -0.79 -7.49 17.45
C THR D 248 -0.11 -7.91 16.15
N GLY D 249 -0.10 -6.99 15.20
CA GLY D 249 0.57 -7.17 13.91
C GLY D 249 -0.32 -7.97 12.98
N GLN D 250 -1.60 -8.09 13.29
CA GLN D 250 -2.46 -9.09 12.61
C GLN D 250 -3.43 -8.46 11.60
N ALA D 251 -3.59 -9.10 10.43
CA ALA D 251 -4.78 -8.98 9.56
C ALA D 251 -5.87 -9.91 10.10
N VAL D 252 -6.81 -9.37 10.84
CA VAL D 252 -7.84 -10.11 11.58
C VAL D 252 -9.10 -10.15 10.72
N VAL D 253 -9.48 -11.33 10.25
CA VAL D 253 -10.47 -11.46 9.15
C VAL D 253 -11.83 -11.91 9.69
N MET D 254 -12.88 -11.19 9.28
CA MET D 254 -14.31 -11.51 9.50
C MET D 254 -15.04 -11.40 8.15
N ASP D 255 -15.16 -12.50 7.39
CA ASP D 255 -15.45 -12.45 5.93
C ASP D 255 -16.41 -13.56 5.46
N GLY D 256 -17.10 -14.27 6.37
CA GLY D 256 -18.03 -15.35 6.01
C GLY D 256 -17.37 -16.46 5.19
N GLY D 257 -16.05 -16.60 5.30
CA GLY D 257 -15.30 -17.70 4.68
C GLY D 257 -14.67 -17.31 3.36
N TYR D 258 -14.74 -16.04 2.97
CA TYR D 258 -14.36 -15.60 1.61
C TYR D 258 -12.91 -15.98 1.31
N THR D 259 -11.96 -15.73 2.22
CA THR D 259 -10.50 -15.93 1.95
C THR D 259 -10.10 -17.38 2.24
N ALA D 260 -11.03 -18.16 2.81
CA ALA D 260 -10.83 -19.61 3.09
C ALA D 260 -10.83 -20.41 1.78
N GLN D 261 -11.32 -19.85 0.67
CA GLN D 261 -11.37 -20.57 -0.63
C GLN D 261 -10.62 -19.80 -1.72
N THR E 2 -33.94 44.29 -17.07
CA THR E 2 -33.73 44.01 -15.61
C THR E 2 -32.94 42.71 -15.41
N LYS E 3 -32.91 41.83 -16.42
CA LYS E 3 -32.29 40.47 -16.38
C LYS E 3 -31.04 40.45 -17.26
N LEU E 4 -29.88 40.85 -16.71
CA LEU E 4 -28.58 41.03 -17.43
C LEU E 4 -27.93 39.69 -17.81
N LEU E 5 -28.37 38.57 -17.21
CA LEU E 5 -27.82 37.20 -17.48
C LEU E 5 -28.95 36.25 -17.89
N ASP E 6 -29.90 36.73 -18.71
CA ASP E 6 -31.14 35.98 -19.10
C ASP E 6 -30.74 34.61 -19.66
N GLY E 7 -31.14 33.55 -18.95
CA GLY E 7 -30.95 32.14 -19.34
C GLY E 7 -29.49 31.72 -19.42
N LYS E 8 -28.54 32.57 -19.03
CA LYS E 8 -27.09 32.23 -18.99
C LYS E 8 -26.88 31.16 -17.90
N VAL E 9 -26.07 30.15 -18.18
CA VAL E 9 -25.77 29.04 -17.23
C VAL E 9 -24.48 29.38 -16.49
N ALA E 10 -24.55 29.58 -15.17
CA ALA E 10 -23.41 29.98 -14.30
C ALA E 10 -23.08 28.85 -13.31
N PHE E 11 -21.87 28.31 -13.42
CA PHE E 11 -21.31 27.32 -12.47
C PHE E 11 -20.47 28.06 -11.43
N ILE E 12 -20.89 28.02 -10.16
CA ILE E 12 -20.23 28.77 -9.05
C ILE E 12 -19.73 27.78 -7.99
N THR E 13 -18.42 27.60 -7.89
CA THR E 13 -17.80 26.78 -6.83
C THR E 13 -17.86 27.58 -5.52
N GLY E 14 -18.06 26.91 -4.39
CA GLY E 14 -18.03 27.53 -3.05
C GLY E 14 -19.31 28.30 -2.76
N SER E 15 -20.42 27.92 -3.41
CA SER E 15 -21.66 28.73 -3.49
C SER E 15 -22.63 28.34 -2.36
N ALA E 16 -22.15 27.59 -1.34
CA ALA E 16 -22.98 27.16 -0.19
C ALA E 16 -22.96 28.24 0.89
N SER E 17 -21.98 29.17 0.85
CA SER E 17 -21.83 30.26 1.86
C SER E 17 -21.21 31.53 1.26
N GLY E 18 -21.37 32.63 2.00
CA GLY E 18 -20.68 33.92 1.76
C GLY E 18 -20.87 34.43 0.33
N ILE E 19 -19.74 34.74 -0.32
CA ILE E 19 -19.70 35.48 -1.62
C ILE E 19 -20.35 34.62 -2.71
N GLY E 20 -19.96 33.33 -2.82
CA GLY E 20 -20.57 32.38 -3.78
C GLY E 20 -22.08 32.32 -3.64
N LEU E 21 -22.59 32.17 -2.42
CA LEU E 21 -24.04 32.05 -2.15
C LEU E 21 -24.73 33.32 -2.66
N GLU E 22 -24.21 34.50 -2.30
CA GLU E 22 -24.76 35.81 -2.74
C GLU E 22 -24.69 35.88 -4.27
N ILE E 23 -23.54 35.51 -4.87
CA ILE E 23 -23.38 35.51 -6.35
C ILE E 23 -24.47 34.63 -6.98
N ALA E 24 -24.64 33.42 -6.46
CA ALA E 24 -25.71 32.49 -6.87
C ALA E 24 -27.05 33.21 -6.85
N LYS E 25 -27.43 33.79 -5.71
CA LYS E 25 -28.79 34.39 -5.51
C LYS E 25 -28.98 35.54 -6.51
N LYS E 26 -27.97 36.42 -6.64
CA LYS E 26 -28.08 37.68 -7.43
C LYS E 26 -28.14 37.30 -8.91
N PHE E 27 -27.22 36.44 -9.39
CA PHE E 27 -27.21 35.85 -10.76
C PHE E 27 -28.59 35.24 -11.10
N ALA E 28 -29.20 34.48 -10.18
CA ALA E 28 -30.54 33.89 -10.38
C ALA E 28 -31.55 35.02 -10.64
N GLN E 29 -31.49 36.07 -9.83
CA GLN E 29 -32.37 37.27 -9.93
C GLN E 29 -32.11 38.00 -11.24
N GLU E 30 -30.91 37.86 -11.83
CA GLU E 30 -30.53 38.39 -13.16
C GLU E 30 -30.93 37.39 -14.26
N GLY E 31 -31.74 36.37 -13.92
CA GLY E 31 -32.30 35.40 -14.89
C GLY E 31 -31.34 34.27 -15.25
N ALA E 32 -30.20 34.16 -14.56
CA ALA E 32 -29.22 33.08 -14.78
C ALA E 32 -29.79 31.74 -14.28
N LYS E 33 -29.37 30.65 -14.90
CA LYS E 33 -29.56 29.26 -14.41
C LYS E 33 -28.28 28.89 -13.64
N VAL E 34 -28.36 28.75 -12.32
CA VAL E 34 -27.17 28.68 -11.42
C VAL E 34 -26.94 27.25 -10.92
N VAL E 35 -25.67 26.89 -10.77
CA VAL E 35 -25.23 25.58 -10.22
C VAL E 35 -24.52 25.84 -8.89
N ILE E 36 -25.16 25.43 -7.80
CA ILE E 36 -24.64 25.52 -6.41
C ILE E 36 -23.73 24.31 -6.20
N SER E 37 -22.45 24.57 -5.96
CA SER E 37 -21.39 23.54 -5.89
C SER E 37 -20.48 23.87 -4.72
N ASP E 38 -20.33 22.94 -3.77
CA ASP E 38 -19.55 23.12 -2.52
C ASP E 38 -19.20 21.75 -1.95
N MET E 39 -18.27 21.68 -0.99
CA MET E 39 -18.04 20.51 -0.11
C MET E 39 -19.39 20.05 0.46
N ASN E 40 -20.01 20.87 1.31
CA ASN E 40 -21.28 20.58 2.04
C ASN E 40 -22.37 20.22 1.03
N ALA E 41 -22.49 18.93 0.69
CA ALA E 41 -23.42 18.41 -0.33
C ALA E 41 -24.86 18.55 0.18
N GLU E 42 -25.05 18.49 1.51
CA GLU E 42 -26.36 18.75 2.18
C GLU E 42 -26.74 20.21 1.95
N LYS E 43 -25.81 21.15 2.18
CA LYS E 43 -26.05 22.61 2.13
C LYS E 43 -26.34 23.01 0.66
N CYS E 44 -25.67 22.41 -0.33
CA CYS E 44 -25.94 22.68 -1.77
C CYS E 44 -27.42 22.41 -2.09
N GLN E 45 -27.90 21.19 -1.80
CA GLN E 45 -29.29 20.75 -2.12
C GLN E 45 -30.28 21.67 -1.38
N GLU E 46 -29.94 22.09 -0.16
CA GLU E 46 -30.79 23.04 0.62
C GLU E 46 -30.87 24.36 -0.15
N THR E 47 -29.75 24.81 -0.72
CA THR E 47 -29.62 26.11 -1.43
C THR E 47 -30.47 26.07 -2.70
N ALA E 48 -30.24 25.07 -3.56
CA ALA E 48 -30.86 24.92 -4.90
C ALA E 48 -32.36 24.66 -4.78
N ASN E 49 -32.81 23.94 -3.75
CA ASN E 49 -34.27 23.71 -3.51
C ASN E 49 -34.92 25.05 -3.14
N SER E 50 -34.26 25.82 -2.27
CA SER E 50 -34.71 27.18 -1.84
C SER E 50 -34.87 28.05 -3.10
N LEU E 51 -33.83 28.15 -3.91
CA LEU E 51 -33.84 28.91 -5.19
C LEU E 51 -34.96 28.39 -6.11
N LYS E 52 -35.12 27.08 -6.23
CA LYS E 52 -36.18 26.46 -7.09
C LYS E 52 -37.56 26.85 -6.56
N GLU E 53 -37.75 26.88 -5.23
CA GLU E 53 -39.03 27.24 -4.56
C GLU E 53 -39.34 28.72 -4.83
N GLN E 54 -38.31 29.53 -5.09
CA GLN E 54 -38.42 30.99 -5.40
C GLN E 54 -38.58 31.22 -6.91
N GLY E 55 -38.72 30.14 -7.71
CA GLY E 55 -39.04 30.21 -9.15
C GLY E 55 -37.79 30.29 -10.03
N PHE E 56 -36.60 30.08 -9.48
CA PHE E 56 -35.32 30.14 -10.24
C PHE E 56 -34.92 28.73 -10.72
N ASP E 57 -34.11 28.71 -11.78
CA ASP E 57 -33.42 27.49 -12.31
C ASP E 57 -32.13 27.32 -11.51
N ALA E 58 -32.08 26.31 -10.64
CA ALA E 58 -30.92 25.95 -9.80
C ALA E 58 -30.69 24.43 -9.85
N LEU E 59 -29.42 24.04 -9.97
CA LEU E 59 -28.91 22.64 -9.89
C LEU E 59 -27.94 22.55 -8.70
N SER E 60 -28.10 21.54 -7.85
CA SER E 60 -27.10 21.14 -6.83
C SER E 60 -26.13 20.16 -7.50
N ALA E 61 -24.92 20.59 -7.78
CA ALA E 61 -23.82 19.74 -8.29
C ALA E 61 -22.63 19.86 -7.35
N PRO E 62 -22.70 19.25 -6.14
CA PRO E 62 -21.62 19.35 -5.16
C PRO E 62 -20.32 18.77 -5.75
N CYS E 63 -19.16 19.32 -5.35
CA CYS E 63 -17.84 18.71 -5.63
C CYS E 63 -16.76 19.40 -4.80
N ASP E 64 -15.70 18.67 -4.52
CA ASP E 64 -14.44 19.22 -4.00
C ASP E 64 -13.65 19.62 -5.24
N VAL E 65 -13.28 20.90 -5.37
CA VAL E 65 -12.65 21.45 -6.61
C VAL E 65 -11.29 20.79 -6.80
N THR E 66 -10.71 20.23 -5.75
CA THR E 66 -9.37 19.58 -5.80
C THR E 66 -9.52 18.18 -6.43
N ASP E 67 -10.75 17.68 -6.49
CA ASP E 67 -11.09 16.35 -7.09
C ASP E 67 -11.50 16.59 -8.55
N GLU E 68 -10.53 16.47 -9.45
CA GLU E 68 -10.72 16.77 -10.89
C GLU E 68 -11.90 15.97 -11.44
N ASP E 69 -12.00 14.71 -11.01
CA ASP E 69 -13.00 13.73 -11.50
C ASP E 69 -14.39 14.24 -11.10
N ALA E 70 -14.56 14.68 -9.84
CA ALA E 70 -15.87 15.16 -9.34
C ALA E 70 -16.20 16.49 -10.04
N TYR E 71 -15.21 17.35 -10.26
CA TYR E 71 -15.35 18.68 -10.91
C TYR E 71 -15.86 18.47 -12.36
N LYS E 72 -15.16 17.65 -13.15
CA LYS E 72 -15.57 17.24 -14.53
C LYS E 72 -17.03 16.76 -14.52
N GLN E 73 -17.40 15.88 -13.58
CA GLN E 73 -18.73 15.26 -13.53
C GLN E 73 -19.79 16.29 -13.13
N ALA E 74 -19.41 17.27 -12.31
CA ALA E 74 -20.32 18.36 -11.88
C ALA E 74 -20.59 19.25 -13.10
N ILE E 75 -19.61 19.41 -14.00
CA ILE E 75 -19.76 20.21 -15.25
C ILE E 75 -20.63 19.43 -16.25
N GLU E 76 -20.40 18.13 -16.38
CA GLU E 76 -21.19 17.25 -17.28
C GLU E 76 -22.66 17.25 -16.81
N LEU E 77 -22.91 17.11 -15.52
CA LEU E 77 -24.29 17.17 -14.95
C LEU E 77 -24.92 18.53 -15.30
N THR E 78 -24.14 19.62 -15.26
CA THR E 78 -24.58 20.99 -15.66
C THR E 78 -25.04 21.00 -17.13
N GLN E 79 -24.18 20.53 -18.06
CA GLN E 79 -24.53 20.40 -19.50
C GLN E 79 -25.79 19.55 -19.71
N LYS E 80 -25.93 18.44 -19.00
CA LYS E 80 -27.13 17.57 -19.08
C LYS E 80 -28.33 18.39 -18.63
N THR E 81 -28.22 19.15 -17.53
CA THR E 81 -29.37 19.79 -16.86
C THR E 81 -29.79 21.04 -17.63
N PHE E 82 -28.84 21.90 -18.01
CA PHE E 82 -29.09 23.28 -18.54
C PHE E 82 -28.53 23.42 -19.97
N GLY E 83 -27.84 22.41 -20.51
CA GLY E 83 -27.52 22.34 -21.94
C GLY E 83 -26.14 22.85 -22.28
N THR E 84 -25.53 23.68 -21.41
CA THR E 84 -24.21 24.32 -21.67
C THR E 84 -23.70 24.98 -20.39
N VAL E 85 -22.49 25.54 -20.43
CA VAL E 85 -21.91 26.41 -19.36
C VAL E 85 -21.50 27.76 -19.98
N ASP E 86 -22.14 28.86 -19.54
CA ASP E 86 -21.84 30.23 -20.04
C ASP E 86 -20.80 30.89 -19.14
N ILE E 87 -20.91 30.69 -17.82
CA ILE E 87 -20.15 31.46 -16.79
C ILE E 87 -19.61 30.45 -15.75
N LEU E 88 -18.30 30.50 -15.50
CA LEU E 88 -17.63 29.81 -14.38
C LEU E 88 -17.11 30.84 -13.38
N ILE E 89 -17.61 30.79 -12.15
CA ILE E 89 -17.08 31.55 -10.98
C ILE E 89 -16.25 30.58 -10.12
N ASN E 90 -14.93 30.57 -10.29
CA ASN E 90 -13.99 29.89 -9.36
C ASN E 90 -13.95 30.64 -8.03
N ASN E 91 -14.82 30.29 -7.09
CA ASN E 91 -15.02 31.03 -5.82
C ASN E 91 -14.55 30.23 -4.59
N ALA E 92 -14.45 28.90 -4.67
CA ALA E 92 -14.06 28.02 -3.55
C ALA E 92 -12.69 28.41 -3.00
N GLY E 93 -12.59 28.58 -1.68
CA GLY E 93 -11.28 28.73 -1.02
C GLY E 93 -11.40 28.62 0.48
N PHE E 94 -10.30 28.84 1.18
CA PHE E 94 -10.28 28.88 2.66
C PHE E 94 -9.02 29.66 3.07
N GLN E 95 -8.85 29.88 4.38
CA GLN E 95 -7.73 30.70 4.94
C GLN E 95 -7.01 29.90 6.03
N HIS E 96 -5.69 30.06 6.14
CA HIS E 96 -4.89 29.70 7.33
C HIS E 96 -3.80 30.76 7.53
N VAL E 97 -3.89 31.49 8.63
CA VAL E 97 -2.93 32.57 9.04
C VAL E 97 -1.92 31.95 10.01
N ALA E 98 -0.64 32.17 9.75
CA ALA E 98 0.48 31.74 10.61
C ALA E 98 1.76 32.35 10.07
N PRO E 99 2.75 32.67 10.94
CA PRO E 99 4.10 32.99 10.50
C PRO E 99 4.57 31.90 9.53
N ILE E 100 5.45 32.23 8.60
CA ILE E 100 6.02 31.23 7.64
C ILE E 100 6.63 30.08 8.44
N GLU E 101 7.38 30.34 9.52
CA GLU E 101 8.11 29.30 10.30
C GLU E 101 7.14 28.28 10.90
N GLU E 102 5.94 28.69 11.29
CA GLU E 102 4.89 27.86 11.94
C GLU E 102 3.81 27.48 10.92
N PHE E 103 4.08 27.64 9.62
CA PHE E 103 3.11 27.44 8.51
C PHE E 103 3.34 26.04 7.94
N PRO E 104 2.45 25.07 8.22
CA PRO E 104 2.65 23.71 7.74
C PRO E 104 2.70 23.72 6.20
N THR E 105 3.71 23.08 5.62
CA THR E 105 3.88 22.95 4.15
C THR E 105 2.61 22.37 3.52
N ALA E 106 2.07 21.30 4.11
CA ALA E 106 0.86 20.63 3.59
C ALA E 106 -0.27 21.67 3.52
N VAL E 107 -0.35 22.59 4.49
CA VAL E 107 -1.48 23.57 4.56
C VAL E 107 -1.26 24.61 3.47
N PHE E 108 -0.01 25.03 3.28
CA PHE E 108 0.42 25.88 2.14
C PHE E 108 -0.05 25.21 0.84
N GLN E 109 0.27 23.92 0.68
CA GLN E 109 -0.01 23.12 -0.56
C GLN E 109 -1.54 23.04 -0.77
N LYS E 110 -2.31 22.86 0.30
CA LYS E 110 -3.79 22.74 0.20
C LYS E 110 -4.42 24.10 -0.15
N LEU E 111 -3.89 25.23 0.36
CA LEU E 111 -4.40 26.58 -0.03
C LEU E 111 -4.21 26.76 -1.52
N VAL E 112 -3.01 26.47 -2.01
CA VAL E 112 -2.68 26.55 -3.46
C VAL E 112 -3.54 25.54 -4.25
N GLN E 113 -3.73 24.31 -3.73
CA GLN E 113 -4.45 23.25 -4.45
C GLN E 113 -5.91 23.70 -4.64
N VAL E 114 -6.54 24.22 -3.59
CA VAL E 114 -7.99 24.61 -3.65
C VAL E 114 -8.16 25.84 -4.56
N MET E 115 -7.32 26.85 -4.36
CA MET E 115 -7.61 28.23 -4.85
C MET E 115 -6.87 28.51 -6.17
N LEU E 116 -5.71 27.90 -6.41
CA LEU E 116 -5.06 27.95 -7.75
C LEU E 116 -5.47 26.74 -8.60
N THR E 117 -5.17 25.50 -8.17
CA THR E 117 -5.33 24.26 -9.01
C THR E 117 -6.82 24.04 -9.27
N GLY E 118 -7.66 24.26 -8.27
CA GLY E 118 -9.12 24.13 -8.40
C GLY E 118 -9.65 24.99 -9.54
N ALA E 119 -9.13 26.22 -9.67
CA ALA E 119 -9.48 27.20 -10.73
C ALA E 119 -8.98 26.70 -12.10
N PHE E 120 -7.73 26.24 -12.18
CA PHE E 120 -7.15 25.64 -13.41
C PHE E 120 -7.97 24.43 -13.87
N ILE E 121 -8.45 23.60 -12.94
CA ILE E 121 -9.25 22.38 -13.27
C ILE E 121 -10.60 22.85 -13.83
N GLY E 122 -11.27 23.77 -13.13
CA GLY E 122 -12.54 24.33 -13.58
C GLY E 122 -12.40 24.90 -14.99
N ILE E 123 -11.36 25.70 -15.22
CA ILE E 123 -11.15 26.39 -16.54
C ILE E 123 -10.99 25.30 -17.59
N LYS E 124 -10.11 24.33 -17.35
CA LYS E 124 -9.81 23.24 -18.33
C LYS E 124 -11.10 22.54 -18.79
N HIS E 125 -12.06 22.26 -17.90
CA HIS E 125 -13.28 21.48 -18.24
C HIS E 125 -14.44 22.40 -18.69
N VAL E 126 -14.30 23.73 -18.64
CA VAL E 126 -15.35 24.65 -19.19
C VAL E 126 -14.93 25.19 -20.56
N LEU E 127 -13.62 25.35 -20.81
CA LEU E 127 -13.11 25.98 -22.04
C LEU E 127 -13.70 25.32 -23.28
N PRO E 128 -13.68 23.97 -23.42
CA PRO E 128 -14.23 23.32 -24.62
C PRO E 128 -15.71 23.64 -24.88
N ILE E 129 -16.51 23.69 -23.82
CA ILE E 129 -17.95 24.04 -23.89
C ILE E 129 -18.08 25.48 -24.39
N MET E 130 -17.18 26.37 -23.92
CA MET E 130 -17.25 27.84 -24.17
CA MET E 130 -17.28 27.83 -24.19
C MET E 130 -16.74 28.14 -25.59
N LYS E 131 -15.61 27.56 -25.98
CA LYS E 131 -15.06 27.72 -27.35
C LYS E 131 -15.99 27.10 -28.40
N ALA E 132 -16.70 26.03 -28.06
CA ALA E 132 -17.67 25.40 -28.98
C ALA E 132 -18.70 26.46 -29.39
N GLN E 133 -19.23 27.21 -28.41
CA GLN E 133 -20.38 28.15 -28.58
C GLN E 133 -19.87 29.58 -28.84
N LYS E 134 -18.52 29.74 -28.86
CA LYS E 134 -17.76 31.00 -29.03
C LYS E 134 -18.24 32.08 -28.04
N TYR E 135 -18.54 31.71 -26.79
CA TYR E 135 -18.92 32.67 -25.73
C TYR E 135 -18.64 32.06 -24.36
N GLY E 136 -18.00 32.84 -23.49
CA GLY E 136 -17.80 32.45 -22.08
C GLY E 136 -17.45 33.63 -21.19
N ARG E 137 -17.74 33.50 -19.91
CA ARG E 137 -17.27 34.43 -18.86
C ARG E 137 -16.65 33.57 -17.76
N ILE E 138 -15.34 33.70 -17.57
CA ILE E 138 -14.61 33.04 -16.46
C ILE E 138 -14.15 34.14 -15.50
N ILE E 139 -14.64 34.09 -14.26
CA ILE E 139 -14.22 35.01 -13.16
C ILE E 139 -13.55 34.16 -12.09
N ASN E 140 -12.27 34.38 -11.85
CA ASN E 140 -11.52 33.80 -10.71
C ASN E 140 -11.69 34.73 -9.52
N MET E 141 -12.36 34.29 -8.46
CA MET E 141 -12.43 35.07 -7.19
CA MET E 141 -12.43 35.06 -7.19
C MET E 141 -11.04 35.03 -6.56
N ALA E 142 -10.26 36.09 -6.77
CA ALA E 142 -8.93 36.27 -6.17
C ALA E 142 -9.15 37.18 -4.96
N SER E 143 -8.34 38.23 -4.79
CA SER E 143 -8.35 39.09 -3.61
C SER E 143 -7.35 40.21 -3.86
N ILE E 144 -7.46 41.32 -3.14
CA ILE E 144 -6.35 42.31 -3.14
C ILE E 144 -5.07 41.59 -2.73
N ASN E 145 -5.19 40.50 -1.96
CA ASN E 145 -4.04 39.64 -1.55
C ASN E 145 -3.47 38.91 -2.78
N GLY E 146 -4.14 38.97 -3.93
CA GLY E 146 -3.57 38.58 -5.24
C GLY E 146 -2.59 39.61 -5.79
N LEU E 147 -2.60 40.84 -5.25
CA LEU E 147 -1.85 42.00 -5.82
C LEU E 147 -0.83 42.54 -4.82
N ILE E 148 -1.11 42.48 -3.51
CA ILE E 148 -0.15 42.93 -2.46
C ILE E 148 0.04 41.80 -1.44
N GLY E 149 1.06 41.95 -0.58
CA GLY E 149 1.40 41.03 0.52
C GLY E 149 0.67 41.37 1.82
N PHE E 150 0.57 40.40 2.72
CA PHE E 150 0.06 40.55 4.10
C PHE E 150 0.75 39.50 4.98
N ALA E 151 1.41 39.91 6.07
CA ALA E 151 2.17 39.02 6.97
C ALA E 151 1.26 37.88 7.46
N GLY E 152 1.77 36.64 7.47
CA GLY E 152 1.04 35.46 7.98
C GLY E 152 0.12 34.80 6.95
N LYS E 153 0.02 35.32 5.71
CA LYS E 153 -0.90 34.78 4.67
C LYS E 153 -0.09 34.20 3.50
N ALA E 154 1.05 33.56 3.79
CA ALA E 154 1.98 32.99 2.79
C ALA E 154 1.24 32.13 1.74
N GLY E 155 0.32 31.27 2.18
CA GLY E 155 -0.35 30.31 1.29
C GLY E 155 -1.43 30.97 0.49
N TYR E 156 -2.26 31.75 1.17
CA TYR E 156 -3.41 32.47 0.58
C TYR E 156 -2.92 33.45 -0.49
N ASN E 157 -1.91 34.25 -0.15
CA ASN E 157 -1.40 35.34 -1.04
C ASN E 157 -0.67 34.69 -2.21
N SER E 158 0.03 33.56 -1.97
CA SER E 158 0.69 32.77 -3.04
C SER E 158 -0.37 32.19 -3.99
N ALA E 159 -1.49 31.69 -3.47
CA ALA E 159 -2.57 31.07 -4.26
C ALA E 159 -3.22 32.14 -5.14
N LYS E 160 -3.57 33.27 -4.51
CA LYS E 160 -4.35 34.36 -5.13
C LYS E 160 -3.48 35.08 -6.17
N HIS E 161 -2.20 35.28 -5.89
CA HIS E 161 -1.25 35.79 -6.89
C HIS E 161 -1.30 34.85 -8.10
N GLY E 162 -1.15 33.55 -7.87
CA GLY E 162 -1.03 32.57 -8.97
C GLY E 162 -2.29 32.53 -9.81
N VAL E 163 -3.45 32.68 -9.19
CA VAL E 163 -4.73 32.59 -9.94
C VAL E 163 -4.83 33.84 -10.82
N ILE E 164 -4.09 34.90 -10.50
CA ILE E 164 -4.05 36.10 -11.38
C ILE E 164 -3.24 35.78 -12.64
N GLY E 165 -2.06 35.16 -12.52
CA GLY E 165 -1.28 34.68 -13.68
C GLY E 165 -2.08 33.66 -14.49
N LEU E 166 -2.74 32.71 -13.84
CA LEU E 166 -3.59 31.74 -14.56
C LEU E 166 -4.61 32.55 -15.37
N THR E 167 -5.29 33.51 -14.73
CA THR E 167 -6.33 34.40 -15.32
C THR E 167 -5.77 35.03 -16.61
N LYS E 168 -4.56 35.57 -16.55
CA LYS E 168 -3.92 36.23 -17.71
C LYS E 168 -3.68 35.21 -18.82
N VAL E 169 -3.12 34.03 -18.50
CA VAL E 169 -2.81 32.98 -19.50
C VAL E 169 -4.12 32.51 -20.15
N ALA E 170 -5.13 32.21 -19.34
CA ALA E 170 -6.44 31.74 -19.85
C ALA E 170 -7.05 32.83 -20.77
N ALA E 171 -6.99 34.10 -20.35
CA ALA E 171 -7.46 35.27 -21.14
C ALA E 171 -6.85 35.24 -22.56
N LEU E 172 -5.53 35.15 -22.66
CA LEU E 172 -4.80 35.17 -23.97
C LEU E 172 -5.19 33.97 -24.83
N GLU E 173 -5.46 32.79 -24.25
CA GLU E 173 -5.67 31.54 -25.05
C GLU E 173 -7.07 31.55 -25.66
N CYS E 174 -8.04 32.27 -25.08
CA CYS E 174 -9.43 32.26 -25.59
C CYS E 174 -9.89 33.66 -26.04
N ALA E 175 -8.98 34.61 -26.25
CA ALA E 175 -9.33 36.05 -26.53
C ALA E 175 -10.07 36.18 -27.87
N ARG E 176 -9.80 35.30 -28.83
CA ARG E 176 -10.40 35.32 -30.18
C ARG E 176 -11.72 34.55 -30.17
N ASP E 177 -12.13 34.00 -29.03
CA ASP E 177 -13.17 32.93 -28.98
C ASP E 177 -14.43 33.44 -28.27
N GLY E 178 -14.49 34.76 -28.02
CA GLY E 178 -15.66 35.40 -27.38
C GLY E 178 -15.72 35.11 -25.89
N ILE E 179 -14.60 34.71 -25.30
CA ILE E 179 -14.48 34.26 -23.89
C ILE E 179 -13.62 35.27 -23.13
N THR E 180 -14.10 35.77 -21.99
CA THR E 180 -13.33 36.64 -21.07
C THR E 180 -12.92 35.81 -19.87
N VAL E 181 -11.69 36.02 -19.41
CA VAL E 181 -11.15 35.47 -18.14
C VAL E 181 -10.60 36.65 -17.33
N ASN E 182 -11.20 36.90 -16.16
CA ASN E 182 -10.80 37.99 -15.24
C ASN E 182 -10.72 37.43 -13.82
N ALA E 183 -9.95 38.09 -12.96
CA ALA E 183 -9.83 37.89 -11.51
C ALA E 183 -10.49 39.07 -10.78
N LEU E 184 -11.69 38.85 -10.23
CA LEU E 184 -12.34 39.81 -9.33
C LEU E 184 -11.64 39.79 -7.97
N CYS E 185 -11.07 40.92 -7.55
CA CYS E 185 -10.19 41.07 -6.36
C CYS E 185 -10.85 41.95 -5.32
N PRO E 186 -11.67 41.36 -4.43
CA PRO E 186 -12.30 42.10 -3.33
C PRO E 186 -11.25 42.48 -2.29
N GLY E 187 -11.54 43.54 -1.53
CA GLY E 187 -10.90 43.82 -0.22
C GLY E 187 -11.62 43.04 0.86
N TYR E 188 -11.63 43.53 2.10
CA TYR E 188 -12.38 42.90 3.22
C TYR E 188 -13.88 43.02 2.95
N VAL E 189 -14.54 41.85 2.93
CA VAL E 189 -16.01 41.70 2.73
C VAL E 189 -16.60 41.24 4.07
N ASP E 190 -17.75 41.79 4.45
CA ASP E 190 -18.51 41.32 5.64
C ASP E 190 -19.08 39.93 5.34
N THR E 191 -18.31 38.91 5.66
CA THR E 191 -18.62 37.46 5.53
C THR E 191 -18.29 36.75 6.83
N PRO E 192 -18.86 35.54 7.08
CA PRO E 192 -18.45 34.70 8.21
C PRO E 192 -16.93 34.52 8.33
N LEU E 193 -16.22 34.36 7.21
CA LEU E 193 -14.74 34.19 7.17
C LEU E 193 -14.05 35.39 7.82
N VAL E 194 -14.41 36.63 7.43
CA VAL E 194 -13.81 37.88 8.00
C VAL E 194 -14.20 38.01 9.48
N ARG E 195 -15.49 37.90 9.83
CA ARG E 195 -15.96 38.04 11.23
C ARG E 195 -15.23 37.02 12.11
N GLY E 196 -15.05 35.82 11.56
CA GLY E 196 -14.18 34.79 12.17
C GLY E 196 -12.82 35.37 12.49
N GLN E 197 -12.18 36.03 11.53
CA GLN E 197 -10.80 36.56 11.70
C GLN E 197 -10.80 37.70 12.72
N ILE E 198 -11.82 38.55 12.69
CA ILE E 198 -12.05 39.64 13.69
C ILE E 198 -12.06 39.02 15.11
N ALA E 199 -12.89 37.98 15.31
CA ALA E 199 -13.06 37.24 16.58
C ALA E 199 -11.71 36.82 17.18
N ASP E 200 -10.81 36.30 16.34
CA ASP E 200 -9.49 35.75 16.75
C ASP E 200 -8.61 36.84 17.38
N LEU E 201 -8.78 38.12 17.00
CA LEU E 201 -7.95 39.24 17.50
C LEU E 201 -8.48 39.74 18.86
N SER E 208 -11.49 43.48 22.27
CA SER E 208 -12.76 44.14 21.84
C SER E 208 -13.00 43.87 20.34
N LEU E 209 -14.23 43.49 19.95
CA LEU E 209 -14.57 43.13 18.55
C LEU E 209 -14.60 44.40 17.69
N ASP E 210 -15.33 45.44 18.11
CA ASP E 210 -15.44 46.71 17.34
C ASP E 210 -14.03 47.34 17.19
N SER E 211 -13.24 47.35 18.25
CA SER E 211 -11.83 47.83 18.25
C SER E 211 -10.98 47.04 17.24
N ALA E 212 -11.15 45.70 17.17
CA ALA E 212 -10.32 44.81 16.33
C ALA E 212 -10.65 45.05 14.86
N LEU E 213 -11.94 45.16 14.52
CA LEU E 213 -12.44 45.59 13.20
C LEU E 213 -11.91 46.99 12.89
N GLU E 214 -12.24 47.97 13.76
CA GLU E 214 -12.13 49.44 13.49
C GLU E 214 -10.67 49.93 13.57
N ASP E 215 -9.80 49.25 14.33
CA ASP E 215 -8.38 49.69 14.50
C ASP E 215 -7.40 48.56 14.20
N VAL E 216 -7.70 47.70 13.23
CA VAL E 216 -6.92 46.45 12.94
C VAL E 216 -7.17 46.02 11.49
N ILE E 217 -8.40 45.60 11.15
CA ILE E 217 -8.79 45.26 9.74
C ILE E 217 -8.98 46.58 8.98
N LEU E 218 -9.88 47.45 9.44
CA LEU E 218 -10.29 48.68 8.72
C LEU E 218 -9.19 49.75 8.73
N ALA E 219 -8.14 49.64 9.56
CA ALA E 219 -7.12 50.71 9.72
C ALA E 219 -6.44 51.02 8.38
N MET E 220 -6.60 50.16 7.36
CA MET E 220 -5.92 50.33 6.05
C MET E 220 -6.95 50.36 4.92
N VAL E 221 -8.22 50.59 5.24
CA VAL E 221 -9.31 50.67 4.23
C VAL E 221 -9.79 52.12 4.20
N PRO E 222 -9.39 52.91 3.17
CA PRO E 222 -9.79 54.32 3.10
C PRO E 222 -11.29 54.54 3.36
N GLN E 223 -12.16 53.72 2.76
CA GLN E 223 -13.63 53.86 2.97
C GLN E 223 -14.01 53.54 4.43
N LYS E 224 -13.08 53.04 5.26
CA LYS E 224 -13.30 52.60 6.67
C LYS E 224 -14.62 51.81 6.81
N ARG E 225 -14.82 50.79 5.99
CA ARG E 225 -16.01 49.90 6.09
C ARG E 225 -15.66 48.55 5.42
N LEU E 226 -16.32 47.49 5.87
CA LEU E 226 -16.32 46.18 5.18
C LEU E 226 -17.19 46.33 3.94
N LEU E 227 -16.81 45.68 2.85
CA LEU E 227 -17.72 45.57 1.67
C LEU E 227 -18.87 44.63 2.01
N SER E 228 -20.00 44.79 1.33
CA SER E 228 -21.12 43.83 1.38
C SER E 228 -20.94 42.81 0.24
N VAL E 229 -21.36 41.57 0.49
CA VAL E 229 -21.44 40.49 -0.54
C VAL E 229 -22.23 41.02 -1.74
N GLU E 230 -23.28 41.81 -1.49
CA GLU E 230 -24.15 42.43 -2.54
C GLU E 230 -23.25 43.19 -3.52
N GLU E 231 -22.26 43.92 -3.00
CA GLU E 231 -21.37 44.80 -3.81
C GLU E 231 -20.55 43.92 -4.74
N ILE E 232 -19.90 42.87 -4.22
CA ILE E 232 -19.06 41.92 -5.00
C ILE E 232 -19.89 41.28 -6.11
N ALA E 233 -21.11 40.84 -5.79
CA ALA E 233 -22.01 40.14 -6.74
C ALA E 233 -22.40 41.09 -7.87
N ASP E 234 -22.57 42.39 -7.58
CA ASP E 234 -22.95 43.41 -8.59
C ASP E 234 -21.80 43.57 -9.59
N TYR E 235 -20.55 43.64 -9.14
CA TYR E 235 -19.39 43.64 -10.06
C TYR E 235 -19.39 42.34 -10.87
N ALA E 236 -19.65 41.21 -10.20
CA ALA E 236 -19.61 39.89 -10.85
C ALA E 236 -20.62 39.88 -12.00
N ILE E 237 -21.83 40.40 -11.76
CA ILE E 237 -22.93 40.46 -12.76
C ILE E 237 -22.45 41.25 -13.97
N PHE E 238 -21.75 42.38 -13.78
CA PHE E 238 -21.28 43.21 -14.91
C PHE E 238 -20.24 42.41 -15.70
N LEU E 239 -19.22 41.89 -15.03
CA LEU E 239 -18.09 41.17 -15.69
C LEU E 239 -18.58 39.91 -16.41
N ALA E 240 -19.64 39.29 -15.89
CA ALA E 240 -20.23 38.03 -16.41
C ALA E 240 -21.31 38.34 -17.44
N SER E 241 -21.53 39.63 -17.76
CA SER E 241 -22.62 40.06 -18.68
C SER E 241 -22.10 40.15 -20.12
N SER E 242 -23.02 40.23 -21.07
CA SER E 242 -22.73 40.43 -22.52
C SER E 242 -22.10 41.82 -22.71
N LYS E 243 -22.40 42.76 -21.82
CA LYS E 243 -21.90 44.16 -21.86
C LYS E 243 -20.39 44.22 -21.60
N ALA E 244 -19.77 43.24 -20.94
CA ALA E 244 -18.35 43.35 -20.48
C ALA E 244 -17.38 42.58 -21.39
N GLY E 245 -17.79 42.35 -22.64
CA GLY E 245 -17.09 41.49 -23.62
C GLY E 245 -15.64 41.91 -23.85
N GLY E 246 -15.31 43.18 -23.62
CA GLY E 246 -14.01 43.75 -23.98
C GLY E 246 -13.06 43.81 -22.79
N VAL E 247 -13.54 43.36 -21.63
CA VAL E 247 -12.75 43.22 -20.36
C VAL E 247 -12.26 41.78 -20.25
N THR E 248 -10.96 41.55 -20.40
CA THR E 248 -10.36 40.20 -20.25
C THR E 248 -8.92 40.35 -19.75
N GLY E 249 -8.44 39.39 -18.97
CA GLY E 249 -7.03 39.37 -18.52
C GLY E 249 -6.80 40.29 -17.34
N GLN E 250 -7.86 40.72 -16.66
CA GLN E 250 -7.72 41.81 -15.65
C GLN E 250 -7.86 41.28 -14.22
N ALA E 251 -7.08 41.85 -13.32
CA ALA E 251 -7.33 41.89 -11.87
C ALA E 251 -8.24 43.10 -11.61
N VAL E 252 -9.55 42.86 -11.52
CA VAL E 252 -10.59 43.90 -11.35
C VAL E 252 -10.81 44.12 -9.85
N VAL E 253 -10.46 45.30 -9.31
CA VAL E 253 -10.40 45.53 -7.83
C VAL E 253 -11.65 46.27 -7.32
N MET E 254 -12.29 45.70 -6.30
CA MET E 254 -13.36 46.33 -5.48
C MET E 254 -12.91 46.29 -4.01
N ASP E 255 -12.22 47.33 -3.51
CA ASP E 255 -11.43 47.24 -2.24
C ASP E 255 -11.55 48.49 -1.36
N GLY E 256 -12.55 49.36 -1.62
CA GLY E 256 -12.73 50.66 -0.93
C GLY E 256 -11.43 51.42 -0.76
N GLY E 257 -10.54 51.33 -1.75
CA GLY E 257 -9.35 52.18 -1.88
C GLY E 257 -8.09 51.55 -1.33
N TYR E 258 -8.18 50.33 -0.79
CA TYR E 258 -7.08 49.68 -0.03
C TYR E 258 -5.75 49.75 -0.79
N THR E 259 -5.76 49.43 -2.10
CA THR E 259 -4.54 49.30 -2.95
C THR E 259 -4.19 50.65 -3.59
N ALA E 260 -5.05 51.66 -3.48
CA ALA E 260 -4.80 53.01 -4.04
C ALA E 260 -3.82 53.78 -3.14
N GLN E 261 -3.46 53.22 -1.97
CA GLN E 261 -2.43 53.79 -1.05
C GLN E 261 -1.33 52.77 -0.75
N LYS F 3 34.71 42.81 -4.06
CA LYS F 3 34.10 41.63 -3.35
C LYS F 3 32.83 42.08 -2.60
N LEU F 4 31.72 42.29 -3.33
CA LEU F 4 30.45 42.83 -2.76
C LEU F 4 29.75 41.83 -1.81
N LEU F 5 30.14 40.56 -1.79
CA LEU F 5 29.45 39.50 -0.98
C LEU F 5 30.41 38.85 0.02
N ASP F 6 31.53 39.51 0.34
CA ASP F 6 32.76 38.92 0.94
C ASP F 6 32.45 37.94 2.08
N GLY F 7 31.72 38.35 3.13
CA GLY F 7 31.52 37.53 4.35
C GLY F 7 30.31 36.60 4.32
N LYS F 8 29.76 36.33 3.13
CA LYS F 8 28.36 35.85 2.98
C LYS F 8 28.36 34.40 2.48
N VAL F 9 27.40 33.62 3.00
CA VAL F 9 27.12 32.24 2.54
C VAL F 9 25.90 32.27 1.61
N ALA F 10 26.08 31.85 0.37
CA ALA F 10 25.01 31.84 -0.65
C ALA F 10 24.55 30.41 -0.98
N PHE F 11 23.30 30.08 -0.64
CA PHE F 11 22.65 28.81 -1.02
C PHE F 11 21.79 29.05 -2.25
N ILE F 12 22.18 28.42 -3.36
CA ILE F 12 21.51 28.59 -4.69
C ILE F 12 20.87 27.26 -5.15
N THR F 13 19.55 27.12 -5.13
CA THR F 13 18.83 25.95 -5.73
C THR F 13 18.94 26.02 -7.26
N GLY F 14 19.13 24.87 -7.90
CA GLY F 14 19.17 24.70 -9.37
C GLY F 14 20.44 25.29 -9.97
N SER F 15 21.55 25.27 -9.24
CA SER F 15 22.80 26.01 -9.59
C SER F 15 23.82 25.15 -10.33
N ALA F 16 23.36 24.08 -11.00
CA ALA F 16 24.21 23.15 -11.79
C ALA F 16 24.24 23.56 -13.27
N SER F 17 23.31 24.42 -13.72
CA SER F 17 23.25 24.91 -15.12
C SER F 17 22.61 26.31 -15.20
N GLY F 18 22.81 26.98 -16.34
CA GLY F 18 22.13 28.23 -16.73
C GLY F 18 22.35 29.36 -15.73
N ILE F 19 21.26 30.05 -15.38
CA ILE F 19 21.29 31.29 -14.53
C ILE F 19 21.89 30.95 -13.15
N GLY F 20 21.43 29.86 -12.54
CA GLY F 20 21.87 29.47 -11.19
C GLY F 20 23.37 29.22 -11.15
N LEU F 21 23.91 28.52 -12.14
CA LEU F 21 25.35 28.21 -12.27
C LEU F 21 26.13 29.52 -12.33
N GLU F 22 25.71 30.44 -13.23
CA GLU F 22 26.37 31.75 -13.42
C GLU F 22 26.32 32.52 -12.11
N ILE F 23 25.14 32.57 -11.47
CA ILE F 23 24.96 33.24 -10.15
C ILE F 23 25.95 32.62 -9.16
N ALA F 24 26.08 31.29 -9.15
CA ALA F 24 27.07 30.53 -8.35
C ALA F 24 28.48 31.06 -8.65
N LYS F 25 28.92 31.01 -9.91
CA LYS F 25 30.32 31.37 -10.30
CA LYS F 25 30.32 31.37 -10.30
C LYS F 25 30.60 32.83 -9.93
N LYS F 26 29.64 33.71 -10.22
CA LYS F 26 29.80 35.18 -10.03
C LYS F 26 29.78 35.49 -8.53
N PHE F 27 28.82 34.97 -7.76
CA PHE F 27 28.77 35.15 -6.28
C PHE F 27 30.13 34.80 -5.66
N ALA F 28 30.82 33.77 -6.19
CA ALA F 28 32.13 33.27 -5.69
C ALA F 28 33.21 34.32 -5.95
N GLN F 29 33.24 34.92 -7.16
CA GLN F 29 34.22 35.98 -7.52
C GLN F 29 34.02 37.18 -6.59
N GLU F 30 32.79 37.38 -6.10
CA GLU F 30 32.42 38.48 -5.16
C GLU F 30 32.69 38.08 -3.71
N GLY F 31 33.40 36.96 -3.48
CA GLY F 31 33.90 36.52 -2.16
C GLY F 31 32.88 35.72 -1.36
N ALA F 32 31.74 35.35 -1.98
CA ALA F 32 30.71 34.51 -1.32
C ALA F 32 31.20 33.07 -1.19
N LYS F 33 30.80 32.40 -0.11
CA LYS F 33 30.87 30.92 0.01
C LYS F 33 29.58 30.37 -0.59
N VAL F 34 29.72 29.57 -1.66
CA VAL F 34 28.57 29.18 -2.54
C VAL F 34 28.25 27.71 -2.31
N VAL F 35 26.97 27.42 -2.17
CA VAL F 35 26.45 26.03 -2.06
C VAL F 35 25.70 25.74 -3.35
N ILE F 36 26.31 24.88 -4.20
CA ILE F 36 25.76 24.33 -5.47
C ILE F 36 24.77 23.23 -5.11
N SER F 37 23.50 23.38 -5.49
CA SER F 37 22.42 22.45 -5.12
C SER F 37 21.49 22.24 -6.31
N ASP F 38 21.33 20.99 -6.76
CA ASP F 38 20.52 20.63 -7.95
C ASP F 38 19.99 19.20 -7.76
N MET F 39 19.17 18.74 -8.72
CA MET F 39 18.83 17.32 -8.94
C MET F 39 20.13 16.56 -9.23
N ASN F 40 20.81 16.89 -10.34
CA ASN F 40 22.04 16.20 -10.84
C ASN F 40 23.13 16.30 -9.76
N ALA F 41 23.23 15.27 -8.91
CA ALA F 41 24.15 15.22 -7.75
C ALA F 41 25.61 15.17 -8.22
N GLU F 42 25.88 14.59 -9.39
CA GLU F 42 27.26 14.42 -9.91
C GLU F 42 27.70 15.76 -10.54
N LYS F 43 26.74 16.49 -11.11
CA LYS F 43 26.99 17.84 -11.70
C LYS F 43 27.34 18.81 -10.55
N CYS F 44 26.61 18.76 -9.43
CA CYS F 44 26.89 19.60 -8.23
C CYS F 44 28.31 19.36 -7.72
N GLN F 45 28.71 18.10 -7.51
CA GLN F 45 30.07 17.76 -7.00
C GLN F 45 31.10 18.24 -8.03
N GLU F 46 30.81 18.05 -9.33
CA GLU F 46 31.69 18.47 -10.46
C GLU F 46 31.79 20.00 -10.44
N THR F 47 30.66 20.71 -10.25
CA THR F 47 30.60 22.18 -10.22
C THR F 47 31.42 22.70 -9.03
N ALA F 48 31.08 22.23 -7.83
CA ALA F 48 31.70 22.64 -6.54
C ALA F 48 33.21 22.40 -6.59
N ASN F 49 33.65 21.32 -7.25
CA ASN F 49 35.09 20.90 -7.31
C ASN F 49 35.87 21.83 -8.24
N SER F 50 35.31 22.26 -9.38
CA SER F 50 35.97 23.20 -10.33
C SER F 50 36.13 24.57 -9.67
N LEU F 51 35.08 25.08 -9.01
CA LEU F 51 35.14 26.33 -8.19
C LEU F 51 36.20 26.17 -7.09
N LYS F 52 36.30 24.98 -6.49
CA LYS F 52 37.30 24.67 -5.42
C LYS F 52 38.71 24.77 -6.00
N GLU F 53 38.91 24.25 -7.22
CA GLU F 53 40.22 24.23 -7.92
C GLU F 53 40.66 25.68 -8.24
N GLN F 54 39.69 26.60 -8.37
CA GLN F 54 39.95 28.03 -8.68
C GLN F 54 40.04 28.86 -7.40
N GLY F 55 40.22 28.24 -6.23
CA GLY F 55 40.53 28.95 -4.97
C GLY F 55 39.30 29.48 -4.25
N PHE F 56 38.09 29.13 -4.70
CA PHE F 56 36.82 29.54 -4.04
C PHE F 56 36.36 28.46 -3.04
N ASP F 57 35.60 28.88 -2.03
CA ASP F 57 34.87 28.02 -1.06
C ASP F 57 33.56 27.61 -1.69
N ALA F 58 33.40 26.32 -1.97
CA ALA F 58 32.23 25.74 -2.65
C ALA F 58 31.83 24.43 -1.94
N LEU F 59 30.53 24.26 -1.70
CA LEU F 59 29.94 23.04 -1.10
C LEU F 59 28.91 22.47 -2.09
N SER F 60 28.96 21.16 -2.31
CA SER F 60 27.86 20.36 -2.90
C SER F 60 26.85 20.03 -1.80
N ALA F 61 25.60 20.40 -2.01
CA ALA F 61 24.45 20.05 -1.14
C ALA F 61 23.26 19.75 -2.03
N PRO F 62 23.30 18.66 -2.83
CA PRO F 62 22.25 18.39 -3.82
C PRO F 62 20.92 18.19 -3.08
N CYS F 63 19.81 18.49 -3.73
CA CYS F 63 18.48 18.14 -3.21
C CYS F 63 17.42 18.49 -4.25
N ASP F 64 16.29 17.81 -4.17
CA ASP F 64 15.03 18.18 -4.86
C ASP F 64 14.31 19.15 -3.93
N VAL F 65 14.09 20.38 -4.39
CA VAL F 65 13.49 21.47 -3.56
C VAL F 65 12.05 21.08 -3.20
N THR F 66 11.47 20.06 -3.84
CA THR F 66 10.10 19.57 -3.48
C THR F 66 10.18 18.61 -2.29
N ASP F 67 11.39 18.18 -1.94
CA ASP F 67 11.67 17.23 -0.82
C ASP F 67 12.12 18.04 0.39
N GLU F 68 11.17 18.43 1.26
CA GLU F 68 11.40 19.39 2.38
C GLU F 68 12.44 18.82 3.34
N ASP F 69 12.45 17.50 3.52
CA ASP F 69 13.42 16.76 4.37
C ASP F 69 14.82 16.88 3.76
N ALA F 70 14.97 16.70 2.44
CA ALA F 70 16.32 16.78 1.81
C ALA F 70 16.77 18.25 1.76
N TYR F 71 15.82 19.18 1.56
CA TYR F 71 16.12 20.64 1.48
C TYR F 71 16.60 21.06 2.89
N LYS F 72 15.81 20.77 3.93
CA LYS F 72 16.12 21.06 5.36
C LYS F 72 17.54 20.58 5.69
N GLN F 73 17.92 19.39 5.21
CA GLN F 73 19.22 18.75 5.56
C GLN F 73 20.34 19.38 4.74
N ALA F 74 20.05 19.87 3.54
CA ALA F 74 21.02 20.62 2.70
C ALA F 74 21.33 21.97 3.39
N ILE F 75 20.32 22.64 3.94
CA ILE F 75 20.52 23.92 4.69
C ILE F 75 21.37 23.59 5.93
N GLU F 76 21.05 22.52 6.65
CA GLU F 76 21.80 22.09 7.88
C GLU F 76 23.26 21.79 7.52
N LEU F 77 23.50 21.08 6.42
CA LEU F 77 24.87 20.74 6.00
C LEU F 77 25.64 22.04 5.72
N THR F 78 24.94 23.04 5.15
CA THR F 78 25.51 24.38 4.87
C THR F 78 25.93 25.03 6.21
N GLN F 79 25.04 25.02 7.20
CA GLN F 79 25.29 25.55 8.57
C GLN F 79 26.55 24.91 9.16
N LYS F 80 26.63 23.57 9.17
CA LYS F 80 27.79 22.79 9.68
C LYS F 80 29.05 23.21 8.91
N THR F 81 28.98 23.32 7.59
CA THR F 81 30.18 23.58 6.73
C THR F 81 30.64 25.04 6.86
N PHE F 82 29.74 26.03 6.82
CA PHE F 82 30.11 27.47 6.65
C PHE F 82 29.57 28.36 7.78
N GLY F 83 28.79 27.83 8.74
CA GLY F 83 28.46 28.52 9.99
C GLY F 83 27.08 29.15 9.97
N THR F 84 26.53 29.43 8.78
CA THR F 84 25.26 30.17 8.59
C THR F 84 24.87 30.16 7.11
N VAL F 85 23.65 30.63 6.84
CA VAL F 85 23.15 30.99 5.47
C VAL F 85 22.76 32.49 5.46
N ASP F 86 23.44 33.29 4.64
CA ASP F 86 23.22 34.76 4.49
C ASP F 86 22.29 35.06 3.30
N ILE F 87 22.46 34.31 2.21
CA ILE F 87 21.79 34.51 0.91
C ILE F 87 21.14 33.19 0.48
N LEU F 88 19.84 33.19 0.22
CA LEU F 88 19.15 32.06 -0.46
C LEU F 88 18.69 32.53 -1.83
N ILE F 89 19.15 31.86 -2.88
CA ILE F 89 18.64 32.05 -4.26
C ILE F 89 17.73 30.86 -4.60
N ASN F 90 16.40 31.04 -4.50
CA ASN F 90 15.40 30.07 -5.00
C ASN F 90 15.32 30.12 -6.53
N ASN F 91 16.13 29.30 -7.20
CA ASN F 91 16.37 29.37 -8.66
C ASN F 91 15.78 28.17 -9.41
N ALA F 92 15.58 27.04 -8.73
CA ALA F 92 15.17 25.77 -9.37
C ALA F 92 13.88 25.99 -10.16
N GLY F 93 13.84 25.58 -11.42
CA GLY F 93 12.58 25.53 -12.18
C GLY F 93 12.73 24.71 -13.44
N PHE F 94 11.65 24.61 -14.19
CA PHE F 94 11.55 23.95 -15.52
C PHE F 94 10.35 24.60 -16.21
N GLN F 95 10.12 24.25 -17.47
CA GLN F 95 8.99 24.79 -18.28
C GLN F 95 8.19 23.63 -18.86
N HIS F 96 6.88 23.82 -19.03
CA HIS F 96 6.02 22.96 -19.89
C HIS F 96 4.99 23.83 -20.60
N VAL F 97 5.10 23.96 -21.93
CA VAL F 97 4.20 24.78 -22.78
C VAL F 97 3.05 23.91 -23.32
N ALA F 98 1.80 24.39 -23.24
CA ALA F 98 0.67 23.76 -23.95
C ALA F 98 -0.60 24.53 -23.64
N PRO F 99 -1.62 24.41 -24.53
CA PRO F 99 -2.93 24.99 -24.26
C PRO F 99 -3.55 24.36 -23.00
N ILE F 100 -4.22 25.17 -22.20
CA ILE F 100 -4.89 24.70 -20.96
C ILE F 100 -5.61 23.35 -21.23
N GLU F 101 -6.25 23.14 -22.38
CA GLU F 101 -7.03 21.88 -22.64
C GLU F 101 -6.08 20.66 -22.64
N GLU F 102 -4.85 20.81 -23.13
CA GLU F 102 -3.83 19.75 -23.27
C GLU F 102 -2.75 19.89 -22.19
N PHE F 103 -3.03 20.61 -21.10
CA PHE F 103 -2.03 20.85 -20.01
C PHE F 103 -2.34 19.86 -18.91
N PRO F 104 -1.48 18.83 -18.69
CA PRO F 104 -1.79 17.82 -17.67
C PRO F 104 -1.84 18.45 -16.26
N THR F 105 -2.95 18.25 -15.54
CA THR F 105 -3.15 18.79 -14.18
C THR F 105 -1.92 18.47 -13.32
N ALA F 106 -1.41 17.23 -13.37
CA ALA F 106 -0.24 16.82 -12.56
C ALA F 106 0.96 17.69 -12.93
N VAL F 107 1.14 18.05 -14.21
CA VAL F 107 2.31 18.85 -14.66
C VAL F 107 2.15 20.31 -14.19
N PHE F 108 0.94 20.87 -14.25
CA PHE F 108 0.60 22.18 -13.63
C PHE F 108 1.00 22.16 -12.14
N GLN F 109 0.49 21.19 -11.38
CA GLN F 109 0.78 20.97 -9.93
C GLN F 109 2.29 20.95 -9.70
N LYS F 110 3.05 20.32 -10.60
CA LYS F 110 4.50 20.06 -10.44
C LYS F 110 5.27 21.35 -10.64
N LEU F 111 4.89 22.14 -11.66
CA LEU F 111 5.52 23.46 -11.93
C LEU F 111 5.37 24.32 -10.68
N VAL F 112 4.14 24.37 -10.15
CA VAL F 112 3.80 25.13 -8.91
C VAL F 112 4.55 24.52 -7.71
N GLN F 113 4.62 23.19 -7.60
CA GLN F 113 5.30 22.52 -6.45
C GLN F 113 6.79 22.85 -6.48
N VAL F 114 7.47 22.79 -7.63
CA VAL F 114 8.94 23.06 -7.70
C VAL F 114 9.21 24.56 -7.48
N MET F 115 8.49 25.43 -8.20
CA MET F 115 8.87 26.86 -8.33
C MET F 115 8.16 27.74 -7.29
N LEU F 116 6.94 27.42 -6.86
CA LEU F 116 6.26 28.11 -5.73
C LEU F 116 6.56 27.40 -4.41
N THR F 117 6.19 26.13 -4.25
CA THR F 117 6.29 25.42 -2.94
C THR F 117 7.76 25.27 -2.52
N GLY F 118 8.66 24.96 -3.45
CA GLY F 118 10.08 24.77 -3.14
C GLY F 118 10.70 26.04 -2.57
N ALA F 119 10.32 27.21 -3.11
CA ALA F 119 10.77 28.52 -2.60
C ALA F 119 10.25 28.68 -1.16
N PHE F 120 8.98 28.35 -0.91
CA PHE F 120 8.37 28.40 0.44
C PHE F 120 9.17 27.54 1.43
N ILE F 121 9.54 26.33 1.00
CA ILE F 121 10.33 25.36 1.82
C ILE F 121 11.70 25.97 2.14
N GLY F 122 12.41 26.46 1.12
CA GLY F 122 13.71 27.14 1.32
C GLY F 122 13.59 28.31 2.29
N ILE F 123 12.57 29.15 2.13
CA ILE F 123 12.41 30.37 2.98
C ILE F 123 12.14 29.88 4.40
N LYS F 124 11.18 28.96 4.56
CA LYS F 124 10.70 28.46 5.89
C LYS F 124 11.89 27.97 6.71
N HIS F 125 12.96 27.47 6.07
CA HIS F 125 14.12 26.81 6.72
C HIS F 125 15.36 27.72 6.80
N VAL F 126 15.40 28.87 6.10
CA VAL F 126 16.53 29.85 6.25
C VAL F 126 16.11 30.99 7.19
N LEU F 127 14.81 31.31 7.28
CA LEU F 127 14.32 32.47 8.09
C LEU F 127 14.83 32.37 9.53
N PRO F 128 14.70 31.22 10.25
CA PRO F 128 15.26 31.08 11.60
C PRO F 128 16.74 31.43 11.74
N ILE F 129 17.57 30.99 10.79
CA ILE F 129 19.05 31.25 10.75
C ILE F 129 19.30 32.74 10.49
N MET F 130 18.56 33.33 9.54
CA MET F 130 18.68 34.76 9.13
C MET F 130 18.14 35.63 10.26
N LYS F 131 16.95 35.34 10.78
CA LYS F 131 16.35 36.13 11.89
C LYS F 131 17.26 36.06 13.13
N ALA F 132 17.96 34.96 13.36
CA ALA F 132 18.87 34.77 14.52
C ALA F 132 19.98 35.84 14.46
N GLN F 133 20.62 35.98 13.29
CA GLN F 133 21.78 36.89 13.04
C GLN F 133 21.31 38.27 12.53
N LYS F 134 19.99 38.54 12.48
CA LYS F 134 19.32 39.78 12.00
C LYS F 134 19.91 40.24 10.65
N TYR F 135 20.28 39.32 9.75
CA TYR F 135 20.78 39.64 8.39
C TYR F 135 20.34 38.55 7.40
N GLY F 136 19.73 38.96 6.27
CA GLY F 136 19.28 38.03 5.22
C GLY F 136 19.00 38.71 3.89
N ARG F 137 19.39 38.03 2.82
CA ARG F 137 19.00 38.31 1.41
C ARG F 137 18.38 37.04 0.82
N ILE F 138 17.09 37.09 0.48
CA ILE F 138 16.38 36.01 -0.27
C ILE F 138 15.96 36.56 -1.62
N ILE F 139 16.33 35.89 -2.70
CA ILE F 139 15.97 36.26 -4.10
C ILE F 139 15.25 35.08 -4.75
N ASN F 140 13.97 35.23 -5.03
CA ASN F 140 13.19 34.19 -5.78
C ASN F 140 13.34 34.50 -7.26
N MET F 141 13.99 33.62 -8.01
CA MET F 141 14.08 33.77 -9.48
C MET F 141 12.66 33.56 -10.03
N ALA F 142 11.95 34.67 -10.31
CA ALA F 142 10.64 34.61 -11.00
C ALA F 142 10.91 34.88 -12.47
N SER F 143 10.25 35.86 -13.06
CA SER F 143 10.25 36.09 -14.53
C SER F 143 9.17 37.13 -14.82
N ILE F 144 9.27 37.76 -15.98
CA ILE F 144 8.22 38.70 -16.47
C ILE F 144 6.90 37.94 -16.49
N ASN F 145 6.96 36.60 -16.60
CA ASN F 145 5.79 35.68 -16.57
C ASN F 145 5.20 35.62 -15.16
N GLY F 146 5.89 36.19 -14.17
CA GLY F 146 5.33 36.55 -12.84
C GLY F 146 4.43 37.78 -12.85
N LEU F 147 4.53 38.62 -13.90
CA LEU F 147 3.87 39.95 -14.00
C LEU F 147 2.90 40.02 -15.18
N ILE F 148 3.16 39.32 -16.29
CA ILE F 148 2.23 39.30 -17.46
C ILE F 148 1.87 37.85 -17.82
N GLY F 149 0.84 37.70 -18.65
CA GLY F 149 0.42 36.42 -19.26
C GLY F 149 1.20 36.11 -20.54
N PHE F 150 1.40 34.82 -20.82
CA PHE F 150 1.86 34.29 -22.13
C PHE F 150 1.05 33.01 -22.38
N ALA F 151 0.45 32.90 -23.56
CA ALA F 151 -0.37 31.74 -23.97
C ALA F 151 0.48 30.47 -23.83
N GLY F 152 -0.11 29.42 -23.25
CA GLY F 152 0.51 28.07 -23.18
C GLY F 152 1.33 27.82 -21.91
N LYS F 153 1.54 28.82 -21.05
CA LYS F 153 2.33 28.63 -19.79
C LYS F 153 1.45 28.77 -18.56
N ALA F 154 0.27 28.15 -18.55
CA ALA F 154 -0.67 28.21 -17.41
C ALA F 154 0.08 27.86 -16.12
N GLY F 155 0.84 26.77 -16.17
CA GLY F 155 1.58 26.26 -15.01
C GLY F 155 2.66 27.21 -14.56
N TYR F 156 3.54 27.58 -15.48
CA TYR F 156 4.75 28.40 -15.20
C TYR F 156 4.35 29.81 -14.74
N ASN F 157 3.37 30.40 -15.42
CA ASN F 157 2.92 31.79 -15.14
C ASN F 157 2.22 31.83 -13.78
N SER F 158 1.36 30.84 -13.50
CA SER F 158 0.70 30.66 -12.19
C SER F 158 1.76 30.52 -11.10
N ALA F 159 2.84 29.79 -11.36
CA ALA F 159 3.89 29.48 -10.35
C ALA F 159 4.66 30.76 -10.03
N LYS F 160 5.09 31.46 -11.08
CA LYS F 160 5.87 32.71 -11.02
C LYS F 160 5.03 33.84 -10.42
N HIS F 161 3.76 33.99 -10.81
CA HIS F 161 2.85 34.96 -10.14
C HIS F 161 2.79 34.66 -8.65
N GLY F 162 2.60 33.38 -8.28
CA GLY F 162 2.52 32.94 -6.88
C GLY F 162 3.76 33.25 -6.08
N VAL F 163 4.96 33.04 -6.65
CA VAL F 163 6.23 33.22 -5.89
C VAL F 163 6.47 34.72 -5.69
N ILE F 164 5.83 35.55 -6.52
CA ILE F 164 5.91 37.02 -6.32
C ILE F 164 5.05 37.34 -5.08
N GLY F 165 3.86 36.75 -4.98
CA GLY F 165 3.01 36.82 -3.77
C GLY F 165 3.75 36.33 -2.53
N LEU F 166 4.37 35.14 -2.60
CA LEU F 166 5.15 34.60 -1.46
C LEU F 166 6.21 35.64 -1.05
N THR F 167 6.82 36.28 -2.05
CA THR F 167 7.96 37.24 -1.86
C THR F 167 7.47 38.42 -1.00
N LYS F 168 6.31 38.98 -1.32
CA LYS F 168 5.72 40.15 -0.61
C LYS F 168 5.36 39.73 0.82
N VAL F 169 4.64 38.60 0.99
CA VAL F 169 4.29 38.05 2.35
C VAL F 169 5.57 37.91 3.17
N ALA F 170 6.61 37.30 2.61
CA ALA F 170 7.84 36.98 3.34
C ALA F 170 8.55 38.28 3.75
N ALA F 171 8.63 39.26 2.84
CA ALA F 171 9.28 40.56 3.11
C ALA F 171 8.62 41.18 4.34
N LEU F 172 7.29 41.22 4.37
CA LEU F 172 6.53 41.86 5.48
C LEU F 172 6.80 41.14 6.80
N GLU F 173 7.05 39.83 6.76
CA GLU F 173 7.24 39.01 7.99
C GLU F 173 8.64 39.21 8.58
N CYS F 174 9.62 39.62 7.80
CA CYS F 174 11.01 39.80 8.27
C CYS F 174 11.54 41.23 8.00
N ALA F 175 10.66 42.15 7.62
CA ALA F 175 11.02 43.56 7.31
C ALA F 175 11.87 44.17 8.43
N ARG F 176 11.54 43.86 9.69
CA ARG F 176 12.17 44.46 10.90
C ARG F 176 13.44 43.70 11.30
N ASP F 177 13.86 42.69 10.55
CA ASP F 177 14.85 41.67 11.02
C ASP F 177 16.15 41.72 10.20
N GLY F 178 16.34 42.75 9.36
CA GLY F 178 17.57 42.91 8.58
C GLY F 178 17.62 42.00 7.38
N ILE F 179 16.44 41.59 6.91
CA ILE F 179 16.23 40.55 5.87
C ILE F 179 15.42 41.14 4.73
N THR F 180 15.91 40.97 3.50
CA THR F 180 15.19 41.36 2.26
C THR F 180 14.78 40.11 1.50
N VAL F 181 13.59 40.16 0.90
CA VAL F 181 13.01 39.09 0.05
C VAL F 181 12.54 39.75 -1.24
N ASN F 182 13.20 39.46 -2.36
CA ASN F 182 12.86 40.03 -3.69
C ASN F 182 12.71 38.93 -4.75
N ALA F 183 11.77 39.13 -5.68
CA ALA F 183 11.60 38.35 -6.91
C ALA F 183 12.33 39.06 -8.07
N LEU F 184 13.51 38.57 -8.43
CA LEU F 184 14.22 38.99 -9.67
C LEU F 184 13.46 38.39 -10.87
N CYS F 185 12.96 39.24 -11.78
CA CYS F 185 12.13 38.82 -12.94
C CYS F 185 12.84 39.08 -14.26
N PRO F 186 13.75 38.20 -14.74
CA PRO F 186 14.38 38.36 -16.04
C PRO F 186 13.37 38.21 -17.20
N GLY F 187 13.70 38.82 -18.34
CA GLY F 187 13.04 38.53 -19.62
C GLY F 187 13.71 37.33 -20.25
N TYR F 188 13.53 37.10 -21.55
CA TYR F 188 14.21 36.02 -22.30
C TYR F 188 15.72 36.15 -22.08
N VAL F 189 16.37 35.11 -21.53
CA VAL F 189 17.84 35.08 -21.23
C VAL F 189 18.50 34.00 -22.09
N ASP F 190 19.73 34.27 -22.52
CA ASP F 190 20.48 33.35 -23.43
C ASP F 190 21.04 32.22 -22.58
N THR F 191 20.25 31.14 -22.48
CA THR F 191 20.51 29.91 -21.69
C THR F 191 20.35 28.71 -22.62
N PRO F 192 20.88 27.52 -22.24
CA PRO F 192 20.54 26.26 -22.91
C PRO F 192 19.04 26.12 -23.21
N LEU F 193 18.17 26.41 -22.22
CA LEU F 193 16.69 26.24 -22.31
C LEU F 193 16.16 27.04 -23.52
N VAL F 194 16.52 28.33 -23.62
CA VAL F 194 15.99 29.23 -24.70
C VAL F 194 16.57 28.82 -26.07
N ARG F 195 17.86 28.54 -26.18
CA ARG F 195 18.47 28.08 -27.46
C ARG F 195 17.74 26.81 -27.92
N GLY F 196 17.34 25.97 -26.95
CA GLY F 196 16.50 24.78 -27.18
C GLY F 196 15.15 25.21 -27.73
N GLN F 197 14.50 26.13 -27.01
CA GLN F 197 13.19 26.74 -27.37
C GLN F 197 13.27 27.34 -28.78
N ILE F 198 14.37 28.02 -29.12
CA ILE F 198 14.64 28.60 -30.47
C ILE F 198 14.71 27.47 -31.50
N ALA F 199 15.40 26.37 -31.15
CA ALA F 199 15.61 25.16 -32.00
C ALA F 199 14.27 24.57 -32.45
N ASP F 200 13.29 24.52 -31.53
CA ASP F 200 11.91 24.01 -31.76
C ASP F 200 11.04 25.11 -32.38
N LEU F 201 11.45 25.68 -33.52
CA LEU F 201 10.71 26.74 -34.27
C LEU F 201 11.22 26.77 -35.71
N LEU F 209 16.55 29.58 -37.80
CA LEU F 209 17.02 29.68 -36.40
C LEU F 209 17.16 31.16 -36.01
N ASP F 210 17.75 31.96 -36.88
CA ASP F 210 17.91 33.43 -36.70
C ASP F 210 16.54 34.09 -36.88
N SER F 211 15.73 33.64 -37.85
CA SER F 211 14.30 34.04 -38.01
C SER F 211 13.52 33.71 -36.73
N ALA F 212 13.76 32.53 -36.16
CA ALA F 212 13.05 32.02 -34.97
C ALA F 212 13.32 32.94 -33.79
N LEU F 213 14.57 33.36 -33.58
CA LEU F 213 14.97 34.26 -32.49
C LEU F 213 14.44 35.68 -32.77
N GLU F 214 14.92 36.30 -33.85
CA GLU F 214 14.69 37.74 -34.20
C GLU F 214 13.22 38.00 -34.55
N ASP F 215 12.53 37.02 -35.16
CA ASP F 215 11.18 37.19 -35.78
C ASP F 215 10.07 36.80 -34.80
N VAL F 216 10.31 35.83 -33.91
CA VAL F 216 9.23 35.28 -33.02
C VAL F 216 9.54 35.60 -31.54
N ILE F 217 10.67 35.14 -30.99
CA ILE F 217 11.01 35.32 -29.53
C ILE F 217 11.20 36.81 -29.24
N LEU F 218 12.17 37.45 -29.89
CA LEU F 218 12.61 38.84 -29.61
C LEU F 218 11.65 39.87 -30.23
N ALA F 219 10.58 39.48 -30.92
CA ALA F 219 9.70 40.41 -31.67
C ALA F 219 8.85 41.24 -30.70
N MET F 220 8.86 40.91 -29.40
CA MET F 220 8.19 41.70 -28.34
C MET F 220 9.22 42.23 -27.34
N VAL F 221 10.51 42.17 -27.67
CA VAL F 221 11.59 42.71 -26.81
C VAL F 221 12.10 44.00 -27.45
N PRO F 222 11.78 45.18 -26.86
CA PRO F 222 12.24 46.47 -27.41
C PRO F 222 13.74 46.49 -27.76
N GLN F 223 14.60 45.97 -26.88
CA GLN F 223 16.06 45.95 -27.17
C GLN F 223 16.43 44.90 -28.24
N LYS F 224 15.51 44.03 -28.69
CA LYS F 224 15.80 42.99 -29.73
C LYS F 224 17.09 42.22 -29.42
N ARG F 225 17.19 41.63 -28.23
CA ARG F 225 18.36 40.81 -27.82
C ARG F 225 17.99 39.94 -26.61
N LEU F 226 18.59 38.76 -26.53
CA LEU F 226 18.58 37.91 -25.32
C LEU F 226 19.47 38.57 -24.28
N LEU F 227 19.02 38.55 -23.04
CA LEU F 227 19.85 38.95 -21.87
C LEU F 227 20.93 37.88 -21.66
N SER F 228 22.09 38.29 -21.20
CA SER F 228 23.18 37.37 -20.80
C SER F 228 22.91 36.88 -19.37
N VAL F 229 23.32 35.65 -19.05
CA VAL F 229 23.33 35.14 -17.65
C VAL F 229 24.15 36.09 -16.77
N GLU F 230 25.27 36.64 -17.26
CA GLU F 230 26.12 37.58 -16.50
CA GLU F 230 26.12 37.57 -16.46
C GLU F 230 25.28 38.79 -16.03
N GLU F 231 24.40 39.29 -16.91
CA GLU F 231 23.55 40.47 -16.60
C GLU F 231 22.60 40.12 -15.45
N ILE F 232 22.02 38.91 -15.47
CA ILE F 232 21.06 38.47 -14.42
C ILE F 232 21.83 38.40 -13.10
N ALA F 233 23.07 37.92 -13.15
CA ALA F 233 23.95 37.66 -11.98
C ALA F 233 24.33 38.98 -11.32
N ASP F 234 24.71 39.97 -12.13
CA ASP F 234 25.08 41.35 -11.69
C ASP F 234 23.92 41.96 -10.91
N TYR F 235 22.69 41.84 -11.39
CA TYR F 235 21.52 42.37 -10.64
C TYR F 235 21.36 41.55 -9.35
N ALA F 236 21.62 40.23 -9.42
CA ALA F 236 21.48 39.33 -8.26
C ALA F 236 22.52 39.73 -7.22
N ILE F 237 23.76 39.96 -7.64
CA ILE F 237 24.83 40.41 -6.70
C ILE F 237 24.41 41.69 -5.96
N PHE F 238 23.79 42.64 -6.66
CA PHE F 238 23.41 43.93 -6.04
C PHE F 238 22.33 43.63 -5.00
N LEU F 239 21.28 42.92 -5.41
CA LEU F 239 20.10 42.66 -4.53
C LEU F 239 20.55 41.87 -3.30
N ALA F 240 21.54 41.01 -3.49
CA ALA F 240 22.06 40.05 -2.48
C ALA F 240 23.08 40.73 -1.58
N SER F 241 23.48 41.97 -1.90
CA SER F 241 24.62 42.66 -1.25
C SER F 241 24.10 43.49 -0.09
N SER F 242 25.03 43.92 0.76
CA SER F 242 24.80 44.83 1.91
C SER F 242 24.29 46.19 1.43
N LYS F 243 24.48 46.53 0.16
CA LYS F 243 24.06 47.85 -0.40
C LYS F 243 22.55 47.93 -0.60
N ALA F 244 21.86 46.77 -0.72
CA ALA F 244 20.45 46.73 -1.16
C ALA F 244 19.47 46.52 0.00
N GLY F 245 19.89 46.77 1.25
CA GLY F 245 19.06 46.51 2.44
C GLY F 245 17.68 47.15 2.41
N GLY F 246 17.50 48.24 1.63
CA GLY F 246 16.25 49.01 1.54
C GLY F 246 15.34 48.52 0.41
N VAL F 247 15.79 47.53 -0.35
CA VAL F 247 14.99 46.86 -1.43
C VAL F 247 14.38 45.59 -0.85
N THR F 248 13.06 45.54 -0.69
CA THR F 248 12.37 44.34 -0.18
C THR F 248 10.95 44.29 -0.72
N GLY F 249 10.48 43.07 -0.99
CA GLY F 249 9.09 42.80 -1.37
C GLY F 249 8.81 43.26 -2.78
N GLN F 250 9.86 43.34 -3.62
CA GLN F 250 9.76 43.86 -5.02
C GLN F 250 9.91 42.74 -6.05
N ALA F 251 9.10 42.82 -7.11
CA ALA F 251 9.33 42.18 -8.43
C ALA F 251 10.32 43.07 -9.18
N VAL F 252 11.60 42.72 -9.14
CA VAL F 252 12.70 43.51 -9.78
C VAL F 252 12.85 43.06 -11.24
N VAL F 253 12.54 43.93 -12.20
CA VAL F 253 12.41 43.55 -13.64
C VAL F 253 13.65 43.93 -14.43
N MET F 254 14.24 42.94 -15.13
CA MET F 254 15.35 43.08 -16.10
C MET F 254 14.94 42.38 -17.39
N ASP F 255 14.36 43.10 -18.37
CA ASP F 255 13.61 42.47 -19.49
C ASP F 255 13.78 43.17 -20.84
N GLY F 256 14.83 43.98 -21.05
CA GLY F 256 15.03 44.83 -22.24
C GLY F 256 13.75 45.54 -22.69
N GLY F 257 12.89 45.95 -21.74
CA GLY F 257 11.74 46.84 -21.97
C GLY F 257 10.44 46.10 -22.20
N TYR F 258 10.45 44.77 -22.07
CA TYR F 258 9.31 43.91 -22.40
C TYR F 258 8.06 44.46 -21.73
N THR F 259 8.14 44.74 -20.43
CA THR F 259 6.95 45.06 -19.60
C THR F 259 6.58 46.55 -19.70
N ALA F 260 7.43 47.36 -20.34
CA ALA F 260 7.24 48.81 -20.59
C ALA F 260 6.20 49.03 -21.69
N GLN F 261 5.80 48.01 -22.44
CA GLN F 261 4.80 48.16 -23.52
C GLN F 261 3.61 47.21 -23.33
PA NAD G . -0.48 -29.89 28.06
PA NAD G . -0.52 -30.25 25.41
O1A NAD G . 0.61 -30.91 28.05
O1A NAD G . 0.85 -30.69 25.75
O2A NAD G . -0.66 -29.11 29.31
O2A NAD G . -0.85 -30.01 23.97
O5B NAD G . -1.89 -30.58 27.70
O5B NAD G . -1.57 -31.30 26.01
C5B NAD G . -2.02 -31.49 26.58
C5B NAD G . -2.98 -30.98 26.01
C4B NAD G . -3.05 -32.52 26.94
C4B NAD G . -3.71 -32.12 26.70
O4B NAD G . -3.36 -33.34 25.78
O4B NAD G . -3.99 -33.14 25.72
C3B NAD G . -2.66 -33.51 28.06
C3B NAD G . -2.96 -32.82 27.84
O3B NAD G . -3.59 -33.40 29.14
O3B NAD G . -3.77 -32.83 29.02
C2B NAD G . -2.68 -34.88 27.37
C2B NAD G . -2.67 -34.21 27.26
O2B NAD G . -3.10 -35.94 28.20
O2B NAD G . -2.61 -35.27 28.21
C1B NAD G . -3.68 -34.62 26.25
C1B NAD G . -3.87 -34.39 26.34
N9A NAD G . -3.58 -35.56 25.13
N9A NAD G . -3.68 -35.38 25.28
C8A NAD G . -2.46 -35.87 24.42
C8A NAD G . -2.52 -35.67 24.63
N7A NAD G . -2.67 -36.72 23.45
N7A NAD G . -2.66 -36.57 23.69
C5A NAD G . -4.03 -36.99 23.53
C5A NAD G . -4.02 -36.88 23.72
C6A NAD G . -4.87 -37.82 22.77
C6A NAD G . -4.80 -37.76 22.95
N6A NAD G . -4.44 -38.56 21.75
N6A NAD G . -4.30 -38.52 21.98
N1A NAD G . -6.18 -37.86 23.11
N1A NAD G . -6.13 -37.82 23.22
C2A NAD G . -6.61 -37.12 24.14
C2A NAD G . -6.60 -37.06 24.21
N3A NAD G . -5.90 -36.30 24.92
N3A NAD G . -5.97 -36.20 24.99
C4A NAD G . -4.61 -36.28 24.56
C4A NAD G . -4.66 -36.15 24.70
O3 NAD G . -0.33 -28.91 26.78
O3 NAD G . -0.91 -28.98 26.31
PN NAD G . -1.04 -27.53 26.30
PN NAD G . -0.97 -27.38 26.07
O1N NAD G . -0.02 -26.45 26.37
O1N NAD G . 0.43 -26.89 26.22
O2N NAD G . -2.31 -27.35 27.08
O2N NAD G . -2.05 -26.80 26.92
O5D NAD G . -1.42 -27.81 24.75
O5D NAD G . -1.42 -27.37 24.52
C5D NAD G . -2.75 -27.41 24.31
C5D NAD G . -2.83 -27.16 24.19
C4D NAD G . -2.87 -27.42 22.80
C4D NAD G . -3.01 -27.09 22.69
O4D NAD G . -2.62 -26.09 22.28
O4D NAD G . -2.59 -25.79 22.21
C3D NAD G . -1.93 -28.36 22.03
C3D NAD G . -2.21 -28.10 21.87
O3D NAD G . -2.54 -28.90 20.87
O3D NAD G . -2.83 -28.43 20.63
C2D NAD G . -0.77 -27.43 21.63
C2D NAD G . -0.91 -27.34 21.59
O2D NAD G . -0.12 -27.87 20.45
O2D NAD G . -0.21 -27.85 20.47
C1D NAD G . -1.49 -26.11 21.39
C1D NAD G . -1.45 -25.94 21.33
N1N NAD G . -0.61 -24.95 21.68
N1N NAD G . -0.43 -24.90 21.61
C2N NAD G . 0.14 -24.90 22.85
C2N NAD G . 0.25 -24.88 22.82
C3N NAD G . 1.14 -23.94 22.99
C3N NAD G . 1.20 -23.89 23.05
C7N NAD G . 1.78 -23.68 24.32
C7N NAD G . 1.84 -23.71 24.40
O7N NAD G . 2.77 -22.95 24.37
O7N NAD G . 2.45 -22.67 24.63
N7N NAD G . 1.23 -24.26 25.38
N7N NAD G . 1.70 -24.67 25.30
C4N NAD G . 1.51 -23.20 21.86
C4N NAD G . 1.55 -23.02 22.02
C5N NAD G . 0.65 -23.14 20.79
C5N NAD G . 0.79 -22.99 20.88
C6N NAD G . -0.47 -23.93 20.79
C6N NAD G . -0.14 -23.97 20.66
OAB QT8 H . 6.53 -26.49 22.08
CAH QT8 H . 5.34 -26.64 21.65
OAC QT8 H . 4.40 -27.36 22.14
CAF QT8 H . 5.01 -25.82 20.44
CAE QT8 H . 4.70 -24.49 21.12
OAA QT8 H . 4.46 -24.39 22.31
CAD QT8 H . 4.63 -23.30 20.19
CAG QT8 H . 3.49 -23.57 19.26
PA NAD I . -0.91 -39.06 -11.41
PA NAD I . -1.15 -38.18 -9.00
O1A NAD I . -1.96 -39.93 -10.81
O1A NAD I . -1.06 -37.40 -7.74
O2A NAD I . -0.71 -39.12 -12.88
O2A NAD I . -2.51 -38.59 -9.49
O5B NAD I . 0.50 -39.37 -10.69
O5B NAD I . -0.21 -39.47 -8.90
C5B NAD I . 0.46 -39.95 -9.36
C5B NAD I . 1.22 -39.28 -9.05
C4B NAD I . 1.42 -41.11 -9.30
C4B NAD I . 1.88 -40.63 -9.24
O4B NAD I . 1.76 -41.40 -7.92
O4B NAD I . 2.17 -41.19 -7.94
C3B NAD I . 0.90 -42.42 -9.90
C3B NAD I . 1.07 -41.70 -10.00
O3B NAD I . 1.85 -42.94 -10.83
O3B NAD I . 1.82 -42.20 -11.10
C2B NAD I . 0.72 -43.34 -8.69
C2B NAD I . 0.78 -42.77 -8.94
O2B NAD I . 1.01 -44.70 -8.92
O2B NAD I . 0.89 -44.10 -9.39
C1B NAD I . 1.80 -42.80 -7.77
C1B NAD I . 1.94 -42.57 -7.97
N9A NAD I . 1.61 -43.16 -6.37
N9A NAD I . 1.68 -43.04 -6.61
C8A NAD I . 0.45 -43.12 -5.64
C8A NAD I . 0.51 -43.00 -5.90
N7A NAD I . 0.61 -43.52 -4.39
N7A NAD I . 0.64 -43.47 -4.67
C5A NAD I . 1.96 -43.85 -4.32
C5A NAD I . 1.98 -43.82 -4.58
C6A NAD I . 2.75 -44.34 -3.27
C6A NAD I . 2.75 -44.36 -3.53
N6A NAD I . 2.29 -44.61 -2.06
N6A NAD I . 2.25 -44.66 -2.33
N1A NAD I . 4.07 -44.55 -3.53
N1A NAD I . 4.06 -44.57 -3.77
C2A NAD I . 4.52 -44.29 -4.76
C2A NAD I . 4.55 -44.26 -4.99
N3A NAD I . 3.88 -43.84 -5.83
N3A NAD I . 3.92 -43.76 -6.04
C4A NAD I . 2.58 -43.64 -5.54
C4A NAD I . 2.63 -43.56 -5.76
O3 NAD I . -1.18 -37.56 -10.92
O3 NAD I . -0.41 -37.37 -10.17
PN NAD I . -0.57 -36.11 -11.29
PN NAD I . -0.54 -35.91 -10.83
O1N NAD I . -1.68 -35.34 -11.92
O1N NAD I . -2.00 -35.67 -11.05
O2N NAD I . 0.71 -36.28 -12.05
O2N NAD I . 0.40 -35.83 -12.00
O5D NAD I . -0.22 -35.51 -9.84
O5D NAD I . 0.01 -34.99 -9.65
C5D NAD I . 1.18 -35.38 -9.46
C5D NAD I . 1.40 -35.13 -9.22
C4D NAD I . 1.32 -34.60 -8.18
C4D NAD I . 1.62 -34.37 -7.94
O4D NAD I . 0.91 -33.24 -8.42
O4D NAD I . 1.38 -32.97 -8.17
C3D NAD I . 0.50 -35.09 -6.98
C3D NAD I . 0.73 -34.75 -6.75
O3D NAD I . 1.24 -35.01 -5.76
O3D NAD I . 1.33 -34.45 -5.50
C2D NAD I . -0.69 -34.13 -6.95
C2D NAD I . -0.47 -33.83 -6.97
O2D NAD I . -1.24 -33.95 -5.65
O2D NAD I . -1.24 -33.62 -5.80
C1D NAD I . -0.03 -32.84 -7.42
C1D NAD I . 0.24 -32.55 -7.38
N1N NAD I . -1.03 -31.90 -8.01
N1N NAD I . -0.65 -31.66 -8.18
C2N NAD I . -1.78 -32.25 -9.12
C2N NAD I . -1.29 -32.13 -9.30
C3N NAD I . -2.56 -31.28 -9.74
C3N NAD I . -2.22 -31.34 -9.95
C7N NAD I . -3.33 -31.61 -10.98
C7N NAD I . -2.78 -31.82 -11.26
O7N NAD I . -3.82 -30.70 -11.64
O7N NAD I . -3.85 -31.36 -11.66
N7N NAD I . -3.47 -32.89 -11.31
N7N NAD I . -2.09 -32.71 -11.93
C4N NAD I . -2.65 -30.01 -9.19
C4N NAD I . -2.61 -30.13 -9.37
C5N NAD I . -2.11 -29.78 -7.94
C5N NAD I . -1.99 -29.70 -8.23
C6N NAD I . -1.23 -30.70 -7.42
C6N NAD I . -0.89 -30.40 -7.76
OAB QT8 J . -8.65 -32.03 -7.93
CAH QT8 J . -7.64 -32.54 -7.40
OAC QT8 J . -7.23 -33.70 -7.56
CAF QT8 J . -6.86 -31.63 -6.48
CAE QT8 J . -5.87 -30.88 -7.40
OAA QT8 J . -5.35 -31.42 -8.38
CAD QT8 J . -5.49 -29.46 -6.98
CAG QT8 J . -6.37 -28.44 -7.70
PA NAD K . 19.14 1.21 -5.79
PA NAD K . 16.95 1.29 -5.21
O1A NAD K . 20.52 0.64 -5.76
O1A NAD K . 15.79 0.67 -4.52
O2A NAD K . 18.83 2.36 -4.91
O2A NAD K . 17.82 2.18 -4.39
O5B NAD K . 18.71 1.56 -7.30
O5B NAD K . 16.44 2.09 -6.51
C5B NAD K . 17.36 2.05 -7.52
C5B NAD K . 16.93 1.71 -7.82
C4B NAD K . 17.34 3.04 -8.66
C4B NAD K . 16.96 2.92 -8.72
O4B NAD K . 16.05 3.70 -8.72
O4B NAD K . 15.73 3.68 -8.60
C3B NAD K . 18.39 4.16 -8.62
C3B NAD K . 18.09 3.94 -8.50
O3B NAD K . 19.19 4.15 -9.79
O3B NAD K . 19.05 3.88 -9.55
C2B NAD K . 17.55 5.46 -8.50
C2B NAD K . 17.37 5.31 -8.45
O2B NAD K . 18.14 6.54 -9.18
O2B NAD K . 18.06 6.29 -9.19
C1B NAD K . 16.25 5.02 -9.16
C1B NAD K . 16.03 4.97 -9.08
N9A NAD K . 15.08 5.83 -8.80
N9A NAD K . 14.93 5.87 -8.75
C8A NAD K . 14.70 6.23 -7.55
C8A NAD K . 14.56 6.33 -7.51
N7A NAD K . 13.58 6.92 -7.54
N7A NAD K . 13.51 7.11 -7.54
C5A NAD K . 13.19 6.96 -8.87
C5A NAD K . 13.15 7.17 -8.88
C6A NAD K . 12.08 7.56 -9.51
C6A NAD K . 12.11 7.83 -9.56
N6A NAD K . 11.12 8.22 -8.88
N6A NAD K . 11.20 8.60 -8.96
N1A NAD K . 12.00 7.39 -10.85
N1A NAD K . 12.03 7.65 -10.90
C2A NAD K . 12.96 6.72 -11.49
C2A NAD K . 12.95 6.88 -11.50
N3A NAD K . 14.05 6.13 -10.99
N3A NAD K . 13.96 6.21 -10.96
C4A NAD K . 14.10 6.29 -9.65
C4A NAD K . 14.02 6.40 -9.63
O3 NAD K . 18.09 0.04 -5.47
O3 NAD K . 17.86 0.16 -5.90
PN NAD K . 18.13 -1.57 -5.47
PN NAD K . 18.12 -1.40 -5.60
O1N NAD K . 18.76 -2.02 -4.19
O1N NAD K . 18.83 -1.52 -4.28
O2N NAD K . 18.74 -2.04 -6.75
O2N NAD K . 18.77 -2.02 -6.81
O5D NAD K . 16.57 -1.92 -5.44
O5D NAD K . 16.61 -1.93 -5.45
C5D NAD K . 15.81 -2.18 -6.65
C5D NAD K . 15.81 -2.16 -6.64
C4D NAD K . 14.37 -2.43 -6.28
C4D NAD K . 14.43 -2.63 -6.25
O4D NAD K . 14.27 -3.69 -5.58
O4D NAD K . 14.54 -3.84 -5.46
C3D NAD K . 13.70 -1.38 -5.37
C3D NAD K . 13.59 -1.65 -5.41
O3D NAD K . 12.32 -1.25 -5.65
O3D NAD K . 12.21 -1.72 -5.75
C2D NAD K . 13.93 -1.96 -3.97
C2D NAD K . 13.83 -2.15 -3.98
O2D NAD K . 12.98 -1.52 -3.02
O2D NAD K . 12.77 -1.81 -3.08
C1D NAD K . 13.74 -3.46 -4.25
C1D NAD K . 13.89 -3.64 -4.19
N1N NAD K . 14.42 -4.33 -3.25
N1N NAD K . 14.66 -4.36 -3.12
C2N NAD K . 15.78 -4.23 -3.02
C2N NAD K . 16.00 -4.17 -3.00
C3N NAD K . 16.36 -5.00 -2.01
C3N NAD K . 16.72 -4.87 -2.05
C7N NAD K . 17.82 -4.91 -1.67
C7N NAD K . 18.21 -4.70 -1.98
O7N NAD K . 18.29 -5.70 -0.86
O7N NAD K . 18.87 -5.40 -1.22
N7N NAD K . 18.54 -3.96 -2.26
N7N NAD K . 18.76 -3.78 -2.76
C4N NAD K . 15.57 -5.87 -1.26
C4N NAD K . 16.05 -5.73 -1.17
C5N NAD K . 14.22 -5.94 -1.50
C5N NAD K . 14.69 -5.90 -1.31
C6N NAD K . 13.70 -5.24 -2.57
C6N NAD K . 14.01 -5.19 -2.27
OAB QT8 L . 16.25 -0.89 1.94
CAH QT8 L . 16.47 -1.95 2.58
OAC QT8 L . 17.60 -2.44 2.85
CAF QT8 L . 15.26 -2.78 2.98
CAE QT8 L . 14.98 -3.53 1.69
OAA QT8 L . 15.49 -3.20 0.62
CAD QT8 L . 14.01 -4.71 1.78
CAG QT8 L . 14.75 -5.97 2.24
OAB QT8 M . 11.74 11.47 -6.82
CAH QT8 M . 12.66 10.63 -6.66
OAC QT8 M . 13.50 10.33 -7.52
CAF QT8 M . 12.72 9.91 -5.32
CAE QT8 M . 14.21 9.54 -4.95
OAA QT8 M . 15.02 9.06 -5.75
CAD QT8 M . 14.67 9.82 -3.50
CAG QT8 M . 15.74 10.92 -3.48
PA NAD N . -16.72 4.30 3.65
PA NAD N . -18.75 4.50 4.19
O1A NAD N . -15.51 3.51 3.31
O1A NAD N . -20.22 4.75 4.29
O2A NAD N . -17.60 4.71 2.51
O2A NAD N . -18.20 4.02 2.89
O5B NAD N . -16.29 5.61 4.48
O5B NAD N . -17.99 5.84 4.62
C5B NAD N . -16.96 5.83 5.76
C5B NAD N . -16.94 5.88 5.63
C4B NAD N . -16.83 7.27 6.20
C4B NAD N . -16.89 7.27 6.23
O4B NAD N . -15.54 7.82 5.84
O4B NAD N . -15.61 7.88 5.97
C3B NAD N . -17.86 8.26 5.64
C3B NAD N . -17.96 8.26 5.72
O3B NAD N . -18.68 8.79 6.69
O3B NAD N . -18.73 8.78 6.79
C2B NAD N . -17.03 9.37 5.00
C2B NAD N . -17.13 9.36 5.05
O2B NAD N . -17.57 10.66 5.22
O2B NAD N . -17.70 10.65 5.21
C1B NAD N . -15.70 9.21 5.72
C1B NAD N . -15.81 9.26 5.78
N9A NAD N . -14.56 9.78 5.02
N9A NAD N . -14.66 9.80 5.06
C8A NAD N . -14.23 9.62 3.70
C8A NAD N . -14.36 9.63 3.72
N7A NAD N . -13.12 10.24 3.36
N7A NAD N . -13.25 10.22 3.37
C5A NAD N . -12.71 10.86 4.53
C5A NAD N . -12.80 10.84 4.53
C6A NAD N . -11.60 11.67 4.84
C6A NAD N . -11.68 11.64 4.81
N6A NAD N . -10.68 12.04 3.96
N6A NAD N . -10.75 11.97 3.91
N1A NAD N . -11.48 12.11 6.12
N1A NAD N . -11.53 12.08 6.08
C2A NAD N . -12.41 11.75 7.02
C2A NAD N . -12.44 11.75 6.99
N3A NAD N . -13.49 11.00 6.84
N3A NAD N . -13.54 11.02 6.84
C4A NAD N . -13.58 10.57 5.56
C4A NAD N . -13.66 10.59 5.58
O3 NAD N . -17.60 3.56 4.78
O3 NAD N . -18.33 3.48 5.36
PN NAD N . -17.94 2.04 5.25
PN NAD N . -18.39 1.88 5.56
O1N NAD N . -18.60 1.32 4.12
O1N NAD N . -19.05 1.24 4.39
O2N NAD N . -18.65 2.09 6.56
O2N NAD N . -18.96 1.60 6.92
O5D NAD N . -16.46 1.48 5.46
O5D NAD N . -16.82 1.53 5.57
C5D NAD N . -15.80 1.70 6.74
C5D NAD N . -16.00 1.87 6.71
C4D NAD N . -14.38 1.21 6.61
C4D NAD N . -14.58 1.40 6.47
O4D NAD N . -14.40 -0.24 6.49
O4D NAD N . -14.59 -0.04 6.36
C3D NAD N . -13.63 1.72 5.37
C3D NAD N . -13.92 1.93 5.19
O3D NAD N . -12.22 1.82 5.56
O3D NAD N . -12.53 2.15 5.34
C2D NAD N . -13.90 0.63 4.33
C2D NAD N . -14.17 0.77 4.20
O2D NAD N . -12.88 0.59 3.35
O2D NAD N . -13.19 0.73 3.17
C1D NAD N . -13.84 -0.61 5.22
C1D NAD N . -14.00 -0.43 5.11
N1N NAD N . -14.61 -1.75 4.65
N1N NAD N . -14.70 -1.64 4.59
C2N NAD N . -15.98 -1.68 4.47
C2N NAD N . -16.06 -1.65 4.40
C3N NAD N . -16.67 -2.81 4.01
C3N NAD N . -16.66 -2.80 3.88
C7N NAD N . -18.12 -2.80 3.67
C7N NAD N . -18.10 -2.80 3.42
O7N NAD N . -18.61 -3.81 3.16
O7N NAD N . -18.53 -3.80 2.86
N7N NAD N . -18.82 -1.70 3.92
N7N NAD N . -18.83 -1.71 3.65
C4N NAD N . -15.96 -4.00 3.83
C4N NAD N . -15.91 -3.97 3.77
C5N NAD N . -14.61 -4.04 4.08
C5N NAD N . -14.57 -3.94 4.04
C6N NAD N . -13.95 -2.88 4.33
C6N NAD N . -13.97 -2.74 4.31
OAB QT8 O . -16.04 -0.92 -1.23
CAH QT8 O . -15.94 -2.04 -1.80
OAC QT8 O . -16.57 -2.42 -2.79
CAF QT8 O . -14.94 -3.04 -1.26
CAE QT8 O . -15.56 -3.38 0.09
OAA QT8 O . -15.99 -2.53 0.87
CAD QT8 O . -15.53 -4.86 0.46
CAG QT8 O . -14.16 -5.02 1.03
PA NAD P . -16.63 31.45 3.03
PA NAD P . -14.44 30.91 1.89
O1A NAD P . -15.70 30.84 4.04
O1A NAD P . -14.43 30.57 3.35
O2A NAD P . -17.89 32.09 3.53
O2A NAD P . -13.19 31.44 1.28
O5B NAD P . -16.99 30.36 1.90
O5B NAD P . -14.91 29.61 1.07
C5B NAD P . -16.00 29.51 1.26
C5B NAD P . -16.13 29.68 0.26
C4B NAD P . -16.68 28.29 0.69
C4B NAD P . -16.77 28.31 0.17
O4B NAD P . -15.75 27.47 -0.05
O4B NAD P . -15.85 27.37 -0.44
C3B NAD P . -17.33 27.36 1.72
C3B NAD P . -17.22 27.65 1.48
O3B NAD P . -18.70 27.13 1.39
O3B NAD P . -18.63 27.43 1.45
C2B NAD P . -16.48 26.09 1.65
C2B NAD P . -16.45 26.32 1.54
O2B NAD P . -17.19 24.90 1.95
O2B NAD P . -17.19 25.22 2.03
C1B NAD P . -16.07 26.12 0.18
C1B NAD P . -16.12 26.09 0.07
N9A NAD P . -14.91 25.32 -0.13
N9A NAD P . -14.95 25.27 -0.16
C8A NAD P . -13.69 25.34 0.53
C8A NAD P . -13.77 25.29 0.53
N7A NAD P . -12.81 24.52 0.01
N7A NAD P . -12.88 24.46 0.05
C5A NAD P . -13.48 23.92 -1.05
C5A NAD P . -13.50 23.86 -1.03
C6A NAD P . -13.08 22.95 -1.99
C6A NAD P . -13.08 22.88 -1.95
N6A NAD P . -11.87 22.39 -2.03
N6A NAD P . -11.87 22.32 -1.94
N1A NAD P . -13.98 22.58 -2.93
N1A NAD P . -13.95 22.52 -2.92
C2A NAD P . -15.21 23.12 -2.89
C2A NAD P . -15.17 23.08 -2.94
N3A NAD P . -15.70 24.04 -2.05
N3A NAD P . -15.68 24.00 -2.12
C4A NAD P . -14.77 24.40 -1.15
C4A NAD P . -14.78 24.35 -1.18
O3 NAD P . -15.80 32.52 2.15
O3 NAD P . -15.65 31.94 1.62
PN NAD P . -16.12 33.87 1.33
PN NAD P . -15.78 33.50 1.27
O1N NAD P . -15.93 35.03 2.26
O1N NAD P . -15.32 34.27 2.45
O2N NAD P . -17.44 33.75 0.64
O2N NAD P . -17.15 33.79 0.73
O5D NAD P . -14.92 33.86 0.24
O5D NAD P . -14.69 33.64 0.10
C5D NAD P . -15.21 33.41 -1.11
C5D NAD P . -15.13 33.54 -1.29
C4D NAD P . -14.01 33.66 -2.00
C4D NAD P . -13.93 33.69 -2.19
O4D NAD P . -13.68 35.07 -1.99
O4D NAD P . -13.57 35.09 -2.28
C3D NAD P . -12.73 32.91 -1.61
C3D NAD P . -12.67 32.96 -1.72
O3D NAD P . -12.07 32.41 -2.78
O3D NAD P . -11.88 32.56 -2.84
C2D NAD P . -11.91 33.99 -0.90
C2D NAD P . -11.98 34.05 -0.89
O2D NAD P . -10.51 33.78 -0.96
O2D NAD P . -10.58 33.84 -0.70
C1D NAD P . -12.30 35.25 -1.67
C1D NAD P . -12.25 35.29 -1.75
N1N NAD P . -12.14 36.49 -0.85
N1N NAD P . -12.20 36.57 -0.99
C2N NAD P . -12.84 36.65 0.33
C2N NAD P . -12.97 36.76 0.15
C3N NAD P . -12.43 37.65 1.21
C3N NAD P . -12.69 37.85 0.98
C7N NAD P . -13.35 38.15 2.30
C7N NAD P . -13.61 38.26 2.11
O7N NAD P . -13.12 39.25 2.80
O7N NAD P . -13.44 39.37 2.61
N7N NAD P . -14.37 37.39 2.65
N7N NAD P . -14.54 37.41 2.50
C4N NAD P . -11.17 38.21 1.01
C4N NAD P . -11.56 38.60 0.72
C5N NAD P . -10.69 38.28 -0.26
C5N NAD P . -11.02 38.59 -0.54
C6N NAD P . -11.26 37.45 -1.21
C6N NAD P . -11.37 37.57 -1.40
PA NAD Q . 17.03 25.59 -16.24
O1A NAD Q . 15.88 25.24 -17.12
O2A NAD Q . 18.42 25.30 -16.72
O5B NAD Q . 16.77 24.92 -14.79
C5B NAD Q . 17.50 25.34 -13.61
C4B NAD Q . 18.00 24.13 -12.84
O4B NAD Q . 16.98 23.66 -11.93
C3B NAD Q . 18.43 22.90 -13.65
O3B NAD Q . 19.81 22.66 -13.44
C2B NAD Q . 17.58 21.75 -13.09
O2B NAD Q . 18.35 20.56 -13.02
C1B NAD Q . 17.21 22.29 -11.72
N9A NAD Q . 16.01 21.72 -11.11
C8A NAD Q . 14.80 21.53 -11.74
N7A NAD Q . 13.88 21.07 -10.93
C5A NAD Q . 14.52 20.96 -9.70
C6A NAD Q . 14.06 20.54 -8.44
N6A NAD Q . 12.81 20.14 -8.22
N1A NAD Q . 14.94 20.59 -7.40
C2A NAD Q . 16.20 20.99 -7.65
N3A NAD Q . 16.73 21.41 -8.79
C4A NAD Q . 15.82 21.37 -9.79
O3 NAD Q . 16.90 27.14 -15.82
PN NAD Q . 17.49 28.57 -16.25
O1N NAD Q . 17.27 28.80 -17.71
O2N NAD Q . 18.89 28.73 -15.73
O5D NAD Q . 16.46 29.47 -15.39
C5D NAD Q . 16.66 29.54 -13.95
C4D NAD Q . 15.50 30.22 -13.28
O4D NAD Q . 15.27 31.50 -13.92
C3D NAD Q . 14.17 29.47 -13.32
O3D NAD Q . 13.43 29.67 -12.11
C2D NAD Q . 13.48 30.10 -14.53
O2D NAD Q . 12.05 30.03 -14.50
C1D NAD Q . 13.94 31.56 -14.39
N1N NAD Q . 13.90 32.32 -15.68
C2N NAD Q . 14.53 31.84 -16.81
C3N NAD Q . 14.49 32.59 -17.98
C7N NAD Q . 15.41 32.25 -19.11
O7N NAD Q . 15.22 32.73 -20.22
N7N NAD Q . 16.42 31.42 -18.85
C4N NAD Q . 13.57 33.63 -18.08
C5N NAD Q . 12.93 34.09 -16.95
C6N NAD Q . 13.25 33.52 -15.74
OAB QT8 R . 10.72 29.35 -21.53
CAH QT8 R . 10.61 29.84 -20.38
OAC QT8 R . 11.05 29.34 -19.29
CAF QT8 R . 9.93 31.19 -20.33
CAE QT8 R . 10.93 32.07 -19.59
OAA QT8 R . 12.14 31.84 -19.64
CAD QT8 R . 10.35 33.28 -18.87
CAG QT8 R . 10.72 34.56 -19.62
#